data_8I37
#
_entry.id   8I37
#
_cell.length_a   153.871
_cell.length_b   153.871
_cell.length_c   250.535
_cell.angle_alpha   90.000
_cell.angle_beta   90.000
_cell.angle_gamma   120.000
#
_symmetry.space_group_name_H-M   'P 31 2 1'
#
loop_
_entity.id
_entity.type
_entity.pdbx_description
1 polymer 'Glucose-6-phosphate 1-dehydrogenase'
2 water water
#
_entity_poly.entity_id   1
_entity_poly.type   'polypeptide(L)'
_entity_poly.pdbx_seq_one_letter_code
;SEFMLDFDLVLFGATGDLAMRKLFVSLYEIYTHYGFKKDSKIIASGRKELSNEEFLALLCEKTQLHSREKGEEFLAHISY
FCVRLDNPKDFEELSKIATKNKPLIFYFSISPSFFTTTAQNLAQNALNHANTRLILEKPLGHDLKTCKEIFQSISAFFKE
EQIFRIDHYLGKKGVQNILELRLNNPILNILWDQISAVEICVYETLGVEERGEFYDKIGALRDMVQNHLLQVLSLIATDL
PDDLKDLRKEKIKVLKTLQPPKNFKKQVIRAQYQGYRDENKVNKESQTETFVAIKAFLDTPKFKGVPFYLKHAKKMPHNQ
ASVKIHFNAVNTLEFFLSQDKITLTLKDHQNPLILETYNKQEFLQPYAKLLYDAIQNNHNNFAHQLELEASWVFIDTLIE
GFINNATPLYSYESHNLNESEFLKPLYQ
;
_entity_poly.pdbx_strand_id   A,B,C,D
#
# COMPACT_ATOMS: atom_id res chain seq x y z
N SER A 1 55.16 19.56 -10.17
CA SER A 1 54.58 19.81 -11.46
C SER A 1 53.55 18.76 -11.66
N GLU A 2 53.36 18.34 -12.89
CA GLU A 2 52.39 17.34 -13.16
C GLU A 2 52.81 16.04 -12.58
N PHE A 3 54.10 15.84 -12.46
CA PHE A 3 54.53 14.53 -12.05
C PHE A 3 55.15 14.29 -10.73
N MET A 4 56.41 14.48 -10.55
CA MET A 4 56.96 14.08 -9.28
C MET A 4 56.43 15.05 -8.29
N LEU A 5 55.59 14.57 -7.40
CA LEU A 5 54.90 15.46 -6.50
C LEU A 5 55.60 15.77 -5.22
N ASP A 6 55.79 17.06 -4.94
CA ASP A 6 56.47 17.49 -3.72
C ASP A 6 55.48 18.07 -2.77
N PHE A 7 55.18 17.33 -1.73
CA PHE A 7 54.13 17.76 -0.82
C PHE A 7 54.25 17.02 0.50
N ASP A 8 53.64 17.63 1.52
CA ASP A 8 53.35 16.98 2.78
C ASP A 8 51.86 17.10 3.02
N LEU A 9 51.26 15.99 3.43
CA LEU A 9 49.84 15.95 3.74
C LEU A 9 49.67 15.36 5.12
N VAL A 10 49.08 16.12 6.04
CA VAL A 10 48.72 15.60 7.35
C VAL A 10 47.24 15.24 7.28
N LEU A 11 46.95 13.97 7.53
CA LEU A 11 45.62 13.41 7.38
C LEU A 11 45.02 13.26 8.77
N PHE A 12 44.15 14.21 9.12
CA PHE A 12 43.48 14.17 10.42
C PHE A 12 42.30 13.23 10.36
N GLY A 13 42.15 12.41 11.40
CA GLY A 13 41.12 11.39 11.39
C GLY A 13 41.47 10.20 10.53
N ALA A 14 42.75 9.87 10.43
CA ALA A 14 43.22 8.86 9.51
C ALA A 14 42.74 7.45 9.89
N THR A 15 42.25 7.28 11.11
CA THR A 15 41.73 5.99 11.56
C THR A 15 40.25 5.80 11.23
N GLY A 16 39.63 6.76 10.56
CA GLY A 16 38.20 6.69 10.31
C GLY A 16 37.87 5.87 9.08
N ASP A 17 36.56 5.79 8.82
CA ASP A 17 36.09 4.94 7.72
C ASP A 17 36.47 5.54 6.38
N LEU A 18 36.32 6.84 6.20
CA LEU A 18 36.68 7.46 4.93
C LEU A 18 38.17 7.26 4.62
N ALA A 19 39.03 7.50 5.61
CA ALA A 19 40.47 7.36 5.39
C ALA A 19 40.83 5.96 4.91
N MET A 20 40.24 4.94 5.50
CA MET A 20 40.62 3.54 5.23
C MET A 20 39.86 2.92 4.06
N ARG A 21 38.72 3.49 3.69
CA ARG A 21 37.89 3.05 2.58
C ARG A 21 38.37 3.66 1.26
N LYS A 22 38.57 4.96 1.25
CA LYS A 22 38.88 5.61 0.00
C LYS A 22 40.05 6.53 -0.09
N LEU A 23 40.62 6.98 1.00
CA LEU A 23 41.65 8.01 0.92
C LEU A 23 43.05 7.43 0.70
N PHE A 24 43.46 6.47 1.53
CA PHE A 24 44.82 5.92 1.39
C PHE A 24 44.98 5.20 0.05
N VAL A 25 43.96 4.48 -0.40
CA VAL A 25 44.05 3.81 -1.69
C VAL A 25 44.10 4.84 -2.82
N SER A 26 43.35 5.94 -2.69
CA SER A 26 43.44 7.01 -3.68
C SER A 26 44.84 7.62 -3.70
N LEU A 27 45.47 7.76 -2.53
CA LEU A 27 46.83 8.27 -2.49
C LEU A 27 47.80 7.30 -3.16
N TYR A 28 47.59 6.00 -2.97
CA TYR A 28 48.42 5.04 -3.68
C TYR A 28 48.23 5.13 -5.19
N GLU A 29 46.98 5.31 -5.64
CA GLU A 29 46.72 5.45 -7.07
C GLU A 29 47.43 6.67 -7.63
N ILE A 30 47.35 7.80 -6.93
CA ILE A 30 48.08 9.00 -7.34
C ILE A 30 49.57 8.71 -7.38
N TYR A 31 50.07 7.96 -6.39
CA TYR A 31 51.49 7.66 -6.32
C TYR A 31 51.96 6.85 -7.52
N THR A 32 51.15 5.87 -7.95
CA THR A 32 51.57 5.03 -9.07
C THR A 32 51.34 5.70 -10.41
N HIS A 33 50.40 6.63 -10.51
CA HIS A 33 50.13 7.28 -11.78
C HIS A 33 50.94 8.55 -11.98
N TYR A 34 51.48 9.14 -10.91
CA TYR A 34 52.23 10.39 -11.02
C TYR A 34 53.54 10.42 -10.24
N GLY A 35 53.76 9.54 -9.26
CA GLY A 35 54.99 9.54 -8.49
C GLY A 35 55.10 10.59 -7.39
N PHE A 36 55.78 10.23 -6.31
CA PHE A 36 56.11 11.12 -5.21
C PHE A 36 57.61 11.39 -5.20
N LYS A 37 58.00 12.63 -4.89
CA LYS A 37 59.38 12.85 -4.48
C LYS A 37 59.66 12.07 -3.20
N LYS A 38 60.90 11.64 -3.04
CA LYS A 38 61.24 10.80 -1.89
C LYS A 38 60.95 11.51 -0.57
N ASP A 39 61.02 12.83 -0.53
CA ASP A 39 60.82 13.59 0.71
C ASP A 39 59.38 14.08 0.88
N SER A 40 58.46 13.67 0.01
CA SER A 40 57.04 13.97 0.22
C SER A 40 56.51 13.06 1.31
N LYS A 41 55.76 13.63 2.26
CA LYS A 41 55.37 12.90 3.46
C LYS A 41 53.86 12.81 3.57
N ILE A 42 53.38 11.63 3.95
CA ILE A 42 51.98 11.42 4.30
C ILE A 42 51.95 11.11 5.78
N ILE A 43 51.51 12.10 6.56
CA ILE A 43 51.55 12.07 8.01
C ILE A 43 50.13 11.75 8.47
N ALA A 44 49.87 10.49 8.79
CA ALA A 44 48.58 10.14 9.37
C ALA A 44 48.53 10.61 10.81
N SER A 45 47.40 11.18 11.23
CA SER A 45 47.29 11.74 12.56
C SER A 45 45.93 11.42 13.16
N GLY A 46 45.91 11.43 14.50
CA GLY A 46 44.68 11.19 15.25
C GLY A 46 44.97 11.51 16.70
N ARG A 47 43.96 11.45 17.57
CA ARG A 47 44.16 11.80 18.98
C ARG A 47 44.78 10.68 19.73
N LYS A 48 44.55 9.47 19.28
CA LYS A 48 45.17 8.35 19.91
C LYS A 48 46.64 8.36 19.64
N GLU A 49 47.36 7.48 20.29
CA GLU A 49 48.82 7.47 20.16
C GLU A 49 49.31 6.11 19.71
N LEU A 50 50.22 6.11 18.73
CA LEU A 50 50.76 4.88 18.14
C LEU A 50 52.16 5.15 17.61
N SER A 51 52.89 4.07 17.39
CA SER A 51 54.16 4.09 16.67
C SER A 51 53.92 3.90 15.18
N ASN A 52 54.90 4.31 14.38
CA ASN A 52 54.80 4.13 12.93
C ASN A 52 54.50 2.67 12.59
N GLU A 53 55.21 1.74 13.24
CA GLU A 53 55.10 0.33 12.89
C GLU A 53 53.68 -0.17 13.14
N GLU A 54 53.06 0.31 14.21
CA GLU A 54 51.74 -0.18 14.61
C GLU A 54 50.64 0.36 13.69
N PHE A 55 50.73 1.64 13.33
CA PHE A 55 49.76 2.21 12.41
C PHE A 55 49.90 1.61 11.02
N LEU A 56 51.12 1.32 10.61
CA LEU A 56 51.26 0.73 9.31
C LEU A 56 50.61 -0.63 9.28
N ALA A 57 50.71 -1.37 10.36
CA ALA A 57 50.05 -2.64 10.40
C ALA A 57 48.57 -2.46 10.30
N LEU A 58 48.05 -1.46 10.98
CA LEU A 58 46.63 -1.31 10.96
C LEU A 58 46.22 -1.03 9.55
N LEU A 59 46.94 -0.16 8.87
CA LEU A 59 46.55 0.23 7.52
C LEU A 59 46.59 -0.97 6.65
N CYS A 60 47.65 -1.74 6.79
CA CYS A 60 47.80 -2.87 5.94
C CYS A 60 46.71 -3.88 6.17
N GLU A 61 46.31 -4.08 7.40
CA GLU A 61 45.33 -5.11 7.63
C GLU A 61 44.05 -4.79 6.96
N LYS A 62 43.60 -3.57 7.13
CA LYS A 62 42.38 -3.14 6.50
C LYS A 62 42.44 -3.02 4.99
N THR A 63 43.59 -2.58 4.47
CA THR A 63 43.68 -2.33 3.04
C THR A 63 44.49 -3.23 2.14
N GLN A 64 45.35 -4.09 2.69
CA GLN A 64 46.23 -4.89 1.84
C GLN A 64 47.08 -4.05 0.89
N LEU A 65 47.49 -2.85 1.32
CA LEU A 65 48.38 -2.07 0.47
C LEU A 65 49.76 -2.70 0.38
N HIS A 66 50.22 -3.39 1.43
CA HIS A 66 51.54 -4.02 1.36
C HIS A 66 51.59 -5.12 0.31
N SER A 67 50.46 -5.75 0.00
CA SER A 67 50.42 -6.79 -1.02
C SER A 67 50.12 -6.23 -2.41
N ARG A 68 50.02 -4.91 -2.55
CA ARG A 68 49.78 -4.31 -3.85
C ARG A 68 51.08 -4.24 -4.65
N GLU A 69 50.94 -3.90 -5.93
CA GLU A 69 52.05 -4.02 -6.87
C GLU A 69 53.28 -3.26 -6.39
N LYS A 70 53.12 -1.98 -6.05
CA LYS A 70 54.20 -1.14 -5.53
C LYS A 70 53.98 -0.76 -4.06
N GLY A 71 53.51 -1.70 -3.25
CA GLY A 71 53.02 -1.34 -1.92
C GLY A 71 54.04 -0.74 -0.96
N GLU A 72 55.16 -1.43 -0.67
CA GLU A 72 56.10 -0.90 0.32
C GLU A 72 56.77 0.39 -0.13
N GLU A 73 56.98 0.58 -1.42
CA GLU A 73 57.57 1.83 -1.87
C GLU A 73 56.67 2.99 -1.49
N PHE A 74 55.35 2.77 -1.48
CA PHE A 74 54.39 3.78 -1.07
C PHE A 74 54.31 3.89 0.45
N LEU A 75 54.19 2.73 1.13
CA LEU A 75 54.10 2.72 2.59
C LEU A 75 55.27 3.44 3.24
N ALA A 76 56.44 3.46 2.59
CA ALA A 76 57.59 4.14 3.16
C ALA A 76 57.37 5.65 3.31
N HIS A 77 56.40 6.21 2.59
CA HIS A 77 56.10 7.63 2.70
C HIS A 77 55.16 7.95 3.85
N ILE A 78 54.72 6.97 4.62
CA ILE A 78 53.66 7.13 5.60
C ILE A 78 54.25 7.05 6.99
N SER A 79 53.87 7.98 7.86
CA SER A 79 54.21 7.93 9.27
C SER A 79 53.04 8.46 10.08
N TYR A 80 53.07 8.18 11.38
CA TYR A 80 52.05 8.63 12.31
C TYR A 80 52.62 9.71 13.22
N PHE A 81 51.86 10.78 13.43
CA PHE A 81 52.14 11.76 14.45
C PHE A 81 50.89 12.02 15.29
N CYS A 82 51.00 11.78 16.59
CA CYS A 82 49.88 11.98 17.50
C CYS A 82 49.63 13.46 17.72
N VAL A 83 48.38 13.89 17.50
CA VAL A 83 47.95 15.25 17.77
C VAL A 83 46.60 15.20 18.48
N ARG A 84 46.55 15.84 19.64
CA ARG A 84 45.32 15.93 20.39
C ARG A 84 44.76 17.25 19.97
N LEU A 85 43.60 17.23 19.36
CA LEU A 85 43.01 18.44 18.80
C LEU A 85 42.77 19.57 19.79
N ASP A 86 42.69 19.30 21.09
CA ASP A 86 42.53 20.37 22.08
C ASP A 86 43.85 20.89 22.64
N ASN A 87 44.99 20.34 22.24
CA ASN A 87 46.28 20.68 22.84
C ASN A 87 47.17 21.44 21.87
N PRO A 88 47.44 22.73 22.08
CA PRO A 88 48.29 23.47 21.11
C PRO A 88 49.76 23.06 21.11
N LYS A 89 50.25 22.42 22.16
CA LYS A 89 51.68 22.10 22.23
C LYS A 89 52.02 20.99 21.24
N ASP A 90 51.09 20.06 21.03
CA ASP A 90 51.21 19.06 19.97
C ASP A 90 51.28 19.71 18.60
N PHE A 91 50.56 20.82 18.41
CA PHE A 91 50.64 21.53 17.13
C PHE A 91 51.98 22.25 16.97
N GLU A 92 52.66 22.58 18.05
CA GLU A 92 54.03 23.14 17.94
C GLU A 92 54.96 22.09 17.47
N GLU A 93 54.74 20.89 17.94
CA GLU A 93 55.61 19.82 17.61
C GLU A 93 55.48 19.41 16.15
N LEU A 94 54.31 19.58 15.58
CA LEU A 94 54.10 19.27 14.19
C LEU A 94 54.68 20.35 13.32
N SER A 95 54.87 21.52 13.86
CA SER A 95 55.42 22.62 13.09
C SER A 95 56.85 22.33 12.75
N LYS A 96 57.50 21.56 13.59
CA LYS A 96 58.87 21.18 13.35
C LYS A 96 58.94 20.15 12.29
N ILE A 97 57.88 19.38 12.12
CA ILE A 97 57.79 18.39 11.08
C ILE A 97 57.41 18.97 9.71
N ALA A 98 56.67 20.09 9.60
CA ALA A 98 56.26 20.54 8.29
C ALA A 98 57.42 21.22 7.59
N THR A 99 57.62 20.92 6.33
CA THR A 99 58.64 21.64 5.59
C THR A 99 58.03 22.98 5.36
N LYS A 100 58.84 24.01 5.40
CA LYS A 100 58.31 25.34 5.35
C LYS A 100 58.06 26.00 4.05
N ASN A 101 58.57 25.49 2.95
CA ASN A 101 58.18 26.17 1.72
C ASN A 101 57.32 25.31 0.79
N LYS A 102 57.22 23.97 1.00
CA LYS A 102 56.46 23.23 0.01
C LYS A 102 54.99 23.15 0.41
N PRO A 103 54.12 22.80 -0.53
CA PRO A 103 52.70 22.63 -0.19
C PRO A 103 52.49 21.67 0.99
N LEU A 104 51.75 22.14 1.97
CA LEU A 104 51.40 21.39 3.18
C LEU A 104 49.89 21.32 3.24
N ILE A 105 49.32 20.13 3.09
CA ILE A 105 47.88 19.96 2.99
C ILE A 105 47.37 19.22 4.22
N PHE A 106 46.36 19.78 4.86
CA PHE A 106 45.70 19.18 6.01
C PHE A 106 44.34 18.64 5.58
N TYR A 107 44.11 17.36 5.81
CA TYR A 107 42.84 16.74 5.46
C TYR A 107 42.02 16.60 6.73
N PHE A 108 40.87 17.28 6.78
CA PHE A 108 40.01 17.29 7.97
C PHE A 108 38.93 16.22 7.85
N SER A 109 39.35 14.97 8.02
CA SER A 109 38.42 13.84 8.09
C SER A 109 37.97 13.60 9.53
N ILE A 110 37.40 14.65 10.13
CA ILE A 110 37.05 14.69 11.54
C ILE A 110 35.70 15.39 11.65
N SER A 111 35.08 15.27 12.83
CA SER A 111 33.75 15.83 12.99
C SER A 111 33.83 17.35 12.91
N PRO A 112 32.86 18.01 12.29
CA PRO A 112 32.98 19.47 12.07
C PRO A 112 33.12 20.27 13.34
N SER A 113 32.62 19.78 14.47
CA SER A 113 32.71 20.57 15.70
C SER A 113 34.14 20.86 16.10
N PHE A 114 35.13 20.11 15.58
CA PHE A 114 36.52 20.37 15.88
C PHE A 114 37.20 21.32 14.90
N PHE A 115 36.58 21.62 13.77
CA PHE A 115 37.29 22.34 12.71
C PHE A 115 37.90 23.60 13.28
N THR A 116 37.06 24.51 13.78
CA THR A 116 37.57 25.76 14.29
C THR A 116 38.73 25.52 15.24
N THR A 117 38.49 24.69 16.27
CA THR A 117 39.55 24.41 17.24
C THR A 117 40.85 24.09 16.52
N THR A 118 40.81 23.08 15.65
CA THR A 118 42.04 22.66 14.97
C THR A 118 42.61 23.81 14.16
N ALA A 119 41.75 24.49 13.39
CA ALA A 119 42.25 25.57 12.57
C ALA A 119 43.02 26.57 13.44
N GLN A 120 42.49 26.85 14.60
CA GLN A 120 43.16 27.77 15.51
C GLN A 120 44.51 27.28 15.85
N ASN A 121 44.58 26.06 16.34
CA ASN A 121 45.85 25.49 16.74
C ASN A 121 46.82 25.40 15.56
N LEU A 122 46.32 25.42 14.33
CA LEU A 122 47.23 25.53 13.19
C LEU A 122 47.76 26.94 13.05
N ALA A 123 46.89 27.95 13.09
CA ALA A 123 47.36 29.32 13.00
C ALA A 123 48.11 29.71 14.27
N GLN A 124 47.80 29.05 15.38
CA GLN A 124 48.47 29.32 16.64
C GLN A 124 49.91 28.85 16.62
N ASN A 125 50.28 27.97 15.68
CA ASN A 125 51.63 27.42 15.60
C ASN A 125 52.25 27.64 14.21
N ALA A 126 51.84 28.70 13.52
CA ALA A 126 52.43 29.07 12.22
C ALA A 126 52.34 27.91 11.21
N LEU A 127 51.22 27.20 11.22
CA LEU A 127 50.92 26.15 10.24
C LEU A 127 49.85 26.58 9.23
N ASN A 128 49.67 27.89 9.02
CA ASN A 128 48.64 28.39 8.10
C ASN A 128 49.23 29.33 7.05
N HIS A 129 50.50 29.14 6.68
CA HIS A 129 51.13 29.97 5.67
C HIS A 129 50.48 29.73 4.30
N ALA A 130 50.92 30.50 3.31
CA ALA A 130 50.32 30.44 1.97
C ALA A 130 50.50 29.06 1.35
N ASN A 131 51.59 28.36 1.71
CA ASN A 131 51.85 27.03 1.17
C ASN A 131 50.97 25.97 1.81
N THR A 132 49.99 26.39 2.60
CA THR A 132 49.11 25.48 3.33
C THR A 132 47.74 25.43 2.68
N ARG A 133 47.14 24.24 2.68
CA ARG A 133 45.80 24.03 2.14
C ARG A 133 44.98 23.18 3.09
N LEU A 134 43.69 23.49 3.17
CA LEU A 134 42.75 22.76 4.01
C LEU A 134 41.75 22.03 3.13
N ILE A 135 41.51 20.75 3.41
CA ILE A 135 40.52 19.96 2.69
C ILE A 135 39.38 19.59 3.65
N LEU A 136 38.22 20.19 3.42
CA LEU A 136 37.08 19.97 4.30
C LEU A 136 36.04 19.08 3.70
N GLU A 137 35.59 18.11 4.47
CA GLU A 137 34.59 17.17 3.99
C GLU A 137 33.23 17.77 3.67
N LYS A 138 32.45 17.06 2.88
CA LYS A 138 31.11 17.54 2.50
C LYS A 138 30.22 18.12 3.63
N PRO A 139 30.00 17.38 4.75
CA PRO A 139 29.11 18.00 5.75
C PRO A 139 29.65 19.27 6.37
N LEU A 140 29.06 20.42 6.05
CA LEU A 140 29.50 21.69 6.59
C LEU A 140 28.28 22.54 6.90
N GLY A 141 27.40 22.05 7.78
CA GLY A 141 26.20 22.78 8.05
C GLY A 141 24.95 22.05 7.71
N HIS A 142 23.86 22.38 8.38
CA HIS A 142 22.57 21.83 7.97
C HIS A 142 21.60 22.91 7.50
N ASP A 143 22.07 24.13 7.32
CA ASP A 143 21.25 25.23 6.79
C ASP A 143 22.19 26.39 6.49
N LEU A 144 21.62 27.49 6.01
CA LEU A 144 22.42 28.64 5.61
C LEU A 144 23.15 29.26 6.81
N LYS A 145 22.45 29.35 7.94
CA LYS A 145 23.02 30.00 9.13
C LYS A 145 24.27 29.27 9.60
N THR A 146 24.18 27.94 9.79
CA THR A 146 25.31 27.18 10.28
C THR A 146 26.43 27.10 9.24
N CYS A 147 26.07 27.10 7.96
CA CYS A 147 27.08 27.16 6.91
C CYS A 147 27.93 28.42 7.05
N LYS A 148 27.27 29.57 7.12
CA LYS A 148 27.98 30.83 7.34
C LYS A 148 28.77 30.81 8.64
N GLU A 149 28.22 30.21 9.70
CA GLU A 149 28.92 30.22 10.98
C GLU A 149 30.25 29.49 10.88
N ILE A 150 30.20 28.27 10.32
CA ILE A 150 31.42 27.49 10.13
C ILE A 150 32.41 28.24 9.26
N PHE A 151 31.92 28.84 8.15
CA PHE A 151 32.84 29.57 7.27
C PHE A 151 33.53 30.70 8.02
N GLN A 152 32.75 31.57 8.68
CA GLN A 152 33.33 32.70 9.38
C GLN A 152 34.33 32.26 10.42
N SER A 153 34.04 31.20 11.12
CA SER A 153 34.89 30.73 12.16
C SER A 153 36.20 30.24 11.65
N ILE A 154 36.15 29.54 10.56
CA ILE A 154 37.38 28.99 9.98
C ILE A 154 38.19 30.05 9.21
N SER A 155 37.51 31.02 8.59
CA SER A 155 38.17 32.04 7.78
C SER A 155 39.06 32.97 8.60
N ALA A 156 39.04 32.90 9.93
CA ALA A 156 39.98 33.70 10.70
C ALA A 156 41.36 33.05 10.79
N PHE A 157 41.59 31.95 10.09
CA PHE A 157 42.91 31.31 10.06
C PHE A 157 43.33 30.86 8.68
N PHE A 158 42.39 30.64 7.75
CA PHE A 158 42.70 30.27 6.38
C PHE A 158 41.85 31.10 5.43
N LYS A 159 42.45 31.53 4.32
CA LYS A 159 41.73 32.29 3.32
C LYS A 159 40.93 31.35 2.43
N GLU A 160 39.97 31.92 1.69
CA GLU A 160 39.07 31.10 0.88
C GLU A 160 39.85 30.24 -0.11
N GLU A 161 40.91 30.78 -0.68
CA GLU A 161 41.73 30.07 -1.66
C GLU A 161 42.56 28.98 -1.06
N GLN A 162 42.60 28.91 0.24
CA GLN A 162 43.30 27.83 0.91
C GLN A 162 42.38 26.68 1.28
N ILE A 163 41.08 26.82 1.01
CA ILE A 163 40.08 25.86 1.45
C ILE A 163 39.52 25.15 0.23
N PHE A 164 39.48 23.82 0.32
CA PHE A 164 39.01 22.95 -0.75
C PHE A 164 37.86 22.15 -0.15
N ARG A 165 36.64 22.51 -0.54
CA ARG A 165 35.44 21.84 -0.06
C ARG A 165 35.08 20.70 -1.00
N ILE A 166 35.19 19.48 -0.49
CA ILE A 166 35.09 18.28 -1.30
C ILE A 166 33.62 17.93 -1.52
N ASP A 167 33.29 17.63 -2.77
CA ASP A 167 32.00 17.06 -3.14
C ASP A 167 32.35 15.96 -4.13
N HIS A 168 32.37 14.71 -3.65
CA HIS A 168 33.08 13.67 -4.40
C HIS A 168 32.41 13.32 -5.73
N TYR A 169 31.21 13.85 -6.00
CA TYR A 169 30.63 13.68 -7.32
C TYR A 169 31.41 14.43 -8.39
N LEU A 170 32.05 15.54 -8.03
CA LEU A 170 32.82 16.29 -9.02
C LEU A 170 34.05 15.56 -9.51
N GLY A 171 34.43 14.46 -8.86
CA GLY A 171 35.48 13.60 -9.33
C GLY A 171 35.01 12.36 -10.04
N LYS A 172 33.70 12.19 -10.16
CA LYS A 172 33.13 11.06 -10.91
C LYS A 172 33.26 11.35 -12.40
N LYS A 173 33.83 10.41 -13.14
CA LYS A 173 34.06 10.59 -14.58
C LYS A 173 32.78 10.96 -15.31
N GLY A 174 31.68 10.27 -14.99
CA GLY A 174 30.41 10.59 -15.60
C GLY A 174 30.02 12.04 -15.41
N VAL A 175 30.31 12.60 -14.23
CA VAL A 175 29.94 14.00 -13.97
C VAL A 175 30.81 14.94 -14.79
N GLN A 176 32.12 14.67 -14.86
CA GLN A 176 33.01 15.51 -15.65
C GLN A 176 32.64 15.48 -17.13
N ASN A 177 32.07 14.36 -17.58
CA ASN A 177 31.71 14.23 -18.99
C ASN A 177 30.76 15.32 -19.44
N ILE A 178 29.86 15.75 -18.55
CA ILE A 178 28.88 16.78 -18.91
C ILE A 178 29.60 18.01 -19.44
N LEU A 179 30.53 18.53 -18.65
CA LEU A 179 31.16 19.79 -19.00
C LEU A 179 32.14 19.60 -20.14
N GLU A 180 32.83 18.46 -20.18
CA GLU A 180 33.72 18.22 -21.32
C GLU A 180 32.95 18.24 -22.64
N LEU A 181 31.84 17.49 -22.70
CA LEU A 181 31.04 17.47 -23.92
C LEU A 181 30.48 18.85 -24.25
N ARG A 182 29.96 19.55 -23.24
CA ARG A 182 29.40 20.88 -23.51
C ARG A 182 30.45 21.82 -24.07
N LEU A 183 31.69 21.71 -23.58
CA LEU A 183 32.74 22.61 -24.01
C LEU A 183 33.25 22.26 -25.41
N ASN A 184 33.19 20.99 -25.81
CA ASN A 184 33.90 20.54 -27.01
C ASN A 184 32.98 20.07 -28.14
N ASN A 185 31.71 20.48 -28.17
CA ASN A 185 30.78 20.02 -29.22
C ASN A 185 29.78 21.12 -29.55
N PRO A 186 30.00 21.87 -30.64
CA PRO A 186 29.06 22.97 -30.99
C PRO A 186 27.60 22.55 -31.08
N ILE A 187 27.33 21.36 -31.58
CA ILE A 187 25.97 20.92 -31.68
C ILE A 187 25.26 21.02 -30.35
N LEU A 188 25.94 20.80 -29.24
CA LEU A 188 25.28 20.98 -27.96
C LEU A 188 25.11 22.45 -27.61
N ASN A 189 26.03 23.32 -28.03
CA ASN A 189 25.79 24.74 -27.81
C ASN A 189 24.47 25.16 -28.44
N ILE A 190 24.11 24.58 -29.58
CA ILE A 190 22.81 24.94 -30.16
C ILE A 190 21.67 24.23 -29.45
N LEU A 191 21.81 22.94 -29.15
CA LEU A 191 20.71 22.19 -28.57
C LEU A 191 20.41 22.58 -27.12
N TRP A 192 21.38 23.12 -26.39
CA TRP A 192 21.18 23.52 -25.01
C TRP A 192 20.19 24.67 -24.88
N ASP A 193 20.03 25.48 -25.92
CA ASP A 193 19.05 26.55 -25.88
C ASP A 193 17.62 26.05 -26.04
N GLN A 194 17.44 24.75 -26.35
CA GLN A 194 16.11 24.18 -26.56
C GLN A 194 15.83 22.99 -25.65
N ILE A 195 16.49 22.90 -24.49
CA ILE A 195 16.17 21.83 -23.55
C ILE A 195 14.74 22.01 -23.05
N SER A 196 14.02 20.88 -22.94
CA SER A 196 12.65 20.89 -22.47
C SER A 196 12.48 20.36 -21.06
N ALA A 197 13.42 19.58 -20.55
CA ALA A 197 13.37 19.08 -19.18
C ALA A 197 14.70 18.42 -18.86
N VAL A 198 15.09 18.49 -17.58
CA VAL A 198 16.30 17.84 -17.09
C VAL A 198 15.91 16.93 -15.95
N GLU A 199 16.56 15.76 -15.86
CA GLU A 199 16.30 14.82 -14.77
C GLU A 199 17.63 14.38 -14.18
N ILE A 200 17.87 14.75 -12.92
CA ILE A 200 19.02 14.30 -12.14
C ILE A 200 18.51 13.31 -11.12
N CYS A 201 19.01 12.07 -11.17
CA CYS A 201 18.43 10.99 -10.41
C CYS A 201 19.52 10.12 -9.80
N VAL A 202 19.43 9.88 -8.49
CA VAL A 202 20.32 8.96 -7.79
C VAL A 202 19.47 8.06 -6.90
N TYR A 203 19.32 6.80 -7.32
CA TYR A 203 18.58 5.80 -6.57
C TYR A 203 19.54 4.72 -6.10
N GLU A 204 19.34 4.27 -4.86
CA GLU A 204 20.13 3.21 -4.26
C GLU A 204 19.21 2.14 -3.73
N THR A 205 19.65 0.89 -3.82
CA THR A 205 18.89 -0.21 -3.22
C THR A 205 19.19 -0.36 -1.73
N LEU A 206 20.35 0.09 -1.26
CA LEU A 206 20.65 0.00 0.16
C LEU A 206 19.84 1.05 0.93
N GLY A 207 19.84 0.90 2.26
CA GLY A 207 19.21 1.86 3.13
C GLY A 207 20.21 2.64 3.92
N VAL A 208 19.91 2.92 5.18
CA VAL A 208 20.77 3.76 6.02
C VAL A 208 21.89 2.93 6.56
N GLU A 209 21.65 1.67 6.80
CA GLU A 209 22.72 0.73 7.15
C GLU A 209 23.69 1.01 8.29
N GLU A 210 23.22 0.96 9.54
CA GLU A 210 24.04 1.24 10.74
C GLU A 210 24.33 2.72 10.98
N ARG A 211 24.15 3.60 10.00
CA ARG A 211 24.47 5.00 10.16
C ARG A 211 23.25 5.77 10.61
N GLY A 212 22.17 5.09 11.00
CA GLY A 212 20.94 5.74 11.37
C GLY A 212 21.03 6.81 12.38
N GLU A 213 21.91 6.70 13.39
CA GLU A 213 21.97 7.83 14.31
C GLU A 213 22.17 9.15 13.58
N PHE A 214 23.08 9.17 12.60
CA PHE A 214 23.36 10.42 11.90
C PHE A 214 22.28 10.73 10.87
N TYR A 215 21.85 9.72 10.10
CA TYR A 215 20.97 9.98 8.97
C TYR A 215 19.69 10.68 9.41
N ASP A 216 19.15 10.32 10.58
CA ASP A 216 17.87 10.86 11.00
C ASP A 216 17.93 12.35 11.27
N LYS A 217 19.11 12.94 11.43
CA LYS A 217 19.24 14.39 11.60
C LYS A 217 19.47 15.11 10.28
N ILE A 218 19.57 14.39 9.17
CA ILE A 218 19.98 14.97 7.90
C ILE A 218 18.88 14.75 6.86
N GLY A 219 18.52 13.49 6.64
CA GLY A 219 17.50 13.15 5.67
C GLY A 219 18.01 13.21 4.24
N ALA A 220 17.26 12.56 3.34
CA ALA A 220 17.72 12.41 1.96
C ALA A 220 18.02 13.75 1.31
N LEU A 221 17.15 14.74 1.52
CA LEU A 221 17.30 16.04 0.85
C LEU A 221 18.64 16.67 1.15
N ARG A 222 19.04 16.72 2.43
CA ARG A 222 20.33 17.32 2.75
C ARG A 222 21.48 16.36 2.46
N ASP A 223 21.25 15.06 2.62
CA ASP A 223 22.31 14.09 2.43
C ASP A 223 22.86 14.16 1.01
N MET A 224 21.97 14.19 0.02
CA MET A 224 22.44 14.13 -1.36
C MET A 224 22.01 15.29 -2.24
N VAL A 225 20.82 15.86 -2.03
CA VAL A 225 20.33 16.85 -2.99
C VAL A 225 21.00 18.20 -2.77
N GLN A 226 21.20 18.59 -1.50
CA GLN A 226 21.79 19.89 -1.22
C GLN A 226 23.16 20.06 -1.86
N ASN A 227 23.93 18.98 -1.98
CA ASN A 227 25.31 19.09 -2.46
C ASN A 227 25.53 18.42 -3.82
N HIS A 228 25.33 17.10 -3.92
CA HIS A 228 25.68 16.41 -5.16
C HIS A 228 24.79 16.86 -6.31
N LEU A 229 23.48 16.65 -6.18
CA LEU A 229 22.56 16.86 -7.30
C LEU A 229 22.51 18.33 -7.72
N LEU A 230 22.65 19.27 -6.78
CA LEU A 230 22.62 20.67 -7.17
C LEU A 230 23.92 21.11 -7.83
N GLN A 231 25.05 20.54 -7.41
CA GLN A 231 26.29 20.75 -8.14
C GLN A 231 26.15 20.26 -9.59
N VAL A 232 25.58 19.07 -9.76
CA VAL A 232 25.36 18.55 -11.11
C VAL A 232 24.45 19.49 -11.90
N LEU A 233 23.37 19.96 -11.27
CA LEU A 233 22.48 20.92 -11.94
C LEU A 233 23.26 22.14 -12.40
N SER A 234 24.12 22.68 -11.53
CA SER A 234 24.90 23.86 -11.89
C SER A 234 25.82 23.57 -13.06
N LEU A 235 26.39 22.36 -13.13
CA LEU A 235 27.22 22.01 -14.26
C LEU A 235 26.40 21.94 -15.54
N ILE A 236 25.15 21.51 -15.45
CA ILE A 236 24.28 21.46 -16.62
C ILE A 236 23.90 22.88 -17.07
N ALA A 237 23.59 23.76 -16.12
CA ALA A 237 22.90 25.00 -16.43
C ALA A 237 23.79 26.23 -16.51
N THR A 238 25.04 26.15 -16.08
CA THR A 238 25.92 27.30 -16.12
C THR A 238 26.14 27.77 -17.57
N ASP A 239 26.31 29.07 -17.73
CA ASP A 239 26.90 29.59 -18.96
C ASP A 239 28.38 29.23 -19.01
N LEU A 240 28.85 28.84 -20.19
CA LEU A 240 30.23 28.41 -20.33
C LEU A 240 31.15 29.63 -20.37
N PRO A 241 32.09 29.75 -19.43
CA PRO A 241 32.94 30.95 -19.39
C PRO A 241 34.09 30.87 -20.38
N ASP A 242 34.56 32.05 -20.77
CA ASP A 242 35.70 32.13 -21.68
C ASP A 242 36.96 31.58 -21.04
N ASP A 243 37.20 31.93 -19.78
CA ASP A 243 38.32 31.40 -19.00
C ASP A 243 37.76 30.50 -17.90
N LEU A 244 38.28 29.28 -17.82
CA LEU A 244 37.74 28.31 -16.87
C LEU A 244 37.91 28.70 -15.41
N LYS A 245 38.86 29.56 -15.09
CA LYS A 245 38.95 29.99 -13.69
C LYS A 245 37.73 30.81 -13.25
N ASP A 246 36.89 31.26 -14.19
CA ASP A 246 35.64 31.89 -13.84
C ASP A 246 34.49 30.89 -13.69
N LEU A 247 34.75 29.59 -13.87
CA LEU A 247 33.66 28.61 -13.86
C LEU A 247 32.88 28.69 -12.55
N ARG A 248 33.57 28.62 -11.41
CA ARG A 248 32.88 28.74 -10.14
C ARG A 248 31.94 29.93 -10.15
N LYS A 249 32.43 31.10 -10.56
CA LYS A 249 31.60 32.29 -10.62
C LYS A 249 30.29 31.95 -11.30
N GLU A 250 30.38 31.44 -12.54
CA GLU A 250 29.16 31.19 -13.31
C GLU A 250 28.28 30.17 -12.60
N LYS A 251 28.89 29.13 -12.01
CA LYS A 251 28.08 28.17 -11.28
C LYS A 251 27.26 28.89 -10.22
N ILE A 252 27.92 29.68 -9.39
CA ILE A 252 27.21 30.45 -8.38
C ILE A 252 26.08 31.23 -9.03
N LYS A 253 26.40 31.94 -10.12
CA LYS A 253 25.39 32.75 -10.78
C LYS A 253 24.12 31.95 -11.01
N VAL A 254 24.24 30.80 -11.66
CA VAL A 254 23.03 30.10 -12.06
C VAL A 254 22.29 29.59 -10.82
N LEU A 255 23.04 29.13 -9.81
CA LEU A 255 22.37 28.64 -8.60
C LEU A 255 21.58 29.75 -7.92
N LYS A 256 22.02 31.00 -8.05
CA LYS A 256 21.28 32.05 -7.36
C LYS A 256 19.92 32.27 -8.00
N THR A 257 19.68 31.75 -9.20
CA THR A 257 18.39 31.86 -9.86
C THR A 257 17.42 30.73 -9.51
N LEU A 258 17.83 29.76 -8.68
CA LEU A 258 16.89 28.72 -8.27
C LEU A 258 15.68 29.34 -7.59
N GLN A 259 14.50 28.96 -8.07
CA GLN A 259 13.26 29.52 -7.54
C GLN A 259 12.72 28.64 -6.42
N PRO A 260 12.16 29.23 -5.36
CA PRO A 260 11.40 28.43 -4.40
C PRO A 260 10.12 27.92 -5.03
N PRO A 261 9.56 26.81 -4.53
CA PRO A 261 8.37 26.24 -5.17
C PRO A 261 7.23 27.26 -5.24
N LYS A 262 6.60 27.35 -6.41
CA LYS A 262 5.35 28.09 -6.51
C LYS A 262 4.17 27.30 -5.94
N ASN A 263 4.22 25.97 -6.00
CA ASN A 263 3.13 25.14 -5.48
C ASN A 263 3.76 23.90 -4.88
N PHE A 264 3.81 23.83 -3.54
CA PHE A 264 4.53 22.75 -2.88
C PHE A 264 3.93 21.39 -3.23
N LYS A 265 2.59 21.28 -3.25
CA LYS A 265 1.96 19.99 -3.50
C LYS A 265 2.33 19.45 -4.88
N LYS A 266 2.49 20.34 -5.86
CA LYS A 266 2.78 19.98 -7.24
C LYS A 266 4.25 19.80 -7.55
N GLN A 267 5.15 20.28 -6.68
CA GLN A 267 6.57 20.33 -7.01
C GLN A 267 7.46 19.55 -6.07
N VAL A 268 6.93 18.94 -5.01
CA VAL A 268 7.75 18.24 -4.04
C VAL A 268 7.02 16.99 -3.60
N ILE A 269 7.70 15.85 -3.67
CA ILE A 269 7.20 14.58 -3.15
C ILE A 269 8.28 14.00 -2.26
N ARG A 270 7.89 13.59 -1.06
CA ARG A 270 8.80 13.05 -0.10
C ARG A 270 8.26 11.78 0.46
N ALA A 271 9.12 10.93 0.96
CA ALA A 271 8.65 9.66 1.50
C ALA A 271 9.75 9.01 2.34
N GLN A 272 9.33 7.96 3.05
CA GLN A 272 10.14 7.25 4.02
C GLN A 272 9.79 5.76 3.90
N TYR A 273 10.80 4.91 3.81
CA TYR A 273 10.52 3.51 3.52
C TYR A 273 10.09 2.76 4.78
N GLN A 274 9.23 1.77 4.58
CA GLN A 274 8.76 0.94 5.67
C GLN A 274 9.93 0.20 6.30
N GLY A 275 10.02 0.27 7.63
CA GLY A 275 11.12 -0.29 8.35
C GLY A 275 12.20 0.70 8.72
N TYR A 276 12.14 1.93 8.21
CA TYR A 276 13.14 2.94 8.55
C TYR A 276 13.12 3.24 10.04
N ARG A 277 11.92 3.45 10.60
CA ARG A 277 11.82 3.78 12.00
C ARG A 277 12.29 2.67 12.92
N ASP A 278 12.47 1.49 12.37
CA ASP A 278 12.93 0.35 13.12
C ASP A 278 14.41 0.12 12.96
N GLU A 279 15.09 0.85 12.07
CA GLU A 279 16.52 0.74 12.01
C GLU A 279 17.07 1.15 13.37
N ASN A 280 18.21 0.60 13.73
CA ASN A 280 18.75 0.92 15.04
C ASN A 280 19.02 2.40 15.16
N LYS A 281 18.58 2.97 16.27
CA LYS A 281 18.93 4.32 16.70
C LYS A 281 18.28 5.38 15.81
N VAL A 282 17.17 5.03 15.17
CA VAL A 282 16.33 5.98 14.48
C VAL A 282 15.14 6.28 15.38
N ASN A 283 14.68 7.53 15.35
CA ASN A 283 13.58 7.94 16.21
C ASN A 283 12.31 7.16 15.90
N LYS A 284 11.61 6.79 16.97
CA LYS A 284 10.41 5.95 16.83
C LYS A 284 9.29 6.68 16.12
N GLU A 285 9.29 8.01 16.17
CA GLU A 285 8.33 8.86 15.48
C GLU A 285 8.99 9.75 14.43
N SER A 286 10.01 9.25 13.74
CA SER A 286 10.77 10.12 12.85
C SER A 286 9.96 10.52 11.64
N GLN A 287 10.15 11.77 11.21
CA GLN A 287 9.58 12.29 9.98
C GLN A 287 10.64 12.46 8.90
N THR A 288 11.84 11.94 9.12
CA THR A 288 12.94 12.11 8.18
C THR A 288 12.67 11.32 6.92
N GLU A 289 12.85 11.96 5.76
CA GLU A 289 12.57 11.33 4.48
C GLU A 289 13.77 10.53 3.98
N THR A 290 13.50 9.34 3.46
CA THR A 290 14.48 8.56 2.72
C THR A 290 14.28 8.66 1.21
N PHE A 291 13.36 9.50 0.75
CA PHE A 291 13.04 9.64 -0.66
C PHE A 291 12.60 11.08 -0.93
N VAL A 292 13.17 11.70 -1.96
CA VAL A 292 12.75 13.03 -2.40
C VAL A 292 12.71 13.11 -3.91
N ALA A 293 11.74 13.86 -4.42
CA ALA A 293 11.68 14.28 -5.82
C ALA A 293 11.18 15.72 -5.86
N ILE A 294 11.91 16.58 -6.55
CA ILE A 294 11.68 18.02 -6.59
C ILE A 294 11.64 18.44 -8.04
N LYS A 295 10.62 19.21 -8.40
CA LYS A 295 10.56 19.83 -9.72
C LYS A 295 10.95 21.30 -9.53
N ALA A 296 12.17 21.63 -9.92
CA ALA A 296 12.76 22.94 -9.68
C ALA A 296 12.83 23.75 -10.96
N PHE A 297 12.91 25.07 -10.81
CA PHE A 297 13.01 25.99 -11.93
C PHE A 297 14.08 27.03 -11.66
N LEU A 298 14.68 27.53 -12.74
CA LEU A 298 15.67 28.60 -12.67
C LEU A 298 15.07 29.84 -13.31
N ASP A 299 15.26 31.00 -12.67
CA ASP A 299 14.84 32.26 -13.25
C ASP A 299 16.01 32.84 -14.06
N THR A 300 16.36 32.10 -15.10
CA THR A 300 17.30 32.59 -16.11
C THR A 300 16.71 32.34 -17.49
N PRO A 301 16.98 33.23 -18.46
CA PRO A 301 16.27 33.13 -19.75
C PRO A 301 16.53 31.85 -20.51
N LYS A 302 17.78 31.36 -20.52
CA LYS A 302 18.12 30.16 -21.28
C LYS A 302 17.33 28.95 -20.81
N PHE A 303 16.77 28.99 -19.59
CA PHE A 303 16.02 27.87 -19.02
C PHE A 303 14.65 28.30 -18.49
N LYS A 304 14.11 29.43 -18.95
CA LYS A 304 12.80 29.86 -18.49
C LYS A 304 11.77 28.77 -18.71
N GLY A 305 11.12 28.34 -17.63
CA GLY A 305 10.06 27.36 -17.72
C GLY A 305 10.49 25.91 -17.81
N VAL A 306 11.78 25.61 -17.70
CA VAL A 306 12.29 24.25 -17.89
C VAL A 306 12.35 23.57 -16.53
N PRO A 307 11.64 22.46 -16.32
CA PRO A 307 11.75 21.75 -15.05
C PRO A 307 13.01 20.91 -14.92
N PHE A 308 13.64 21.01 -13.76
CA PHE A 308 14.73 20.15 -13.33
C PHE A 308 14.15 19.22 -12.27
N TYR A 309 13.91 17.97 -12.64
CA TYR A 309 13.48 16.96 -11.67
C TYR A 309 14.71 16.41 -10.95
N LEU A 310 14.79 16.65 -9.65
CA LEU A 310 15.86 16.15 -8.81
C LEU A 310 15.29 15.03 -7.95
N LYS A 311 15.80 13.82 -8.11
CA LYS A 311 15.25 12.65 -7.46
C LYS A 311 16.38 11.89 -6.79
N HIS A 312 16.18 11.53 -5.52
CA HIS A 312 17.15 10.71 -4.83
C HIS A 312 16.44 9.89 -3.77
N ALA A 313 16.84 8.63 -3.63
CA ALA A 313 16.19 7.82 -2.59
C ALA A 313 16.93 6.52 -2.35
N LYS A 314 16.64 5.92 -1.19
CA LYS A 314 17.22 4.67 -0.73
C LYS A 314 16.17 3.57 -0.71
N LYS A 315 16.66 2.33 -0.49
CA LYS A 315 15.80 1.15 -0.49
C LYS A 315 14.89 1.10 -1.72
N MET A 316 15.44 1.49 -2.85
CA MET A 316 14.73 1.47 -4.12
C MET A 316 14.93 0.15 -4.82
N PRO A 317 14.15 -0.12 -5.87
CA PRO A 317 14.27 -1.44 -6.54
C PRO A 317 15.54 -1.60 -7.36
N HIS A 318 16.06 -0.53 -7.97
CA HIS A 318 17.26 -0.63 -8.78
C HIS A 318 18.18 0.54 -8.45
N ASN A 319 19.48 0.29 -8.57
CA ASN A 319 20.45 1.37 -8.52
C ASN A 319 20.43 2.15 -9.81
N GLN A 320 20.51 3.48 -9.70
CA GLN A 320 20.55 4.33 -10.88
C GLN A 320 21.26 5.63 -10.50
N ALA A 321 22.02 6.17 -11.44
CA ALA A 321 22.73 7.43 -11.22
C ALA A 321 22.94 8.03 -12.61
N SER A 322 22.15 9.05 -12.95
CA SER A 322 22.07 9.49 -14.33
C SER A 322 21.65 10.94 -14.40
N VAL A 323 21.92 11.54 -15.57
CA VAL A 323 21.35 12.82 -15.98
C VAL A 323 20.69 12.58 -17.33
N LYS A 324 19.37 12.75 -17.39
CA LYS A 324 18.63 12.67 -18.65
C LYS A 324 18.34 14.13 -19.04
N ILE A 325 19.00 14.61 -20.09
CA ILE A 325 18.71 15.93 -20.65
C ILE A 325 17.75 15.71 -21.80
N HIS A 326 16.48 16.06 -21.58
CA HIS A 326 15.43 15.89 -22.56
C HIS A 326 15.39 17.09 -23.50
N PHE A 327 15.44 16.89 -24.80
CA PHE A 327 15.49 17.98 -25.75
C PHE A 327 14.13 18.19 -26.31
N ASN A 328 13.32 17.15 -26.29
CA ASN A 328 11.96 17.27 -26.71
C ASN A 328 11.40 16.07 -26.05
N ALA A 329 10.24 15.60 -26.44
CA ALA A 329 9.60 14.52 -25.75
C ALA A 329 10.00 13.21 -26.26
N VAL A 330 11.02 13.22 -27.07
CA VAL A 330 11.45 12.00 -27.72
C VAL A 330 12.96 11.87 -27.78
N ASN A 331 13.72 12.96 -27.71
CA ASN A 331 15.16 12.90 -27.90
C ASN A 331 15.82 13.18 -26.57
N THR A 332 16.67 12.27 -26.12
CA THR A 332 17.28 12.55 -24.81
C THR A 332 18.73 12.12 -24.73
N LEU A 333 19.55 13.02 -24.22
CA LEU A 333 20.98 12.81 -24.03
C LEU A 333 21.22 12.44 -22.57
N GLU A 334 21.71 11.24 -22.33
CA GLU A 334 21.86 10.71 -20.97
C GLU A 334 23.33 10.55 -20.63
N PHE A 335 23.74 11.18 -19.54
CA PHE A 335 25.07 10.99 -18.94
C PHE A 335 24.93 10.06 -17.75
N PHE A 336 25.57 8.89 -17.81
CA PHE A 336 25.63 8.04 -16.63
C PHE A 336 26.73 8.53 -15.71
N LEU A 337 26.44 8.55 -14.41
CA LEU A 337 27.34 9.18 -13.44
C LEU A 337 28.34 8.21 -12.84
N SER A 338 28.05 6.91 -12.86
CA SER A 338 28.95 5.91 -12.30
C SER A 338 29.52 4.95 -13.35
N GLN A 339 29.47 5.32 -14.64
CA GLN A 339 29.93 4.40 -15.69
C GLN A 339 30.80 4.99 -16.79
N ASP A 340 30.77 6.29 -17.07
CA ASP A 340 31.38 6.81 -18.30
C ASP A 340 30.66 6.21 -19.51
N LYS A 341 29.36 6.50 -19.56
CA LYS A 341 28.47 6.02 -20.60
C LYS A 341 27.61 7.20 -21.01
N ILE A 342 27.46 7.38 -22.31
CA ILE A 342 26.67 8.46 -22.85
C ILE A 342 25.70 7.89 -23.86
N THR A 343 24.49 8.43 -23.87
CA THR A 343 23.41 7.86 -24.64
C THR A 343 22.69 8.98 -25.36
N LEU A 344 22.30 8.73 -26.61
CA LEU A 344 21.41 9.65 -27.31
C LEU A 344 20.24 8.82 -27.80
N THR A 345 19.04 9.20 -27.37
CA THR A 345 17.82 8.51 -27.75
C THR A 345 17.19 9.29 -28.89
N LEU A 346 16.97 8.57 -30.00
CA LEU A 346 16.29 9.01 -31.20
C LEU A 346 15.08 8.11 -31.43
N LYS A 347 14.17 8.55 -32.29
CA LYS A 347 12.99 7.77 -32.64
C LYS A 347 12.95 7.52 -34.13
N ASP A 348 12.69 6.28 -34.51
CA ASP A 348 12.27 5.97 -35.87
C ASP A 348 10.78 5.61 -35.83
N HIS A 349 10.20 5.32 -36.99
CA HIS A 349 8.74 5.26 -37.07
C HIS A 349 8.12 4.39 -35.97
N GLN A 350 8.73 3.25 -35.64
CA GLN A 350 8.12 2.30 -34.72
C GLN A 350 8.78 2.25 -33.36
N ASN A 351 10.10 2.08 -33.28
CA ASN A 351 10.79 1.87 -32.01
C ASN A 351 11.75 2.99 -31.66
N PRO A 352 12.29 2.99 -30.44
CA PRO A 352 13.36 3.93 -30.11
C PRO A 352 14.74 3.35 -30.37
N LEU A 353 15.66 4.27 -30.69
CA LEU A 353 17.04 3.95 -31.03
C LEU A 353 17.93 4.57 -29.97
N ILE A 354 18.89 3.80 -29.47
CA ILE A 354 19.79 4.24 -28.43
C ILE A 354 21.21 4.21 -28.99
N LEU A 355 21.80 5.39 -29.15
CA LEU A 355 23.19 5.50 -29.56
C LEU A 355 24.04 5.54 -28.29
N GLU A 356 25.08 4.71 -28.23
CA GLU A 356 25.83 4.49 -26.99
C GLU A 356 27.33 4.69 -27.22
N THR A 357 28.00 5.16 -26.17
CA THR A 357 29.43 4.96 -25.97
C THR A 357 29.58 4.30 -24.61
N TYR A 358 30.44 3.31 -24.50
CA TYR A 358 30.72 2.75 -23.17
C TYR A 358 32.16 2.39 -23.12
N ASN A 359 32.93 3.18 -22.40
CA ASN A 359 34.33 2.90 -22.20
C ASN A 359 34.50 2.42 -20.81
N LYS A 360 34.20 1.17 -20.54
CA LYS A 360 34.44 0.63 -19.21
C LYS A 360 35.91 0.75 -18.87
N GLN A 361 36.23 1.55 -17.88
CA GLN A 361 37.61 1.77 -17.55
C GLN A 361 37.75 2.33 -16.16
N GLU A 362 38.92 2.91 -15.88
CA GLU A 362 39.15 3.53 -14.60
C GLU A 362 40.03 4.69 -14.83
N PHE A 363 39.45 5.86 -15.02
CA PHE A 363 40.23 7.09 -15.22
C PHE A 363 41.10 7.25 -14.00
N LEU A 364 40.48 7.43 -12.84
CA LEU A 364 41.19 7.54 -11.57
C LEU A 364 40.00 7.42 -10.65
N GLN A 365 40.16 6.91 -9.44
CA GLN A 365 39.00 6.88 -8.57
C GLN A 365 38.60 8.33 -8.14
N PRO A 366 37.29 8.61 -7.79
CA PRO A 366 36.98 10.01 -7.54
C PRO A 366 37.84 10.78 -6.56
N TYR A 367 38.20 10.19 -5.44
CA TYR A 367 38.99 10.86 -4.44
C TYR A 367 40.40 10.94 -4.88
N ALA A 368 40.89 10.04 -5.72
CA ALA A 368 42.23 10.19 -6.27
C ALA A 368 42.30 11.40 -7.20
N LYS A 369 41.32 11.54 -8.09
CA LYS A 369 41.31 12.69 -8.97
C LYS A 369 41.25 13.99 -8.17
N LEU A 370 40.42 14.03 -7.12
CA LEU A 370 40.25 15.27 -6.39
C LEU A 370 41.46 15.58 -5.51
N LEU A 371 42.07 14.57 -4.92
CA LEU A 371 43.30 14.79 -4.17
C LEU A 371 44.40 15.30 -5.07
N TYR A 372 44.52 14.75 -6.27
CA TYR A 372 45.50 15.27 -7.21
C TYR A 372 45.23 16.73 -7.54
N ASP A 373 43.97 17.05 -7.87
CA ASP A 373 43.61 18.46 -8.09
C ASP A 373 43.99 19.34 -6.90
N ALA A 374 43.82 18.83 -5.68
CA ALA A 374 44.14 19.63 -4.50
C ALA A 374 45.63 19.88 -4.39
N ILE A 375 46.44 18.83 -4.58
CA ILE A 375 47.90 18.98 -4.55
C ILE A 375 48.39 19.90 -5.66
N GLN A 376 47.60 20.06 -6.72
CA GLN A 376 47.97 20.95 -7.82
C GLN A 376 47.41 22.36 -7.64
N ASN A 377 46.68 22.62 -6.55
CA ASN A 377 46.09 23.92 -6.29
C ASN A 377 45.10 24.31 -7.39
N ASN A 378 44.22 23.37 -7.74
CA ASN A 378 43.17 23.57 -8.73
C ASN A 378 41.80 23.52 -8.06
N HIS A 379 41.08 24.64 -8.09
CA HIS A 379 39.83 24.77 -7.33
C HIS A 379 38.56 24.45 -8.10
N ASN A 380 38.61 24.24 -9.42
CA ASN A 380 37.37 24.21 -10.18
C ASN A 380 36.49 23.05 -9.77
N ASN A 381 37.06 21.93 -9.34
CA ASN A 381 36.26 20.78 -8.96
C ASN A 381 35.97 20.73 -7.46
N PHE A 382 36.11 21.85 -6.76
CA PHE A 382 35.75 21.93 -5.36
C PHE A 382 34.66 22.98 -5.19
N ALA A 383 33.88 22.84 -4.12
CA ALA A 383 32.77 23.77 -3.90
C ALA A 383 33.27 25.09 -3.32
N HIS A 384 32.59 26.17 -3.71
CA HIS A 384 32.92 27.51 -3.25
C HIS A 384 31.84 27.94 -2.27
N GLN A 385 32.21 28.77 -1.30
CA GLN A 385 31.30 29.10 -0.21
C GLN A 385 29.95 29.53 -0.76
N LEU A 386 29.94 30.38 -1.78
CA LEU A 386 28.67 30.91 -2.28
C LEU A 386 27.86 29.87 -3.04
N GLU A 387 28.50 28.89 -3.69
CA GLU A 387 27.75 27.76 -4.22
C GLU A 387 26.92 27.12 -3.12
N LEU A 388 27.58 26.82 -1.99
CA LEU A 388 26.91 26.22 -0.84
C LEU A 388 25.80 27.12 -0.32
N GLU A 389 26.05 28.43 -0.27
CA GLU A 389 25.05 29.34 0.30
C GLU A 389 23.79 29.42 -0.57
N ALA A 390 23.95 29.52 -1.89
CA ALA A 390 22.79 29.52 -2.77
C ALA A 390 22.03 28.19 -2.67
N SER A 391 22.77 27.08 -2.66
CA SER A 391 22.17 25.77 -2.48
C SER A 391 21.33 25.73 -1.20
N TRP A 392 21.88 26.26 -0.11
CA TRP A 392 21.16 26.23 1.17
C TRP A 392 19.94 27.14 1.15
N VAL A 393 20.01 28.28 0.47
CA VAL A 393 18.81 29.10 0.32
C VAL A 393 17.65 28.24 -0.18
N PHE A 394 17.87 27.59 -1.32
CA PHE A 394 16.83 26.76 -1.92
C PHE A 394 16.41 25.61 -0.97
N ILE A 395 17.40 24.88 -0.44
CA ILE A 395 17.13 23.70 0.36
C ILE A 395 16.38 24.07 1.64
N ASP A 396 16.74 25.20 2.24
CA ASP A 396 16.09 25.65 3.46
C ASP A 396 14.63 25.96 3.19
N THR A 397 14.32 26.58 2.05
CA THR A 397 12.92 26.69 1.67
C THR A 397 12.22 25.34 1.74
N LEU A 398 12.80 24.33 1.10
CA LEU A 398 12.10 23.03 1.07
C LEU A 398 11.95 22.45 2.47
N ILE A 399 12.95 22.66 3.34
CA ILE A 399 12.87 22.14 4.70
C ILE A 399 11.73 22.81 5.46
N GLU A 400 11.62 24.13 5.34
CA GLU A 400 10.49 24.82 5.96
C GLU A 400 9.18 24.21 5.48
N GLY A 401 9.09 23.90 4.19
CA GLY A 401 7.89 23.23 3.70
C GLY A 401 7.64 21.89 4.39
N PHE A 402 8.70 21.10 4.58
CA PHE A 402 8.53 19.82 5.26
C PHE A 402 8.00 20.03 6.69
N ILE A 403 8.48 21.06 7.37
CA ILE A 403 8.07 21.29 8.75
C ILE A 403 6.60 21.70 8.81
N ASN A 404 6.14 22.49 7.83
CA ASN A 404 4.73 22.87 7.76
C ASN A 404 3.87 21.76 7.17
N ASN A 405 4.44 20.57 6.97
CA ASN A 405 3.71 19.47 6.35
C ASN A 405 3.02 19.94 5.07
N ALA A 406 3.73 20.74 4.27
CA ALA A 406 3.16 21.30 3.06
C ALA A 406 2.93 20.23 1.99
N THR A 407 3.57 19.07 2.11
CA THR A 407 3.28 17.90 1.30
C THR A 407 3.50 16.71 2.22
N PRO A 408 2.69 15.66 2.11
CA PRO A 408 2.76 14.58 3.09
C PRO A 408 4.00 13.70 2.94
N LEU A 409 4.36 13.07 4.06
CA LEU A 409 5.44 12.08 4.09
C LEU A 409 4.82 10.72 3.77
N TYR A 410 4.83 10.36 2.49
CA TYR A 410 4.29 9.07 2.10
C TYR A 410 5.19 7.94 2.60
N SER A 411 4.71 6.71 2.47
CA SER A 411 5.47 5.52 2.84
C SER A 411 5.71 4.68 1.59
N TYR A 412 6.74 3.85 1.63
CA TYR A 412 6.97 2.93 0.52
C TYR A 412 7.66 1.67 0.99
N GLU A 413 7.34 0.57 0.30
CA GLU A 413 7.91 -0.74 0.58
C GLU A 413 9.32 -0.85 0.01
N SER A 414 10.22 -1.32 0.83
CA SER A 414 11.57 -1.42 0.40
C SER A 414 11.78 -2.33 -0.81
N HIS A 415 12.45 -1.86 -1.83
CA HIS A 415 12.70 -2.61 -3.05
C HIS A 415 11.49 -2.92 -3.88
N ASN A 416 10.40 -2.20 -3.67
CA ASN A 416 9.19 -2.51 -4.42
C ASN A 416 8.42 -1.27 -4.86
N LEU A 417 9.03 -0.08 -4.80
CA LEU A 417 8.35 1.10 -5.29
C LEU A 417 8.11 1.04 -6.79
N ASN A 418 7.00 1.63 -7.21
CA ASN A 418 6.70 1.85 -8.63
C ASN A 418 6.88 3.34 -8.88
N GLU A 419 8.09 3.70 -9.32
CA GLU A 419 8.50 5.10 -9.35
C GLU A 419 7.67 5.93 -10.31
N SER A 420 7.34 5.38 -11.48
CA SER A 420 6.62 6.19 -12.47
C SER A 420 5.22 6.54 -11.99
N GLU A 421 4.55 5.64 -11.31
CA GLU A 421 3.23 5.93 -10.83
C GLU A 421 3.31 6.84 -9.66
N PHE A 422 4.28 6.62 -8.81
CA PHE A 422 4.40 7.43 -7.61
C PHE A 422 4.62 8.90 -7.92
N LEU A 423 5.26 9.22 -9.04
CA LEU A 423 5.62 10.60 -9.35
C LEU A 423 4.74 11.20 -10.44
N LYS A 424 3.69 10.52 -10.86
CA LYS A 424 2.76 11.10 -11.83
C LYS A 424 2.38 12.54 -11.47
N PRO A 425 2.10 12.88 -10.21
CA PRO A 425 1.82 14.30 -9.90
C PRO A 425 2.89 15.28 -10.36
N LEU A 426 4.17 14.90 -10.31
CA LEU A 426 5.22 15.84 -10.67
C LEU A 426 5.23 16.11 -12.17
N TYR A 427 5.00 15.06 -12.96
CA TYR A 427 5.16 15.15 -14.40
C TYR A 427 3.87 15.51 -15.12
N GLN A 428 2.72 15.39 -14.45
CA GLN A 428 1.44 15.78 -15.03
C GLN A 428 1.33 17.31 -15.02
N SER B 1 -2.54 31.30 41.77
CA SER B 1 -1.98 30.33 40.84
C SER B 1 -3.02 29.69 39.98
N GLU B 2 -4.10 30.37 39.65
CA GLU B 2 -5.05 29.82 38.71
C GLU B 2 -4.43 30.22 37.42
N PHE B 3 -3.83 31.39 37.43
CA PHE B 3 -3.23 31.91 36.24
C PHE B 3 -1.77 32.04 36.39
N MET B 4 -1.05 32.26 35.29
CA MET B 4 0.42 32.41 35.32
C MET B 4 1.12 31.38 36.19
N LEU B 5 0.92 30.10 35.89
CA LEU B 5 1.50 29.05 36.72
C LEU B 5 3.02 28.97 36.69
N ASP B 6 3.64 28.78 37.85
CA ASP B 6 5.08 28.64 37.91
C ASP B 6 5.45 27.19 38.08
N PHE B 7 5.98 26.56 37.04
CA PHE B 7 6.27 25.12 37.10
C PHE B 7 7.23 24.56 36.08
N ASP B 8 8.00 23.55 36.46
CA ASP B 8 8.81 22.82 35.49
C ASP B 8 8.26 21.42 35.35
N LEU B 9 8.15 20.95 34.12
CA LEU B 9 7.65 19.61 33.83
C LEU B 9 8.65 18.89 32.95
N VAL B 10 9.15 17.75 33.41
CA VAL B 10 10.01 16.88 32.62
C VAL B 10 9.16 15.77 32.04
N LEU B 11 9.09 15.71 30.71
CA LEU B 11 8.23 14.77 29.98
C LEU B 11 9.13 13.69 29.38
N PHE B 12 9.08 12.48 29.96
CA PHE B 12 10.01 11.42 29.56
C PHE B 12 9.67 10.75 28.23
N GLY B 13 8.41 10.47 27.95
CA GLY B 13 8.12 9.79 26.70
C GLY B 13 7.99 10.80 25.57
N ALA B 14 8.80 11.86 25.60
CA ALA B 14 8.50 13.05 24.79
C ALA B 14 8.57 12.84 23.29
N THR B 15 9.30 11.85 22.78
CA THR B 15 9.26 11.61 21.34
C THR B 15 8.24 10.54 20.97
N GLY B 16 7.49 10.02 21.94
CA GLY B 16 6.58 8.93 21.69
C GLY B 16 5.26 9.42 21.11
N ASP B 17 4.37 8.45 20.90
CA ASP B 17 3.12 8.75 20.20
C ASP B 17 2.18 9.61 21.06
N LEU B 18 1.99 9.23 22.32
CA LEU B 18 1.08 9.97 23.18
C LEU B 18 1.52 11.43 23.32
N ALA B 19 2.82 11.66 23.54
CA ALA B 19 3.33 13.02 23.67
C ALA B 19 2.97 13.84 22.43
N MET B 20 3.06 13.24 21.24
CA MET B 20 2.86 14.01 20.01
C MET B 20 1.41 14.10 19.57
N ARG B 21 0.53 13.28 20.04
CA ARG B 21 -0.85 13.42 19.70
C ARG B 21 -1.64 14.21 20.71
N LYS B 22 -1.43 13.99 21.99
CA LYS B 22 -2.27 14.64 22.95
C LYS B 22 -1.62 15.49 23.97
N LEU B 23 -0.39 15.23 24.34
CA LEU B 23 0.18 15.91 25.52
C LEU B 23 0.74 17.32 25.27
N PHE B 24 1.61 17.50 24.27
CA PHE B 24 2.17 18.84 24.03
C PHE B 24 1.07 19.83 23.67
N VAL B 25 0.07 19.36 22.91
CA VAL B 25 -1.07 20.21 22.60
C VAL B 25 -1.87 20.53 23.85
N SER B 26 -1.99 19.56 24.76
CA SER B 26 -2.68 19.83 26.02
C SER B 26 -1.97 20.92 26.81
N LEU B 27 -0.64 20.89 26.80
CA LEU B 27 0.13 21.94 27.46
C LEU B 27 -0.08 23.28 26.76
N TYR B 28 -0.18 23.27 25.44
CA TYR B 28 -0.47 24.52 24.72
C TYR B 28 -1.84 25.07 25.09
N GLU B 29 -2.83 24.19 25.22
CA GLU B 29 -4.17 24.62 25.62
C GLU B 29 -4.12 25.28 27.00
N ILE B 30 -3.43 24.64 27.95
CA ILE B 30 -3.27 25.25 29.27
C ILE B 30 -2.57 26.60 29.15
N TYR B 31 -1.54 26.67 28.30
CA TYR B 31 -0.79 27.91 28.16
C TYR B 31 -1.66 29.04 27.64
N THR B 32 -2.55 28.75 26.69
CA THR B 32 -3.39 29.81 26.13
C THR B 32 -4.54 30.16 27.05
N HIS B 33 -4.97 29.21 27.89
CA HIS B 33 -6.13 29.43 28.74
C HIS B 33 -5.77 29.97 30.12
N TYR B 34 -4.53 29.82 30.55
CA TYR B 34 -4.10 30.28 31.87
C TYR B 34 -2.79 31.06 31.88
N GLY B 35 -1.96 30.94 30.85
CA GLY B 35 -0.67 31.59 30.85
C GLY B 35 0.39 30.87 31.66
N PHE B 36 1.64 30.99 31.23
CA PHE B 36 2.80 30.48 31.96
C PHE B 36 3.60 31.66 32.49
N LYS B 37 4.17 31.49 33.68
CA LYS B 37 5.21 32.39 34.09
C LYS B 37 6.35 32.28 33.07
N LYS B 38 7.07 33.38 32.87
CA LYS B 38 8.06 33.41 31.78
C LYS B 38 9.08 32.28 31.92
N ASP B 39 9.43 31.90 33.15
CA ASP B 39 10.49 30.93 33.37
C ASP B 39 9.96 29.52 33.65
N SER B 40 8.68 29.26 33.44
CA SER B 40 8.17 27.90 33.55
C SER B 40 8.68 27.08 32.39
N LYS B 41 9.20 25.88 32.69
CA LYS B 41 9.94 25.11 31.69
C LYS B 41 9.26 23.79 31.40
N ILE B 42 9.20 23.45 30.12
CA ILE B 42 8.74 22.16 29.65
C ILE B 42 9.94 21.47 29.01
N ILE B 43 10.51 20.50 29.72
CA ILE B 43 11.74 19.84 29.31
C ILE B 43 11.33 18.49 28.71
N ALA B 44 11.30 18.43 27.38
CA ALA B 44 11.07 17.17 26.70
C ALA B 44 12.32 16.31 26.80
N SER B 45 12.13 15.02 27.03
CA SER B 45 13.24 14.11 27.19
C SER B 45 12.95 12.82 26.43
N GLY B 46 14.01 12.22 25.91
CA GLY B 46 13.96 10.94 25.25
C GLY B 46 15.31 10.29 25.39
N ARG B 47 15.45 9.13 24.77
CA ARG B 47 16.70 8.36 24.90
C ARG B 47 17.72 8.70 23.84
N LYS B 48 17.31 9.15 22.67
CA LYS B 48 18.22 9.57 21.61
C LYS B 48 18.70 10.99 21.88
N GLU B 49 19.88 11.31 21.34
CA GLU B 49 20.44 12.64 21.48
C GLU B 49 19.88 13.55 20.40
N LEU B 50 19.23 14.64 20.81
CA LEU B 50 18.78 15.68 19.88
C LEU B 50 19.14 17.04 20.44
N SER B 51 19.23 18.00 19.54
CA SER B 51 19.36 19.40 19.93
C SER B 51 17.97 20.01 20.07
N ASN B 52 17.90 21.12 20.80
CA ASN B 52 16.64 21.84 20.94
C ASN B 52 16.03 22.11 19.57
N GLU B 53 16.85 22.56 18.62
CA GLU B 53 16.33 22.87 17.29
C GLU B 53 15.77 21.63 16.59
N GLU B 54 16.41 20.48 16.77
CA GLU B 54 15.94 19.29 16.06
C GLU B 54 14.65 18.76 16.67
N PHE B 55 14.55 18.79 18.00
CA PHE B 55 13.30 18.36 18.63
C PHE B 55 12.18 19.35 18.32
N LEU B 56 12.50 20.65 18.31
CA LEU B 56 11.51 21.65 17.89
C LEU B 56 11.07 21.42 16.44
N ALA B 57 11.98 21.00 15.57
CA ALA B 57 11.50 20.71 14.22
C ALA B 57 10.54 19.52 14.22
N LEU B 58 10.89 18.44 14.94
CA LEU B 58 10.05 17.24 14.95
C LEU B 58 8.67 17.53 15.52
N LEU B 59 8.63 18.22 16.67
CA LEU B 59 7.37 18.53 17.35
C LEU B 59 6.51 19.44 16.48
N CYS B 60 7.12 20.45 15.86
CA CYS B 60 6.32 21.36 15.04
C CYS B 60 5.80 20.69 13.80
N GLU B 61 6.52 19.71 13.25
CA GLU B 61 5.97 19.02 12.08
C GLU B 61 4.85 18.08 12.47
N LYS B 62 4.97 17.40 13.60
CA LYS B 62 3.94 16.45 14.01
C LYS B 62 2.71 17.14 14.58
N THR B 63 2.84 18.38 15.05
CA THR B 63 1.82 19.06 15.79
C THR B 63 1.36 20.38 15.17
N GLN B 64 2.21 21.05 14.41
CA GLN B 64 1.88 22.33 13.80
C GLN B 64 1.53 23.37 14.87
N LEU B 65 2.16 23.25 16.05
CA LEU B 65 1.91 24.20 17.13
C LEU B 65 2.44 25.58 16.78
N HIS B 66 3.49 25.65 15.97
CA HIS B 66 4.09 26.93 15.62
C HIS B 66 3.13 27.82 14.83
N SER B 67 2.20 27.23 14.09
CA SER B 67 1.26 28.01 13.30
C SER B 67 -0.01 28.35 14.06
N ARG B 68 -0.12 27.94 15.31
CA ARG B 68 -1.28 28.24 16.13
C ARG B 68 -1.17 29.65 16.70
N GLU B 69 -2.27 30.10 17.32
CA GLU B 69 -2.43 31.51 17.63
C GLU B 69 -1.23 32.06 18.40
N LYS B 70 -0.86 31.41 19.50
CA LYS B 70 0.28 31.82 20.32
C LYS B 70 1.41 30.78 20.24
N GLY B 71 1.60 30.20 19.06
CA GLY B 71 2.46 29.02 18.95
C GLY B 71 3.90 29.28 19.31
N GLU B 72 4.52 30.30 18.69
CA GLU B 72 5.95 30.51 18.88
C GLU B 72 6.28 30.88 20.32
N GLU B 73 5.40 31.64 20.99
CA GLU B 73 5.64 31.98 22.39
C GLU B 73 5.56 30.76 23.28
N PHE B 74 4.60 29.87 23.03
CA PHE B 74 4.53 28.61 23.78
C PHE B 74 5.79 27.78 23.56
N LEU B 75 6.21 27.65 22.29
CA LEU B 75 7.38 26.82 21.99
C LEU B 75 8.63 27.34 22.69
N ALA B 76 8.68 28.64 22.95
CA ALA B 76 9.84 29.22 23.63
C ALA B 76 10.03 28.64 25.03
N HIS B 77 9.02 28.00 25.60
CA HIS B 77 9.11 27.38 26.91
C HIS B 77 9.67 25.97 26.86
N ILE B 78 9.99 25.45 25.68
CA ILE B 78 10.29 24.04 25.49
C ILE B 78 11.77 23.85 25.18
N SER B 79 12.38 22.83 25.78
CA SER B 79 13.73 22.41 25.48
C SER B 79 13.78 20.88 25.49
N TYR B 80 14.87 20.33 24.96
CA TYR B 80 15.07 18.89 24.95
C TYR B 80 16.24 18.52 25.83
N PHE B 81 16.11 17.42 26.56
CA PHE B 81 17.17 16.94 27.44
C PHE B 81 17.20 15.43 27.34
N CYS B 82 18.31 14.90 26.83
CA CYS B 82 18.47 13.46 26.67
C CYS B 82 18.74 12.78 28.01
N VAL B 83 17.93 11.77 28.32
CA VAL B 83 18.17 10.91 29.49
C VAL B 83 17.95 9.48 29.01
N ARG B 84 18.97 8.65 29.15
CA ARG B 84 18.95 7.27 28.68
C ARG B 84 18.59 6.27 29.76
N LEU B 85 18.11 5.12 29.30
CA LEU B 85 17.69 4.01 30.15
C LEU B 85 18.75 3.68 31.19
N ASP B 86 18.38 3.84 32.47
CA ASP B 86 19.26 3.49 33.59
C ASP B 86 20.67 4.03 33.43
N ASN B 87 20.79 5.29 33.04
CA ASN B 87 22.12 5.89 32.83
C ASN B 87 22.38 6.85 33.98
N PRO B 88 23.31 6.54 34.89
CA PRO B 88 23.45 7.39 36.09
C PRO B 88 23.94 8.78 35.78
N LYS B 89 24.70 8.98 34.70
CA LYS B 89 25.22 10.30 34.39
C LYS B 89 24.16 11.20 33.79
N ASP B 90 23.26 10.64 32.98
CA ASP B 90 22.14 11.41 32.47
C ASP B 90 21.22 11.88 33.59
N PHE B 91 20.97 11.04 34.61
CA PHE B 91 20.16 11.51 35.73
C PHE B 91 20.92 12.47 36.62
N GLU B 92 22.25 12.34 36.69
CA GLU B 92 23.01 13.36 37.41
C GLU B 92 22.92 14.72 36.72
N GLU B 93 23.10 14.72 35.40
CA GLU B 93 22.98 15.96 34.63
C GLU B 93 21.57 16.53 34.73
N LEU B 94 20.56 15.65 34.73
CA LEU B 94 19.18 16.11 34.86
C LEU B 94 18.97 16.81 36.21
N SER B 95 19.53 16.24 37.29
CA SER B 95 19.33 16.87 38.59
C SER B 95 20.21 18.10 38.78
N LYS B 96 21.26 18.27 37.97
CA LYS B 96 22.03 19.52 38.02
C LYS B 96 21.27 20.73 37.48
N ILE B 97 20.17 20.54 36.74
CA ILE B 97 19.41 21.65 36.19
C ILE B 97 18.02 21.78 36.79
N ALA B 98 17.59 20.86 37.64
CA ALA B 98 16.24 20.89 38.20
C ALA B 98 16.07 21.99 39.22
N THR B 99 14.96 22.73 39.11
CA THR B 99 14.66 23.77 40.08
C THR B 99 14.37 23.18 41.45
N LYS B 100 14.73 23.94 42.48
CA LYS B 100 14.37 23.68 43.86
C LYS B 100 13.36 24.69 44.38
N ASN B 101 12.82 25.51 43.48
CA ASN B 101 12.03 26.68 43.82
C ASN B 101 10.58 26.62 43.37
N LYS B 102 10.20 25.63 42.56
CA LYS B 102 8.82 25.53 42.08
C LYS B 102 8.46 24.06 41.91
N PRO B 103 7.18 23.76 41.77
CA PRO B 103 6.76 22.38 41.51
C PRO B 103 7.48 21.82 40.30
N LEU B 104 8.05 20.63 40.47
CA LEU B 104 8.80 19.95 39.41
C LEU B 104 8.09 18.62 39.15
N ILE B 105 7.55 18.49 37.95
CA ILE B 105 6.69 17.37 37.58
C ILE B 105 7.44 16.50 36.60
N PHE B 106 7.50 15.20 36.88
CA PHE B 106 8.07 14.21 35.98
C PHE B 106 6.91 13.41 35.40
N TYR B 107 6.78 13.42 34.07
CA TYR B 107 5.70 12.73 33.39
C TYR B 107 6.25 11.44 32.77
N PHE B 108 5.71 10.30 33.19
CA PHE B 108 6.18 9.00 32.71
C PHE B 108 5.30 8.57 31.53
N SER B 109 5.55 9.20 30.39
CA SER B 109 4.89 8.79 29.15
C SER B 109 5.71 7.66 28.53
N ILE B 110 5.98 6.67 29.36
CA ILE B 110 6.83 5.58 28.97
C ILE B 110 6.16 4.28 29.36
N SER B 111 6.78 3.16 29.09
CA SER B 111 6.18 1.86 29.38
C SER B 111 6.33 1.51 30.86
N PRO B 112 5.34 0.85 31.47
CA PRO B 112 5.39 0.65 32.93
C PRO B 112 6.59 -0.14 33.41
N SER B 113 7.19 -0.97 32.55
CA SER B 113 8.36 -1.73 32.98
C SER B 113 9.52 -0.82 33.34
N PHE B 114 9.45 0.44 32.98
CA PHE B 114 10.51 1.38 33.24
C PHE B 114 10.16 2.41 34.27
N PHE B 115 9.15 2.19 35.07
CA PHE B 115 8.70 3.15 36.03
C PHE B 115 9.48 3.10 37.29
N THR B 116 9.60 1.94 37.89
CA THR B 116 10.35 1.75 39.12
C THR B 116 11.78 2.10 38.96
N THR B 117 12.40 1.64 37.93
CA THR B 117 13.78 2.01 37.62
C THR B 117 13.90 3.52 37.53
N THR B 118 13.06 4.16 36.72
CA THR B 118 13.15 5.61 36.57
C THR B 118 12.98 6.29 37.92
N ALA B 119 11.93 5.91 38.65
CA ALA B 119 11.72 6.50 39.97
C ALA B 119 12.95 6.34 40.83
N GLN B 120 13.58 5.16 40.80
CA GLN B 120 14.78 4.97 41.61
C GLN B 120 15.88 5.94 41.17
N ASN B 121 16.13 6.00 39.85
CA ASN B 121 17.15 6.93 39.37
C ASN B 121 16.78 8.37 39.64
N LEU B 122 15.49 8.66 39.87
CA LEU B 122 15.11 10.01 40.27
C LEU B 122 15.47 10.24 41.73
N ALA B 123 15.10 9.31 42.62
CA ALA B 123 15.38 9.49 44.04
C ALA B 123 16.86 9.33 44.34
N GLN B 124 17.56 8.56 43.51
CA GLN B 124 19.00 8.35 43.67
C GLN B 124 19.81 9.62 43.44
N ASN B 125 19.21 10.68 42.86
CA ASN B 125 19.92 11.93 42.58
C ASN B 125 19.25 13.10 43.29
N ALA B 126 18.60 12.85 44.43
CA ALA B 126 17.96 13.90 45.21
C ALA B 126 16.92 14.66 44.38
N LEU B 127 16.19 13.91 43.54
CA LEU B 127 15.09 14.46 42.76
C LEU B 127 13.74 14.02 43.32
N ASN B 128 13.69 13.68 44.61
CA ASN B 128 12.47 13.23 45.28
C ASN B 128 12.16 14.10 46.48
N HIS B 129 12.64 15.35 46.47
CA HIS B 129 12.30 16.31 47.50
C HIS B 129 10.82 16.71 47.39
N ALA B 130 10.37 17.53 48.33
CA ALA B 130 8.93 17.79 48.45
C ALA B 130 8.34 18.44 47.21
N ASN B 131 9.12 19.22 46.46
CA ASN B 131 8.57 19.91 45.30
C ASN B 131 8.42 19.02 44.07
N THR B 132 8.62 17.71 44.20
CA THR B 132 8.59 16.80 43.06
C THR B 132 7.29 16.02 43.02
N ARG B 133 6.79 15.79 41.80
CA ARG B 133 5.60 14.99 41.58
C ARG B 133 5.85 14.03 40.43
N LEU B 134 5.32 12.83 40.55
CA LEU B 134 5.43 11.81 39.52
C LEU B 134 4.04 11.58 38.94
N ILE B 135 3.94 11.61 37.62
CA ILE B 135 2.70 11.27 36.92
C ILE B 135 2.94 9.97 36.18
N LEU B 136 2.22 8.92 36.57
CA LEU B 136 2.43 7.58 36.07
C LEU B 136 1.34 7.26 35.06
N GLU B 137 1.67 6.45 34.05
CA GLU B 137 0.71 6.13 32.97
C GLU B 137 -0.40 5.16 33.37
N LYS B 138 -1.44 5.07 32.52
CA LYS B 138 -2.56 4.16 32.78
C LYS B 138 -2.22 2.69 33.08
N PRO B 139 -1.40 2.03 32.24
CA PRO B 139 -1.11 0.65 32.64
C PRO B 139 -0.16 0.65 33.84
N LEU B 140 -0.67 0.33 35.02
CA LEU B 140 0.17 0.25 36.21
C LEU B 140 0.53 -1.15 36.43
N GLY B 141 1.54 -1.60 35.73
CA GLY B 141 1.96 -2.98 35.74
C GLY B 141 1.29 -3.77 34.62
N HIS B 142 1.55 -5.08 34.62
CA HIS B 142 0.84 -5.98 33.72
C HIS B 142 0.12 -7.09 34.46
N ASP B 143 0.05 -7.01 35.79
CA ASP B 143 -0.74 -7.94 36.60
C ASP B 143 -0.74 -7.39 38.02
N LEU B 144 -1.42 -8.10 38.93
CA LEU B 144 -1.53 -7.60 40.29
C LEU B 144 -0.17 -7.59 40.99
N LYS B 145 0.64 -8.63 40.76
CA LYS B 145 1.96 -8.70 41.39
C LYS B 145 2.78 -7.47 41.03
N THR B 146 2.88 -7.16 39.73
CA THR B 146 3.70 -6.05 39.29
C THR B 146 3.08 -4.70 39.67
N CYS B 147 1.76 -4.59 39.70
CA CYS B 147 1.15 -3.35 40.18
C CYS B 147 1.56 -3.07 41.62
N LYS B 148 1.34 -4.05 42.50
CA LYS B 148 1.77 -3.92 43.89
C LYS B 148 3.26 -3.64 43.98
N GLU B 149 4.06 -4.29 43.12
CA GLU B 149 5.50 -4.12 43.17
C GLU B 149 5.90 -2.70 42.80
N ILE B 150 5.36 -2.16 41.70
CA ILE B 150 5.72 -0.80 41.31
C ILE B 150 5.33 0.16 42.42
N PHE B 151 4.12 0.00 42.98
CA PHE B 151 3.72 0.88 44.06
C PHE B 151 4.70 0.79 45.22
N GLN B 152 5.02 -0.43 45.66
CA GLN B 152 5.93 -0.59 46.79
C GLN B 152 7.31 0.01 46.50
N SER B 153 7.84 -0.25 45.32
CA SER B 153 9.19 0.22 44.99
C SER B 153 9.24 1.74 44.93
N ILE B 154 8.19 2.36 44.40
CA ILE B 154 8.18 3.82 44.27
C ILE B 154 7.87 4.48 45.61
N SER B 155 6.99 3.87 46.41
CA SER B 155 6.61 4.41 47.72
C SER B 155 7.76 4.41 48.70
N ALA B 156 8.89 3.80 48.35
CA ALA B 156 10.05 3.79 49.23
C ALA B 156 10.80 5.12 49.21
N PHE B 157 10.73 5.84 48.09
CA PHE B 157 11.41 7.12 47.93
C PHE B 157 10.49 8.30 47.67
N PHE B 158 9.21 8.06 47.42
CA PHE B 158 8.25 9.14 47.22
C PHE B 158 7.05 8.94 48.12
N LYS B 159 6.57 10.04 48.69
CA LYS B 159 5.39 9.98 49.53
C LYS B 159 4.16 9.94 48.63
N GLU B 160 3.06 9.44 49.14
CA GLU B 160 1.86 9.26 48.34
C GLU B 160 1.30 10.48 47.70
N GLU B 161 1.47 11.60 48.34
CA GLU B 161 1.03 12.85 47.77
C GLU B 161 1.85 13.29 46.60
N GLN B 162 2.91 12.60 46.30
CA GLN B 162 3.76 12.89 45.15
C GLN B 162 3.44 12.01 43.94
N ILE B 163 2.51 11.08 44.07
CA ILE B 163 2.23 10.07 43.04
C ILE B 163 0.86 10.33 42.45
N PHE B 164 0.79 10.41 41.11
CA PHE B 164 -0.43 10.66 40.38
C PHE B 164 -0.62 9.58 39.34
N ARG B 165 -1.59 8.69 39.54
CA ARG B 165 -1.89 7.63 38.57
C ARG B 165 -2.92 8.18 37.59
N ILE B 166 -2.47 8.48 36.38
CA ILE B 166 -3.31 9.15 35.40
C ILE B 166 -4.10 8.12 34.60
N ASP B 167 -5.40 8.35 34.47
CA ASP B 167 -6.28 7.57 33.61
C ASP B 167 -7.16 8.61 32.92
N HIS B 168 -6.82 8.95 31.68
CA HIS B 168 -7.37 10.18 31.10
C HIS B 168 -8.85 10.07 30.79
N TYR B 169 -9.46 8.88 30.90
CA TYR B 169 -10.91 8.79 30.77
C TYR B 169 -11.62 9.52 31.90
N LEU B 170 -10.98 9.63 33.06
CA LEU B 170 -11.57 10.36 34.18
C LEU B 170 -11.63 11.86 33.93
N GLY B 171 -10.96 12.36 32.90
CA GLY B 171 -11.09 13.74 32.50
C GLY B 171 -11.99 13.96 31.31
N LYS B 172 -12.58 12.91 30.76
CA LYS B 172 -13.52 13.04 29.65
C LYS B 172 -14.88 13.48 30.18
N LYS B 173 -15.43 14.56 29.59
CA LYS B 173 -16.74 15.03 30.03
C LYS B 173 -17.79 13.92 29.94
N GLY B 174 -17.76 13.17 28.85
CA GLY B 174 -18.71 12.06 28.69
C GLY B 174 -18.65 11.07 29.83
N VAL B 175 -17.44 10.77 30.32
CA VAL B 175 -17.31 9.83 31.42
C VAL B 175 -17.83 10.43 32.71
N GLN B 176 -17.51 11.70 32.97
CA GLN B 176 -17.97 12.37 34.17
C GLN B 176 -19.49 12.48 34.24
N ASN B 177 -20.14 12.56 33.07
CA ASN B 177 -21.59 12.70 33.04
C ASN B 177 -22.26 11.54 33.77
N ILE B 178 -21.70 10.33 33.66
CA ILE B 178 -22.31 9.16 34.28
C ILE B 178 -22.55 9.42 35.76
N LEU B 179 -21.48 9.75 36.48
CA LEU B 179 -21.59 9.85 37.93
C LEU B 179 -22.34 11.11 38.33
N GLU B 180 -22.15 12.21 37.60
CA GLU B 180 -22.89 13.43 37.92
C GLU B 180 -24.39 13.19 37.82
N LEU B 181 -24.84 12.61 36.69
CA LEU B 181 -26.26 12.34 36.51
C LEU B 181 -26.78 11.38 37.58
N ARG B 182 -26.00 10.33 37.89
CA ARG B 182 -26.47 9.39 38.88
C ARG B 182 -26.66 10.08 40.23
N LEU B 183 -25.76 11.00 40.59
CA LEU B 183 -25.86 11.64 41.89
C LEU B 183 -26.97 12.69 41.93
N ASN B 184 -27.32 13.29 40.79
CA ASN B 184 -28.20 14.45 40.80
C ASN B 184 -29.56 14.20 40.14
N ASN B 185 -29.99 12.93 40.03
CA ASN B 185 -31.26 12.61 39.38
C ASN B 185 -31.86 11.35 40.00
N PRO B 186 -32.78 11.48 40.97
CA PRO B 186 -33.41 10.29 41.59
C PRO B 186 -34.05 9.33 40.58
N ILE B 187 -34.53 9.85 39.48
CA ILE B 187 -35.06 8.99 38.47
C ILE B 187 -34.10 7.87 38.15
N LEU B 188 -32.81 8.17 38.07
CA LEU B 188 -31.86 7.12 37.78
C LEU B 188 -31.65 6.20 38.98
N ASN B 189 -31.77 6.73 40.20
CA ASN B 189 -31.73 5.84 41.36
C ASN B 189 -32.77 4.76 41.26
N ILE B 190 -33.95 5.11 40.73
CA ILE B 190 -35.01 4.11 40.63
C ILE B 190 -34.76 3.18 39.46
N LEU B 191 -34.38 3.73 38.31
CA LEU B 191 -34.23 2.89 37.13
C LEU B 191 -33.00 1.98 37.20
N TRP B 192 -32.00 2.31 38.01
CA TRP B 192 -30.82 1.47 38.10
C TRP B 192 -31.13 0.08 38.65
N ASP B 193 -32.23 -0.08 39.38
CA ASP B 193 -32.61 -1.39 39.91
C ASP B 193 -33.25 -2.31 38.87
N GLN B 194 -33.55 -1.82 37.66
CA GLN B 194 -34.16 -2.66 36.63
C GLN B 194 -33.29 -2.72 35.37
N ILE B 195 -32.00 -2.46 35.50
CA ILE B 195 -31.11 -2.57 34.36
C ILE B 195 -31.08 -4.02 33.89
N SER B 196 -31.13 -4.22 32.58
CA SER B 196 -31.08 -5.55 32.00
C SER B 196 -29.75 -5.89 31.35
N ALA B 197 -28.96 -4.89 30.98
CA ALA B 197 -27.65 -5.12 30.39
C ALA B 197 -26.91 -3.79 30.29
N VAL B 198 -25.59 -3.85 30.40
CA VAL B 198 -24.72 -2.69 30.23
C VAL B 198 -23.73 -3.01 29.12
N GLU B 199 -23.43 -2.02 28.28
CA GLU B 199 -22.48 -2.17 27.19
C GLU B 199 -21.49 -1.02 27.21
N ILE B 200 -20.23 -1.33 27.50
CA ILE B 200 -19.12 -0.38 27.45
C ILE B 200 -18.25 -0.78 26.26
N CYS B 201 -18.09 0.13 25.30
CA CYS B 201 -17.47 -0.21 24.01
C CYS B 201 -16.52 0.90 23.57
N VAL B 202 -15.29 0.52 23.24
CA VAL B 202 -14.31 1.46 22.67
C VAL B 202 -13.62 0.79 21.47
N TYR B 203 -13.97 1.25 20.28
CA TYR B 203 -13.36 0.78 19.05
C TYR B 203 -12.56 1.92 18.43
N GLU B 204 -11.40 1.58 17.89
CA GLU B 204 -10.54 2.54 17.20
C GLU B 204 -10.22 2.01 15.82
N THR B 205 -10.09 2.94 14.87
CA THR B 205 -9.62 2.55 13.55
C THR B 205 -8.11 2.44 13.51
N LEU B 206 -7.43 3.09 14.43
CA LEU B 206 -6.02 3.02 14.47
C LEU B 206 -5.58 1.75 15.05
N GLY B 207 -4.36 1.37 14.74
CA GLY B 207 -3.75 0.20 15.31
C GLY B 207 -2.61 0.51 16.22
N VAL B 208 -1.65 -0.35 16.36
CA VAL B 208 -0.58 -0.18 17.33
C VAL B 208 0.25 1.07 17.17
N GLU B 209 0.19 1.68 16.01
CA GLU B 209 0.88 2.96 15.82
C GLU B 209 2.38 2.88 16.05
N GLU B 210 2.98 1.82 15.56
CA GLU B 210 4.41 1.61 15.72
C GLU B 210 4.88 1.60 17.16
N ARG B 211 4.07 1.03 18.05
CA ARG B 211 4.43 0.92 19.42
C ARG B 211 4.35 -0.55 19.75
N GLY B 212 4.78 -1.40 18.83
CA GLY B 212 4.69 -2.84 19.02
C GLY B 212 5.44 -3.41 20.15
N GLU B 213 6.61 -2.93 20.36
CA GLU B 213 7.35 -3.35 21.49
C GLU B 213 6.54 -3.30 22.77
N PHE B 214 5.91 -2.17 23.05
CA PHE B 214 5.09 -2.06 24.24
C PHE B 214 3.82 -2.87 24.09
N TYR B 215 3.14 -2.72 22.94
CA TYR B 215 1.81 -3.33 22.82
C TYR B 215 1.89 -4.83 22.96
N ASP B 216 2.92 -5.45 22.37
CA ASP B 216 3.00 -6.89 22.35
C ASP B 216 3.21 -7.48 23.73
N LYS B 217 3.64 -6.68 24.71
CA LYS B 217 3.75 -7.16 26.08
C LYS B 217 2.48 -6.90 26.88
N ILE B 218 1.50 -6.23 26.28
CA ILE B 218 0.35 -5.72 27.03
C ILE B 218 -0.95 -6.26 26.42
N GLY B 219 -1.20 -5.95 25.16
CA GLY B 219 -2.42 -6.39 24.50
C GLY B 219 -3.61 -5.54 24.87
N ALA B 220 -4.67 -5.67 24.06
CA ALA B 220 -5.83 -4.78 24.17
C ALA B 220 -6.44 -4.81 25.57
N LEU B 221 -6.59 -6.01 26.14
CA LEU B 221 -7.30 -6.15 27.41
C LEU B 221 -6.66 -5.29 28.50
N ARG B 222 -5.36 -5.38 28.65
CA ARG B 222 -4.68 -4.58 29.66
C ARG B 222 -4.47 -3.15 29.21
N ASP B 223 -4.33 -2.93 27.91
CA ASP B 223 -4.12 -1.58 27.41
C ASP B 223 -5.29 -0.68 27.80
N MET B 224 -6.52 -1.14 27.59
CA MET B 224 -7.63 -0.23 27.80
C MET B 224 -8.68 -0.75 28.77
N VAL B 225 -8.88 -2.07 28.83
CA VAL B 225 -9.95 -2.62 29.65
C VAL B 225 -9.56 -2.61 31.12
N GLN B 226 -8.30 -2.91 31.43
CA GLN B 226 -7.88 -2.95 32.83
C GLN B 226 -8.13 -1.62 33.54
N ASN B 227 -8.00 -0.49 32.83
CA ASN B 227 -8.06 0.82 33.45
C ASN B 227 -9.27 1.63 33.00
N HIS B 228 -9.36 1.99 31.72
CA HIS B 228 -10.41 2.90 31.28
C HIS B 228 -11.79 2.28 31.47
N LEU B 229 -12.04 1.16 30.78
CA LEU B 229 -13.37 0.59 30.78
C LEU B 229 -13.79 0.12 32.17
N LEU B 230 -12.86 -0.37 32.98
CA LEU B 230 -13.26 -0.80 34.32
C LEU B 230 -13.51 0.38 35.24
N GLN B 231 -12.78 1.50 35.06
CA GLN B 231 -13.16 2.73 35.75
C GLN B 231 -14.59 3.12 35.39
N VAL B 232 -14.92 3.07 34.10
CA VAL B 232 -16.27 3.41 33.66
C VAL B 232 -17.29 2.47 34.30
N LEU B 233 -17.00 1.17 34.31
CA LEU B 233 -17.91 0.22 34.94
C LEU B 233 -18.12 0.58 36.41
N SER B 234 -17.04 0.90 37.13
CA SER B 234 -17.17 1.22 38.54
C SER B 234 -18.02 2.47 38.72
N LEU B 235 -17.89 3.44 37.82
CA LEU B 235 -18.71 4.64 37.90
C LEU B 235 -20.18 4.31 37.63
N ILE B 236 -20.45 3.32 36.78
CA ILE B 236 -21.83 2.93 36.53
C ILE B 236 -22.44 2.22 37.74
N ALA B 237 -21.66 1.33 38.36
CA ALA B 237 -22.22 0.52 39.46
C ALA B 237 -22.07 1.03 40.89
N THR B 238 -21.36 2.14 41.09
CA THR B 238 -21.11 2.63 42.45
C THR B 238 -22.32 2.80 43.33
N ASP B 239 -22.33 2.16 44.50
CA ASP B 239 -23.42 2.40 45.43
C ASP B 239 -23.18 3.85 45.82
N LEU B 240 -24.12 4.74 45.52
CA LEU B 240 -23.90 6.17 45.73
C LEU B 240 -23.79 6.43 47.23
N PRO B 241 -22.68 6.94 47.72
CA PRO B 241 -22.53 7.12 49.17
C PRO B 241 -23.17 8.41 49.67
N ASP B 242 -23.52 8.40 50.95
CA ASP B 242 -24.05 9.60 51.59
C ASP B 242 -22.99 10.69 51.62
N ASP B 243 -21.74 10.32 51.90
CA ASP B 243 -20.61 11.24 51.84
C ASP B 243 -19.74 10.90 50.65
N LEU B 244 -19.45 11.91 49.82
CA LEU B 244 -18.69 11.66 48.61
C LEU B 244 -17.26 11.21 48.89
N LYS B 245 -16.73 11.53 50.07
CA LYS B 245 -15.38 11.09 50.42
C LYS B 245 -15.28 9.58 50.56
N ASP B 246 -16.40 8.87 50.70
CA ASP B 246 -16.40 7.41 50.70
C ASP B 246 -16.49 6.83 49.30
N LEU B 247 -16.55 7.67 48.27
CA LEU B 247 -16.75 7.18 46.91
C LEU B 247 -15.69 6.14 46.55
N ARG B 248 -14.41 6.48 46.74
CA ARG B 248 -13.35 5.52 46.46
C ARG B 248 -13.67 4.17 47.10
N LYS B 249 -13.98 4.15 48.40
CA LYS B 249 -14.33 2.90 49.06
C LYS B 249 -15.33 2.13 48.20
N GLU B 250 -16.46 2.78 47.92
CA GLU B 250 -17.55 2.07 47.25
C GLU B 250 -17.11 1.57 45.88
N LYS B 251 -16.32 2.37 45.15
CA LYS B 251 -15.85 1.91 43.86
C LYS B 251 -15.09 0.60 44.01
N ILE B 252 -14.12 0.56 44.93
CA ILE B 252 -13.39 -0.68 45.18
C ILE B 252 -14.37 -1.80 45.41
N LYS B 253 -15.37 -1.55 46.26
CA LYS B 253 -16.35 -2.58 46.59
C LYS B 253 -16.88 -3.24 45.33
N VAL B 254 -17.41 -2.45 44.39
CA VAL B 254 -18.03 -3.07 43.23
C VAL B 254 -16.98 -3.80 42.39
N LEU B 255 -15.79 -3.22 42.27
CA LEU B 255 -14.77 -3.89 41.46
C LEU B 255 -14.42 -5.24 42.05
N LYS B 256 -14.55 -5.37 43.38
CA LYS B 256 -14.24 -6.65 44.01
C LYS B 256 -15.32 -7.69 43.79
N THR B 257 -16.52 -7.28 43.37
CA THR B 257 -17.60 -8.23 43.11
C THR B 257 -17.55 -8.79 41.70
N LEU B 258 -16.60 -8.36 40.88
CA LEU B 258 -16.48 -8.89 39.53
C LEU B 258 -16.24 -10.38 39.59
N GLN B 259 -17.08 -11.13 38.88
CA GLN B 259 -16.95 -12.57 38.89
C GLN B 259 -16.07 -13.04 37.74
N PRO B 260 -15.19 -14.02 37.96
CA PRO B 260 -14.49 -14.66 36.86
C PRO B 260 -15.46 -15.47 36.01
N PRO B 261 -15.13 -15.71 34.74
CA PRO B 261 -16.08 -16.34 33.82
C PRO B 261 -16.63 -17.67 34.33
N LYS B 262 -17.93 -17.86 34.13
CA LYS B 262 -18.55 -19.17 34.35
C LYS B 262 -18.14 -20.14 33.25
N ASN B 263 -17.95 -19.63 32.03
CA ASN B 263 -17.52 -20.42 30.88
C ASN B 263 -16.68 -19.52 29.98
N PHE B 264 -15.37 -19.76 29.93
CA PHE B 264 -14.48 -18.86 29.21
C PHE B 264 -14.86 -18.72 27.74
N LYS B 265 -15.12 -19.84 27.06
CA LYS B 265 -15.41 -19.76 25.63
C LYS B 265 -16.69 -18.98 25.35
N LYS B 266 -17.67 -19.06 26.26
CA LYS B 266 -18.95 -18.39 26.07
C LYS B 266 -18.96 -16.93 26.55
N GLN B 267 -17.97 -16.51 27.34
CA GLN B 267 -17.98 -15.19 27.95
C GLN B 267 -16.79 -14.33 27.55
N VAL B 268 -15.86 -14.85 26.76
CA VAL B 268 -14.66 -14.11 26.39
C VAL B 268 -14.34 -14.42 24.94
N ILE B 269 -14.18 -13.37 24.14
CA ILE B 269 -13.80 -13.50 22.74
C ILE B 269 -12.59 -12.61 22.53
N ARG B 270 -11.51 -13.16 21.99
CA ARG B 270 -10.31 -12.42 21.72
C ARG B 270 -9.98 -12.58 20.27
N ALA B 271 -9.17 -11.68 19.73
CA ALA B 271 -8.79 -11.75 18.32
C ALA B 271 -7.64 -10.80 18.05
N GLN B 272 -7.05 -10.97 16.86
CA GLN B 272 -5.85 -10.26 16.44
C GLN B 272 -5.97 -9.95 14.95
N TYR B 273 -5.68 -8.71 14.56
CA TYR B 273 -5.90 -8.33 13.18
C TYR B 273 -4.76 -8.83 12.29
N GLN B 274 -5.10 -9.13 11.04
CA GLN B 274 -4.11 -9.60 10.08
C GLN B 274 -3.08 -8.52 9.82
N GLY B 275 -1.81 -8.91 9.84
CA GLY B 275 -0.71 -7.98 9.68
C GLY B 275 -0.11 -7.50 10.97
N TYR B 276 -0.76 -7.80 12.11
CA TYR B 276 -0.19 -7.42 13.40
C TYR B 276 1.17 -8.07 13.63
N ARG B 277 1.28 -9.36 13.30
CA ARG B 277 2.54 -10.07 13.48
C ARG B 277 3.64 -9.53 12.58
N ASP B 278 3.28 -8.78 11.54
CA ASP B 278 4.26 -8.19 10.64
C ASP B 278 4.66 -6.78 11.05
N GLU B 279 3.94 -6.21 12.02
CA GLU B 279 4.31 -4.92 12.56
C GLU B 279 5.70 -4.99 13.16
N ASN B 280 6.32 -3.79 13.21
CA ASN B 280 7.68 -3.65 13.72
C ASN B 280 7.74 -4.07 15.19
N LYS B 281 8.74 -4.90 15.52
CA LYS B 281 9.05 -5.29 16.90
C LYS B 281 7.97 -6.16 17.51
N VAL B 282 7.14 -6.82 16.69
CA VAL B 282 6.17 -7.79 17.19
C VAL B 282 6.67 -9.19 16.87
N ASN B 283 6.42 -10.12 17.79
CA ASN B 283 6.79 -11.51 17.59
C ASN B 283 6.00 -12.08 16.42
N LYS B 284 6.69 -12.79 15.53
CA LYS B 284 6.03 -13.33 14.34
C LYS B 284 5.01 -14.42 14.66
N GLU B 285 5.11 -15.07 15.82
CA GLU B 285 4.12 -16.05 16.27
C GLU B 285 3.40 -15.57 17.51
N SER B 286 3.13 -14.26 17.58
CA SER B 286 2.56 -13.66 18.79
C SER B 286 1.12 -14.09 18.99
N GLN B 287 0.73 -14.22 20.26
CA GLN B 287 -0.64 -14.51 20.65
C GLN B 287 -1.36 -13.30 21.23
N THR B 288 -0.76 -12.11 21.10
CA THR B 288 -1.34 -10.90 21.69
C THR B 288 -2.60 -10.49 20.94
N GLU B 289 -3.66 -10.19 21.69
CA GLU B 289 -4.93 -9.80 21.10
C GLU B 289 -4.98 -8.30 20.85
N THR B 290 -5.53 -7.92 19.69
CA THR B 290 -5.90 -6.55 19.41
C THR B 290 -7.40 -6.34 19.52
N PHE B 291 -8.14 -7.35 20.00
CA PHE B 291 -9.59 -7.29 20.11
C PHE B 291 -10.04 -8.12 21.30
N VAL B 292 -10.89 -7.56 22.16
CA VAL B 292 -11.51 -8.31 23.25
C VAL B 292 -12.98 -7.91 23.39
N ALA B 293 -13.80 -8.91 23.75
CA ALA B 293 -15.18 -8.72 24.17
C ALA B 293 -15.47 -9.67 25.31
N ILE B 294 -16.01 -9.15 26.41
CA ILE B 294 -16.20 -9.89 27.66
C ILE B 294 -17.62 -9.70 28.13
N LYS B 295 -18.26 -10.79 28.52
CA LYS B 295 -19.55 -10.74 29.21
C LYS B 295 -19.28 -11.01 30.68
N ALA B 296 -19.30 -9.96 31.50
CA ALA B 296 -18.95 -10.01 32.90
C ALA B 296 -20.19 -9.89 33.77
N PHE B 297 -20.08 -10.38 35.00
CA PHE B 297 -21.16 -10.27 35.97
C PHE B 297 -20.60 -9.80 37.29
N LEU B 298 -21.46 -9.12 38.05
CA LEU B 298 -21.12 -8.67 39.40
C LEU B 298 -21.93 -9.50 40.38
N ASP B 299 -21.26 -9.99 41.43
CA ASP B 299 -21.96 -10.67 42.51
C ASP B 299 -22.35 -9.62 43.55
N THR B 300 -23.25 -8.75 43.11
CA THR B 300 -23.92 -7.79 43.96
C THR B 300 -25.41 -7.89 43.72
N PRO B 301 -26.24 -7.66 44.74
CA PRO B 301 -27.68 -7.90 44.57
C PRO B 301 -28.31 -7.02 43.51
N LYS B 302 -27.93 -5.74 43.46
CA LYS B 302 -28.52 -4.80 42.53
C LYS B 302 -28.29 -5.20 41.08
N PHE B 303 -27.31 -6.07 40.81
CA PHE B 303 -26.96 -6.46 39.45
C PHE B 303 -26.92 -7.97 39.27
N LYS B 304 -27.59 -8.74 40.12
CA LYS B 304 -27.60 -10.19 39.96
C LYS B 304 -28.10 -10.57 38.57
N GLY B 305 -27.26 -11.29 37.82
CA GLY B 305 -27.65 -11.77 36.51
C GLY B 305 -27.54 -10.75 35.40
N VAL B 306 -27.02 -9.56 35.67
CA VAL B 306 -26.97 -8.48 34.69
C VAL B 306 -25.63 -8.56 33.96
N PRO B 307 -25.61 -8.75 32.64
CA PRO B 307 -24.33 -8.78 31.92
C PRO B 307 -23.78 -7.38 31.69
N PHE B 308 -22.49 -7.23 31.96
CA PHE B 308 -21.70 -6.06 31.57
C PHE B 308 -20.83 -6.50 30.41
N TYR B 309 -21.19 -6.09 29.20
CA TYR B 309 -20.38 -6.34 28.03
C TYR B 309 -19.28 -5.29 27.94
N LEU B 310 -18.03 -5.73 28.02
CA LEU B 310 -16.84 -4.89 27.88
C LEU B 310 -16.18 -5.21 26.54
N LYS B 311 -16.12 -4.23 25.64
CA LYS B 311 -15.60 -4.47 24.31
C LYS B 311 -14.57 -3.39 23.97
N HIS B 312 -13.42 -3.81 23.46
CA HIS B 312 -12.42 -2.85 23.01
C HIS B 312 -11.59 -3.47 21.90
N ALA B 313 -11.25 -2.66 20.89
CA ALA B 313 -10.44 -3.22 19.81
C ALA B 313 -9.88 -2.14 18.90
N LYS B 314 -8.84 -2.51 18.16
CA LYS B 314 -8.16 -1.66 17.19
C LYS B 314 -8.40 -2.15 15.76
N LYS B 315 -7.97 -1.31 14.81
CA LYS B 315 -8.16 -1.58 13.39
C LYS B 315 -9.62 -1.93 13.09
N MET B 316 -10.54 -1.23 13.74
CA MET B 316 -11.96 -1.44 13.53
C MET B 316 -12.48 -0.53 12.44
N PRO B 317 -13.72 -0.75 11.97
CA PRO B 317 -14.23 0.06 10.86
C PRO B 317 -14.55 1.49 11.22
N HIS B 318 -15.04 1.74 12.44
CA HIS B 318 -15.38 3.08 12.90
C HIS B 318 -14.90 3.27 14.32
N ASN B 319 -14.58 4.52 14.65
CA ASN B 319 -14.38 4.87 16.04
C ASN B 319 -15.72 4.89 16.77
N GLN B 320 -15.74 4.32 17.96
CA GLN B 320 -16.93 4.34 18.79
C GLN B 320 -16.49 4.25 20.24
N ALA B 321 -17.17 5.00 21.10
CA ALA B 321 -16.88 4.99 22.53
C ALA B 321 -18.12 5.44 23.27
N SER B 322 -18.80 4.50 23.92
CA SER B 322 -20.13 4.75 24.45
C SER B 322 -20.40 3.81 25.61
N VAL B 323 -21.38 4.19 26.43
CA VAL B 323 -21.96 3.32 27.45
C VAL B 323 -23.46 3.25 27.19
N LYS B 324 -23.97 2.06 26.92
CA LYS B 324 -25.41 1.84 26.75
C LYS B 324 -25.94 1.14 28.00
N ILE B 325 -26.88 1.78 28.67
CA ILE B 325 -27.56 1.18 29.81
C ILE B 325 -28.93 0.82 29.31
N HIS B 326 -29.20 -0.46 29.19
CA HIS B 326 -30.45 -0.94 28.70
C HIS B 326 -31.33 -1.30 29.84
N PHE B 327 -32.51 -0.71 29.92
CA PHE B 327 -33.41 -0.95 31.03
C PHE B 327 -34.37 -2.01 30.59
N ASN B 328 -34.70 -2.02 29.33
CA ASN B 328 -35.49 -3.08 28.82
C ASN B 328 -35.13 -3.05 27.40
N ALA B 329 -35.90 -3.72 26.57
CA ALA B 329 -35.58 -3.87 25.19
C ALA B 329 -35.92 -2.75 24.31
N VAL B 330 -36.54 -1.75 24.89
CA VAL B 330 -36.90 -0.61 24.12
C VAL B 330 -36.38 0.65 24.73
N ASN B 331 -35.92 0.57 25.95
CA ASN B 331 -35.47 1.75 26.61
C ASN B 331 -33.99 1.73 26.93
N THR B 332 -33.22 2.56 26.23
CA THR B 332 -31.81 2.66 26.49
C THR B 332 -31.20 4.03 26.67
N LEU B 333 -30.49 4.21 27.76
CA LEU B 333 -29.78 5.44 28.08
C LEU B 333 -28.32 5.33 27.65
N GLU B 334 -27.89 6.17 26.72
CA GLU B 334 -26.55 6.10 26.16
C GLU B 334 -25.75 7.33 26.56
N PHE B 335 -24.60 7.10 27.18
CA PHE B 335 -23.61 8.12 27.47
C PHE B 335 -22.51 8.05 26.41
N PHE B 336 -22.36 9.09 25.61
CA PHE B 336 -21.22 9.13 24.71
C PHE B 336 -19.99 9.62 25.49
N LEU B 337 -18.87 8.95 25.29
CA LEU B 337 -17.68 9.21 26.09
C LEU B 337 -16.75 10.23 25.47
N SER B 338 -16.83 10.44 24.16
CA SER B 338 -15.98 11.41 23.47
C SER B 338 -16.75 12.60 22.89
N GLN B 339 -17.94 12.84 23.38
CA GLN B 339 -18.77 13.92 22.94
C GLN B 339 -19.57 14.06 24.17
N ASP B 340 -19.91 15.25 24.58
CA ASP B 340 -20.82 15.41 25.68
C ASP B 340 -22.20 15.14 25.10
N LYS B 341 -22.62 13.88 25.03
CA LYS B 341 -23.90 13.62 24.42
C LYS B 341 -24.58 12.54 25.23
N ILE B 342 -25.85 12.73 25.54
CA ILE B 342 -26.63 11.75 26.28
C ILE B 342 -27.92 11.52 25.52
N THR B 343 -28.35 10.26 25.51
CA THR B 343 -29.46 9.84 24.68
C THR B 343 -30.37 8.94 25.50
N LEU B 344 -31.67 9.08 25.31
CA LEU B 344 -32.65 8.17 25.90
C LEU B 344 -33.58 7.69 24.78
N THR B 345 -33.66 6.38 24.62
CA THR B 345 -34.51 5.77 23.61
C THR B 345 -35.81 5.35 24.27
N LEU B 346 -36.93 5.86 23.71
CA LEU B 346 -38.33 5.62 24.03
C LEU B 346 -39.03 5.01 22.81
N LYS B 347 -40.26 4.50 23.00
CA LYS B 347 -41.06 3.89 21.93
C LYS B 347 -42.38 4.62 21.74
N ASP B 348 -42.79 4.74 20.47
CA ASP B 348 -44.10 5.19 20.04
C ASP B 348 -44.95 4.02 19.56
N HIS B 349 -46.15 4.30 19.03
CA HIS B 349 -47.07 3.25 18.61
C HIS B 349 -46.35 2.20 17.77
N GLN B 350 -45.62 2.64 16.76
CA GLN B 350 -44.83 1.78 15.87
C GLN B 350 -43.34 2.08 15.94
N ASN B 351 -42.96 3.34 16.09
CA ASN B 351 -41.62 3.83 15.79
C ASN B 351 -40.82 4.19 17.03
N PRO B 352 -39.52 4.44 16.88
CA PRO B 352 -38.66 4.85 17.98
C PRO B 352 -38.48 6.36 18.14
N LEU B 353 -38.29 6.76 19.40
CA LEU B 353 -38.06 8.15 19.79
C LEU B 353 -36.70 8.26 20.47
N ILE B 354 -35.91 9.26 20.09
CA ILE B 354 -34.60 9.50 20.71
C ILE B 354 -34.58 10.91 21.30
N LEU B 355 -34.49 11.00 22.62
CA LEU B 355 -34.28 12.26 23.32
C LEU B 355 -32.77 12.50 23.47
N GLU B 356 -32.32 13.68 23.06
CA GLU B 356 -30.94 13.99 23.05
C GLU B 356 -30.46 15.28 23.58
N THR B 357 -29.28 15.28 24.19
CA THR B 357 -28.56 16.51 24.51
C THR B 357 -27.22 16.49 23.82
N TYR B 358 -26.71 17.64 23.41
CA TYR B 358 -25.38 17.71 22.88
C TYR B 358 -24.88 19.00 23.30
N ASN B 359 -23.61 19.07 23.67
CA ASN B 359 -22.98 20.29 23.98
C ASN B 359 -21.64 20.21 23.33
N LYS B 360 -21.13 21.32 22.82
CA LYS B 360 -19.85 21.35 22.16
C LYS B 360 -18.71 21.14 23.12
N GLN B 361 -17.61 20.61 22.63
CA GLN B 361 -16.48 20.29 23.48
C GLN B 361 -15.90 21.44 24.20
N GLU B 362 -15.32 21.15 25.35
CA GLU B 362 -14.72 22.16 26.13
C GLU B 362 -13.39 22.46 25.49
N PHE B 363 -12.82 23.61 25.77
CA PHE B 363 -11.57 23.97 25.12
C PHE B 363 -10.37 23.23 25.71
N LEU B 364 -10.49 22.72 26.92
CA LEU B 364 -9.50 21.83 27.50
C LEU B 364 -9.85 20.37 27.28
N GLN B 365 -8.99 19.66 26.57
CA GLN B 365 -9.12 18.22 26.42
C GLN B 365 -8.73 17.52 27.71
N PRO B 366 -9.13 16.26 27.89
CA PRO B 366 -8.92 15.58 29.19
C PRO B 366 -7.49 15.68 29.71
N TYR B 367 -6.48 15.45 28.86
CA TYR B 367 -5.11 15.52 29.34
C TYR B 367 -4.74 16.93 29.78
N ALA B 368 -5.31 17.96 29.15
CA ALA B 368 -5.08 19.33 29.62
C ALA B 368 -5.68 19.53 31.00
N LYS B 369 -6.92 19.09 31.20
CA LYS B 369 -7.55 19.22 32.52
C LYS B 369 -6.72 18.50 33.58
N LEU B 370 -6.26 17.29 33.28
CA LEU B 370 -5.57 16.50 34.30
C LEU B 370 -4.16 17.03 34.56
N LEU B 371 -3.47 17.49 33.52
CA LEU B 371 -2.18 18.15 33.73
C LEU B 371 -2.34 19.40 34.57
N TYR B 372 -3.40 20.19 34.31
CA TYR B 372 -3.66 21.36 35.15
C TYR B 372 -3.90 20.97 36.59
N ASP B 373 -4.75 19.96 36.82
CA ASP B 373 -4.95 19.43 38.17
C ASP B 373 -3.63 19.03 38.81
N ALA B 374 -2.73 18.44 38.02
CA ALA B 374 -1.44 18.01 38.56
C ALA B 374 -0.59 19.21 38.97
N ILE B 375 -0.56 20.26 38.13
CA ILE B 375 0.18 21.46 38.48
C ILE B 375 -0.40 22.13 39.72
N GLN B 376 -1.67 21.87 40.03
CA GLN B 376 -2.31 22.41 41.23
C GLN B 376 -2.22 21.45 42.41
N ASN B 377 -1.60 20.29 42.21
CA ASN B 377 -1.48 19.26 43.25
C ASN B 377 -2.86 18.80 43.71
N ASN B 378 -3.73 18.54 42.75
CA ASN B 378 -5.09 18.08 43.01
C ASN B 378 -5.25 16.65 42.50
N HIS B 379 -5.47 15.72 43.43
CA HIS B 379 -5.50 14.28 43.15
C HIS B 379 -6.90 13.74 42.85
N ASN B 380 -7.94 14.57 42.92
CA ASN B 380 -9.30 14.03 43.00
C ASN B 380 -9.68 13.27 41.72
N ASN B 381 -9.22 13.73 40.57
CA ASN B 381 -9.56 13.10 39.29
C ASN B 381 -8.47 12.15 38.79
N PHE B 382 -7.65 11.62 39.69
CA PHE B 382 -6.65 10.64 39.35
C PHE B 382 -7.03 9.29 39.94
N ALA B 383 -6.48 8.23 39.35
CA ALA B 383 -6.82 6.88 39.76
C ALA B 383 -6.12 6.51 41.06
N HIS B 384 -6.80 5.68 41.85
CA HIS B 384 -6.32 5.26 43.16
C HIS B 384 -5.82 3.82 43.12
N GLN B 385 -4.82 3.53 43.96
CA GLN B 385 -4.08 2.27 43.88
C GLN B 385 -5.00 1.05 43.98
N LEU B 386 -5.89 1.05 44.98
CA LEU B 386 -6.69 -0.15 45.24
C LEU B 386 -7.76 -0.37 44.17
N GLU B 387 -8.26 0.69 43.54
CA GLU B 387 -9.10 0.52 42.35
C GLU B 387 -8.35 -0.31 41.31
N LEU B 388 -7.12 0.09 41.00
CA LEU B 388 -6.32 -0.63 40.00
C LEU B 388 -6.09 -2.08 40.42
N GLU B 389 -5.84 -2.31 41.71
CA GLU B 389 -5.57 -3.67 42.17
C GLU B 389 -6.81 -4.56 42.04
N ALA B 390 -7.98 -4.04 42.43
CA ALA B 390 -9.22 -4.80 42.27
C ALA B 390 -9.46 -5.10 40.80
N SER B 391 -9.22 -4.13 39.92
CA SER B 391 -9.29 -4.39 38.48
C SER B 391 -8.36 -5.53 38.08
N TRP B 392 -7.14 -5.53 38.62
CA TRP B 392 -6.14 -6.51 38.22
C TRP B 392 -6.53 -7.92 38.61
N VAL B 393 -7.21 -8.10 39.74
CA VAL B 393 -7.66 -9.45 40.10
C VAL B 393 -8.43 -10.08 38.93
N PHE B 394 -9.50 -9.41 38.51
CA PHE B 394 -10.34 -9.87 37.40
C PHE B 394 -9.53 -10.02 36.11
N ILE B 395 -8.74 -8.99 35.79
CA ILE B 395 -8.02 -9.00 34.52
C ILE B 395 -7.02 -10.15 34.50
N ASP B 396 -6.41 -10.44 35.65
CA ASP B 396 -5.45 -11.52 35.75
C ASP B 396 -6.13 -12.86 35.52
N THR B 397 -7.34 -13.04 36.05
CA THR B 397 -8.11 -14.21 35.66
C THR B 397 -8.17 -14.34 34.13
N LEU B 398 -8.59 -13.28 33.45
CA LEU B 398 -8.75 -13.38 32.01
C LEU B 398 -7.42 -13.64 31.30
N ILE B 399 -6.33 -13.05 31.78
CA ILE B 399 -5.02 -13.27 31.16
C ILE B 399 -4.59 -14.72 31.34
N GLU B 400 -4.78 -15.26 32.55
CA GLU B 400 -4.52 -16.68 32.82
C GLU B 400 -5.27 -17.53 31.82
N GLY B 401 -6.52 -17.17 31.52
CA GLY B 401 -7.23 -17.88 30.47
C GLY B 401 -6.58 -17.77 29.10
N PHE B 402 -6.14 -16.55 28.74
CA PHE B 402 -5.50 -16.37 27.45
C PHE B 402 -4.27 -17.25 27.29
N ILE B 403 -3.48 -17.39 28.36
CA ILE B 403 -2.24 -18.15 28.25
C ILE B 403 -2.53 -19.63 28.00
N ASN B 404 -3.55 -20.17 28.65
CA ASN B 404 -3.95 -21.57 28.48
C ASN B 404 -4.85 -21.83 27.26
N ASN B 405 -4.95 -20.88 26.31
CA ASN B 405 -5.82 -21.03 25.14
C ASN B 405 -7.24 -21.43 25.53
N ALA B 406 -7.78 -20.82 26.58
CA ALA B 406 -9.12 -21.17 27.03
C ALA B 406 -10.21 -20.73 26.05
N THR B 407 -9.88 -19.81 25.13
CA THR B 407 -10.77 -19.45 24.03
C THR B 407 -9.87 -19.11 22.87
N PRO B 408 -10.26 -19.43 21.64
CA PRO B 408 -9.33 -19.27 20.51
C PRO B 408 -9.06 -17.81 20.16
N LEU B 409 -7.87 -17.58 19.64
CA LEU B 409 -7.45 -16.27 19.13
C LEU B 409 -7.85 -16.16 17.67
N TYR B 410 -9.02 -15.61 17.43
CA TYR B 410 -9.49 -15.47 16.06
C TYR B 410 -8.67 -14.41 15.33
N SER B 411 -8.88 -14.35 14.02
CA SER B 411 -8.28 -13.36 13.16
C SER B 411 -9.38 -12.51 12.55
N TYR B 412 -9.03 -11.29 12.16
CA TYR B 412 -9.98 -10.44 11.46
C TYR B 412 -9.22 -9.49 10.55
N GLU B 413 -9.85 -9.12 9.44
CA GLU B 413 -9.24 -8.19 8.50
C GLU B 413 -9.37 -6.77 9.03
N SER B 414 -8.26 -6.04 9.00
CA SER B 414 -8.25 -4.67 9.50
C SER B 414 -9.35 -3.85 8.85
N HIS B 415 -10.07 -3.08 9.66
CA HIS B 415 -11.12 -2.21 9.22
C HIS B 415 -12.26 -2.86 8.55
N ASN B 416 -12.38 -4.15 8.55
CA ASN B 416 -13.38 -4.80 7.72
C ASN B 416 -14.12 -5.91 8.47
N LEU B 417 -13.99 -5.95 9.80
CA LEU B 417 -14.76 -6.87 10.62
C LEU B 417 -16.24 -6.51 10.62
N ASN B 418 -17.07 -7.54 10.78
CA ASN B 418 -18.51 -7.38 10.99
C ASN B 418 -18.79 -7.69 12.45
N GLU B 419 -18.85 -6.64 13.28
CA GLU B 419 -18.86 -6.82 14.72
C GLU B 419 -20.08 -7.60 15.20
N SER B 420 -21.26 -7.33 14.63
CA SER B 420 -22.47 -7.95 15.13
C SER B 420 -22.47 -9.46 14.87
N GLU B 421 -22.10 -9.88 13.66
CA GLU B 421 -22.02 -11.31 13.37
C GLU B 421 -20.98 -11.98 14.26
N PHE B 422 -19.82 -11.34 14.42
CA PHE B 422 -18.71 -11.94 15.16
C PHE B 422 -19.07 -12.20 16.62
N LEU B 423 -19.92 -11.35 17.22
CA LEU B 423 -20.20 -11.44 18.64
C LEU B 423 -21.59 -11.96 18.98
N LYS B 424 -22.40 -12.34 17.99
CA LYS B 424 -23.70 -12.94 18.32
C LYS B 424 -23.59 -14.06 19.34
N PRO B 425 -22.63 -14.98 19.26
CA PRO B 425 -22.49 -15.99 20.33
C PRO B 425 -22.38 -15.39 21.71
N LEU B 426 -21.74 -14.23 21.84
CA LEU B 426 -21.50 -13.63 23.14
C LEU B 426 -22.81 -13.13 23.77
N TYR B 427 -23.72 -12.62 22.94
CA TYR B 427 -24.93 -12.00 23.42
C TYR B 427 -26.08 -12.98 23.64
N GLN B 428 -25.92 -14.24 23.22
CA GLN B 428 -26.97 -15.24 23.41
C GLN B 428 -27.12 -15.60 24.88
N SER C 1 -56.18 2.79 -8.07
CA SER C 1 -57.36 3.61 -8.19
C SER C 1 -57.19 4.69 -7.19
N GLU C 2 -56.00 5.26 -7.06
CA GLU C 2 -55.65 6.26 -6.04
C GLU C 2 -55.50 5.62 -4.70
N PHE C 3 -56.47 4.85 -4.28
CA PHE C 3 -56.37 4.17 -3.05
C PHE C 3 -57.01 2.86 -3.27
N MET C 4 -56.80 1.93 -2.36
CA MET C 4 -57.34 0.59 -2.46
C MET C 4 -57.02 -0.21 -3.68
N LEU C 5 -55.78 -0.12 -4.13
CA LEU C 5 -55.34 -0.42 -5.48
C LEU C 5 -55.50 -1.79 -6.01
N ASP C 6 -55.95 -1.91 -7.25
CA ASP C 6 -56.19 -3.19 -7.89
C ASP C 6 -55.19 -3.49 -8.95
N PHE C 7 -54.34 -4.47 -8.67
CA PHE C 7 -53.27 -4.70 -9.61
C PHE C 7 -52.58 -6.02 -9.27
N ASP C 8 -51.85 -6.54 -10.25
CA ASP C 8 -50.92 -7.64 -10.05
C ASP C 8 -49.52 -7.23 -10.50
N LEU C 9 -48.53 -7.56 -9.69
CA LEU C 9 -47.13 -7.31 -10.00
C LEU C 9 -46.37 -8.61 -9.84
N VAL C 10 -45.75 -9.08 -10.93
CA VAL C 10 -44.86 -10.23 -10.87
C VAL C 10 -43.44 -9.70 -10.89
N LEU C 11 -42.69 -10.05 -9.84
CA LEU C 11 -41.39 -9.47 -9.58
C LEU C 11 -40.29 -10.45 -9.99
N PHE C 12 -39.64 -10.15 -11.13
CA PHE C 12 -38.54 -10.96 -11.62
C PHE C 12 -37.29 -10.62 -10.83
N GLY C 13 -36.58 -11.64 -10.36
CA GLY C 13 -35.44 -11.42 -9.50
C GLY C 13 -35.79 -11.21 -8.05
N ALA C 14 -36.88 -11.84 -7.59
CA ALA C 14 -37.43 -11.55 -6.27
C ALA C 14 -36.53 -12.04 -5.14
N THR C 15 -35.61 -12.96 -5.41
CA THR C 15 -34.68 -13.44 -4.40
C THR C 15 -33.38 -12.64 -4.35
N GLY C 16 -33.25 -11.60 -5.17
CA GLY C 16 -32.02 -10.85 -5.26
C GLY C 16 -31.90 -9.80 -4.18
N ASP C 17 -30.79 -9.06 -4.24
CA ASP C 17 -30.48 -8.11 -3.19
C ASP C 17 -31.43 -6.92 -3.22
N LEU C 18 -31.68 -6.36 -4.40
CA LEU C 18 -32.58 -5.21 -4.50
C LEU C 18 -33.98 -5.56 -4.02
N ALA C 19 -34.50 -6.71 -4.45
CA ALA C 19 -35.84 -7.12 -4.04
C ALA C 19 -35.96 -7.16 -2.53
N MET C 20 -34.94 -7.66 -1.84
CA MET C 20 -35.01 -7.86 -0.40
C MET C 20 -34.62 -6.63 0.41
N ARG C 21 -33.89 -5.69 -0.19
CA ARG C 21 -33.52 -4.49 0.54
C ARG C 21 -34.61 -3.44 0.46
N LYS C 22 -35.11 -3.17 -0.75
CA LYS C 22 -35.94 -2.01 -1.00
C LYS C 22 -37.32 -2.29 -1.58
N LEU C 23 -37.50 -3.37 -2.34
CA LEU C 23 -38.70 -3.50 -3.16
C LEU C 23 -39.89 -4.06 -2.36
N PHE C 24 -39.70 -5.17 -1.64
CA PHE C 24 -40.82 -5.69 -0.85
C PHE C 24 -41.20 -4.72 0.25
N VAL C 25 -40.23 -4.05 0.86
CA VAL C 25 -40.54 -3.05 1.88
C VAL C 25 -41.26 -1.87 1.24
N SER C 26 -40.87 -1.47 0.03
CA SER C 26 -41.60 -0.43 -0.66
C SER C 26 -43.04 -0.85 -0.92
N LEU C 27 -43.25 -2.13 -1.24
CA LEU C 27 -44.61 -2.64 -1.42
C LEU C 27 -45.39 -2.60 -0.12
N TYR C 28 -44.75 -2.94 1.00
CA TYR C 28 -45.44 -2.85 2.27
C TYR C 28 -45.81 -1.40 2.59
N GLU C 29 -44.92 -0.47 2.28
CA GLU C 29 -45.22 0.95 2.52
C GLU C 29 -46.42 1.40 1.70
N ILE C 30 -46.44 1.04 0.41
CA ILE C 30 -47.60 1.36 -0.43
C ILE C 30 -48.86 0.71 0.14
N TYR C 31 -48.75 -0.53 0.62
CA TYR C 31 -49.90 -1.24 1.15
C TYR C 31 -50.46 -0.53 2.38
N THR C 32 -49.59 -0.03 3.26
CA THR C 32 -50.06 0.61 4.48
C THR C 32 -50.51 2.05 4.24
N HIS C 33 -49.99 2.73 3.22
CA HIS C 33 -50.37 4.11 2.95
C HIS C 33 -51.54 4.25 1.98
N TYR C 34 -51.83 3.22 1.19
CA TYR C 34 -52.90 3.28 0.20
C TYR C 34 -53.83 2.08 0.19
N GLY C 35 -53.44 0.95 0.76
CA GLY C 35 -54.27 -0.23 0.75
C GLY C 35 -54.26 -0.97 -0.58
N PHE C 36 -54.41 -2.29 -0.51
CA PHE C 36 -54.56 -3.14 -1.68
C PHE C 36 -55.99 -3.64 -1.76
N LYS C 37 -56.54 -3.73 -2.97
CA LYS C 37 -57.77 -4.47 -3.15
C LYS C 37 -57.54 -5.92 -2.73
N LYS C 38 -58.61 -6.58 -2.30
CA LYS C 38 -58.47 -7.91 -1.71
C LYS C 38 -57.73 -8.85 -2.65
N ASP C 39 -57.94 -8.68 -3.96
CA ASP C 39 -57.43 -9.59 -4.97
C ASP C 39 -56.17 -9.07 -5.69
N SER C 40 -55.56 -8.00 -5.19
CA SER C 40 -54.30 -7.56 -5.77
C SER C 40 -53.19 -8.52 -5.40
N LYS C 41 -52.40 -8.94 -6.38
CA LYS C 41 -51.45 -10.04 -6.19
C LYS C 41 -50.02 -9.58 -6.45
N ILE C 42 -49.12 -9.99 -5.58
CA ILE C 42 -47.68 -9.79 -5.75
C ILE C 42 -47.03 -11.16 -5.90
N ILE C 43 -46.65 -11.49 -7.11
CA ILE C 43 -46.15 -12.82 -7.47
C ILE C 43 -44.64 -12.71 -7.60
N ALA C 44 -43.92 -13.17 -6.57
CA ALA C 44 -42.47 -13.24 -6.63
C ALA C 44 -42.03 -14.35 -7.58
N SER C 45 -40.95 -14.11 -8.32
CA SER C 45 -40.45 -15.08 -9.28
C SER C 45 -38.94 -15.20 -9.14
N GLY C 46 -38.43 -16.41 -9.36
CA GLY C 46 -37.01 -16.68 -9.36
C GLY C 46 -36.71 -17.89 -10.21
N ARG C 47 -35.42 -18.27 -10.24
CA ARG C 47 -35.00 -19.38 -11.08
C ARG C 47 -35.08 -20.71 -10.36
N LYS C 48 -34.89 -20.71 -9.04
CA LYS C 48 -35.06 -21.93 -8.25
C LYS C 48 -36.52 -22.14 -7.90
N GLU C 49 -36.84 -23.40 -7.62
CA GLU C 49 -38.19 -23.79 -7.28
C GLU C 49 -38.37 -23.72 -5.76
N LEU C 50 -39.35 -22.96 -5.34
CA LEU C 50 -39.71 -22.81 -3.94
C LEU C 50 -41.22 -22.92 -3.81
N SER C 51 -41.68 -23.33 -2.64
CA SER C 51 -43.11 -23.27 -2.37
C SER C 51 -43.44 -21.91 -1.76
N ASN C 52 -44.71 -21.52 -1.87
CA ASN C 52 -45.10 -20.27 -1.25
C ASN C 52 -44.65 -20.24 0.19
N GLU C 53 -44.80 -21.35 0.90
CA GLU C 53 -44.41 -21.37 2.29
C GLU C 53 -42.90 -21.19 2.45
N GLU C 54 -42.09 -21.72 1.52
CA GLU C 54 -40.64 -21.57 1.61
C GLU C 54 -40.18 -20.17 1.25
N PHE C 55 -40.79 -19.56 0.21
CA PHE C 55 -40.40 -18.20 -0.15
C PHE C 55 -40.82 -17.20 0.91
N LEU C 56 -42.01 -17.38 1.50
CA LEU C 56 -42.41 -16.49 2.59
C LEU C 56 -41.42 -16.58 3.75
N ALA C 57 -40.90 -17.79 4.03
CA ALA C 57 -39.89 -17.94 5.07
C ALA C 57 -38.61 -17.21 4.70
N LEU C 58 -38.18 -17.33 3.44
CA LEU C 58 -36.99 -16.61 3.00
C LEU C 58 -37.17 -15.11 3.19
N LEU C 59 -38.32 -14.60 2.76
CA LEU C 59 -38.61 -13.17 2.85
C LEU C 59 -38.62 -12.71 4.30
N CYS C 60 -39.26 -13.47 5.17
CA CYS C 60 -39.34 -13.08 6.58
C CYS C 60 -37.99 -13.16 7.27
N GLU C 61 -37.11 -14.06 6.80
CA GLU C 61 -35.78 -14.14 7.39
C GLU C 61 -34.94 -12.95 6.97
N LYS C 62 -35.11 -12.51 5.73
CA LYS C 62 -34.29 -11.43 5.17
C LYS C 62 -34.81 -10.01 5.44
N THR C 63 -36.11 -9.81 5.73
CA THR C 63 -36.65 -8.45 5.79
C THR C 63 -37.36 -8.02 7.08
N GLN C 64 -37.75 -8.94 7.96
CA GLN C 64 -38.50 -8.59 9.16
C GLN C 64 -39.87 -8.00 8.83
N LEU C 65 -40.47 -8.41 7.70
CA LEU C 65 -41.79 -7.92 7.35
C LEU C 65 -42.88 -8.50 8.24
N HIS C 66 -42.67 -9.72 8.73
CA HIS C 66 -43.67 -10.37 9.58
C HIS C 66 -43.92 -9.62 10.89
N SER C 67 -42.93 -8.89 11.38
CA SER C 67 -43.07 -8.16 12.63
C SER C 67 -43.57 -6.74 12.45
N ARG C 68 -43.90 -6.32 11.23
CA ARG C 68 -44.40 -4.98 11.02
C ARG C 68 -45.90 -4.92 11.35
N GLU C 69 -46.43 -3.69 11.45
CA GLU C 69 -47.77 -3.52 12.00
C GLU C 69 -48.80 -4.32 11.22
N LYS C 70 -48.80 -4.21 9.90
CA LYS C 70 -49.74 -4.91 9.03
C LYS C 70 -49.06 -6.06 8.30
N GLY C 71 -48.13 -6.73 9.00
CA GLY C 71 -47.24 -7.70 8.40
C GLY C 71 -47.93 -8.91 7.83
N GLU C 72 -48.73 -9.58 8.67
CA GLU C 72 -49.37 -10.82 8.23
C GLU C 72 -50.32 -10.54 7.09
N GLU C 73 -51.01 -9.44 7.18
CA GLU C 73 -51.97 -9.11 6.19
C GLU C 73 -51.36 -8.71 4.87
N PHE C 74 -50.09 -8.34 4.87
CA PHE C 74 -49.42 -8.00 3.63
C PHE C 74 -48.88 -9.22 3.00
N LEU C 75 -48.27 -10.04 3.81
CA LEU C 75 -47.70 -11.21 3.30
C LEU C 75 -48.77 -12.14 2.79
N ALA C 76 -50.02 -11.92 3.17
CA ALA C 76 -51.05 -12.75 2.55
C ALA C 76 -51.20 -12.48 1.05
N HIS C 77 -50.69 -11.35 0.55
CA HIS C 77 -50.78 -11.01 -0.87
C HIS C 77 -49.66 -11.59 -1.73
N ILE C 78 -48.73 -12.34 -1.16
CA ILE C 78 -47.48 -12.70 -1.82
C ILE C 78 -47.49 -14.18 -2.16
N SER C 79 -47.12 -14.49 -3.40
CA SER C 79 -47.02 -15.86 -3.86
C SER C 79 -45.69 -16.06 -4.56
N TYR C 80 -45.36 -17.27 -4.94
CA TYR C 80 -44.15 -17.53 -5.72
C TYR C 80 -44.42 -18.32 -6.98
N PHE C 81 -43.98 -17.84 -8.13
CA PHE C 81 -44.09 -18.60 -9.37
C PHE C 81 -42.73 -18.77 -9.97
N CYS C 82 -42.27 -20.00 -10.03
CA CYS C 82 -40.94 -20.26 -10.59
C CYS C 82 -40.94 -20.01 -12.10
N VAL C 83 -40.03 -19.16 -12.56
CA VAL C 83 -39.86 -18.87 -13.98
C VAL C 83 -38.37 -18.85 -14.30
N ARG C 84 -37.97 -19.60 -15.33
CA ARG C 84 -36.56 -19.75 -15.68
C ARG C 84 -36.08 -18.79 -16.77
N LEU C 85 -36.95 -17.93 -17.28
CA LEU C 85 -36.58 -16.87 -18.24
C LEU C 85 -35.97 -17.37 -19.54
N ASP C 86 -36.13 -18.64 -19.92
CA ASP C 86 -35.51 -19.07 -21.18
C ASP C 86 -36.46 -19.92 -22.02
N ASN C 87 -37.36 -20.65 -21.35
CA ASN C 87 -38.29 -21.59 -21.98
C ASN C 87 -39.69 -20.99 -21.92
N PRO C 88 -40.27 -20.63 -23.05
CA PRO C 88 -41.55 -19.96 -23.07
C PRO C 88 -42.64 -20.80 -22.42
N LYS C 89 -42.40 -22.07 -22.09
CA LYS C 89 -43.47 -22.83 -21.46
C LYS C 89 -43.68 -22.43 -20.01
N ASP C 90 -42.63 -22.01 -19.30
CA ASP C 90 -42.85 -21.40 -18.00
C ASP C 90 -43.74 -20.17 -18.13
N PHE C 91 -43.55 -19.43 -19.22
CA PHE C 91 -44.35 -18.24 -19.49
C PHE C 91 -45.75 -18.59 -19.97
N GLU C 92 -45.93 -19.77 -20.58
CA GLU C 92 -47.26 -20.25 -20.94
C GLU C 92 -48.09 -20.57 -19.70
N GLU C 93 -47.45 -21.26 -18.75
CA GLU C 93 -48.09 -21.50 -17.47
C GLU C 93 -48.36 -20.21 -16.71
N LEU C 94 -47.44 -19.26 -16.79
CA LEU C 94 -47.70 -17.95 -16.21
C LEU C 94 -48.84 -17.21 -16.88
N SER C 95 -49.11 -17.50 -18.16
CA SER C 95 -50.15 -16.74 -18.85
C SER C 95 -51.57 -17.20 -18.53
N LYS C 96 -51.76 -18.42 -18.02
CA LYS C 96 -53.08 -18.83 -17.56
C LYS C 96 -53.50 -18.18 -16.26
N ILE C 97 -52.56 -17.61 -15.50
CA ILE C 97 -52.90 -16.96 -14.23
C ILE C 97 -52.73 -15.45 -14.29
N ALA C 98 -52.16 -14.91 -15.36
CA ALA C 98 -52.02 -13.46 -15.48
C ALA C 98 -53.38 -12.86 -15.78
N THR C 99 -53.78 -11.87 -15.00
CA THR C 99 -55.07 -11.22 -15.21
C THR C 99 -55.06 -10.40 -16.50
N LYS C 100 -56.24 -10.32 -17.12
CA LYS C 100 -56.46 -9.43 -18.27
C LYS C 100 -57.38 -8.27 -17.93
N ASN C 101 -57.73 -8.10 -16.65
CA ASN C 101 -58.75 -7.12 -16.30
C ASN C 101 -58.24 -5.94 -15.48
N LYS C 102 -57.05 -6.04 -14.91
CA LYS C 102 -56.42 -4.97 -14.15
C LYS C 102 -54.99 -4.80 -14.64
N PRO C 103 -54.37 -3.65 -14.34
CA PRO C 103 -52.96 -3.47 -14.69
C PRO C 103 -52.10 -4.60 -14.15
N LEU C 104 -51.27 -5.17 -15.02
CA LEU C 104 -50.41 -6.28 -14.66
C LEU C 104 -48.97 -5.83 -14.91
N ILE C 105 -48.17 -5.74 -13.85
CA ILE C 105 -46.84 -5.15 -13.90
C ILE C 105 -45.79 -6.23 -13.77
N PHE C 106 -44.82 -6.23 -14.70
CA PHE C 106 -43.65 -7.08 -14.66
C PHE C 106 -42.46 -6.21 -14.27
N TYR C 107 -41.81 -6.56 -13.18
CA TYR C 107 -40.67 -5.82 -12.66
C TYR C 107 -39.39 -6.59 -12.97
N PHE C 108 -38.51 -5.99 -13.77
CA PHE C 108 -37.28 -6.63 -14.21
C PHE C 108 -36.16 -6.26 -13.24
N SER C 109 -36.21 -6.89 -12.06
CA SER C 109 -35.13 -6.72 -11.08
C SER C 109 -34.01 -7.72 -11.37
N ILE C 110 -33.53 -7.64 -12.61
CA ILE C 110 -32.58 -8.58 -13.18
C ILE C 110 -31.60 -7.79 -14.04
N SER C 111 -30.50 -8.45 -14.41
CA SER C 111 -29.48 -7.76 -15.18
C SER C 111 -30.01 -7.43 -16.57
N PRO C 112 -29.59 -6.31 -17.15
CA PRO C 112 -30.18 -5.88 -18.43
C PRO C 112 -30.03 -6.89 -19.55
N SER C 113 -29.03 -7.77 -19.48
CA SER C 113 -28.84 -8.76 -20.55
C SER C 113 -30.00 -9.73 -20.67
N PHE C 114 -30.83 -9.86 -19.64
CA PHE C 114 -32.02 -10.70 -19.70
C PHE C 114 -33.27 -9.95 -20.14
N PHE C 115 -33.19 -8.63 -20.32
CA PHE C 115 -34.40 -7.87 -20.60
C PHE C 115 -35.10 -8.36 -21.87
N THR C 116 -34.44 -8.20 -23.02
CA THR C 116 -35.07 -8.55 -24.29
C THR C 116 -35.62 -9.98 -24.26
N THR C 117 -34.76 -10.95 -23.91
CA THR C 117 -35.22 -12.32 -23.81
C THR C 117 -36.52 -12.38 -23.02
N THR C 118 -36.52 -11.82 -21.81
CA THR C 118 -37.71 -11.86 -20.98
C THR C 118 -38.89 -11.21 -21.70
N ALA C 119 -38.67 -10.00 -22.22
CA ALA C 119 -39.75 -9.34 -22.94
C ALA C 119 -40.28 -10.23 -24.05
N GLN C 120 -39.36 -10.87 -24.78
CA GLN C 120 -39.80 -11.72 -25.88
C GLN C 120 -40.68 -12.85 -25.33
N ASN C 121 -40.20 -13.52 -24.29
CA ASN C 121 -40.95 -14.62 -23.70
C ASN C 121 -42.29 -14.16 -23.15
N LEU C 122 -42.44 -12.87 -22.88
CA LEU C 122 -43.75 -12.36 -22.49
C LEU C 122 -44.67 -12.24 -23.70
N ALA C 123 -44.19 -11.61 -24.77
CA ALA C 123 -45.06 -11.41 -25.93
C ALA C 123 -45.35 -12.72 -26.65
N GLN C 124 -44.43 -13.67 -26.56
CA GLN C 124 -44.65 -14.95 -27.24
C GLN C 124 -45.73 -15.77 -26.54
N ASN C 125 -46.14 -15.37 -25.32
CA ASN C 125 -47.14 -16.05 -24.53
C ASN C 125 -48.32 -15.13 -24.20
N ALA C 126 -48.58 -14.16 -25.07
CA ALA C 126 -49.74 -13.27 -24.96
C ALA C 126 -49.77 -12.54 -23.60
N LEU C 127 -48.61 -12.11 -23.12
CA LEU C 127 -48.51 -11.33 -21.89
C LEU C 127 -48.14 -9.87 -22.13
N ASN C 128 -48.42 -9.33 -23.34
CA ASN C 128 -48.07 -7.95 -23.68
C ASN C 128 -49.29 -7.15 -24.14
N HIS C 129 -50.47 -7.53 -23.68
CA HIS C 129 -51.68 -6.79 -24.03
C HIS C 129 -51.66 -5.42 -23.33
N ALA C 130 -52.66 -4.59 -23.63
CA ALA C 130 -52.62 -3.19 -23.22
C ALA C 130 -52.54 -3.03 -21.71
N ASN C 131 -53.09 -3.96 -20.94
CA ASN C 131 -53.07 -3.86 -19.49
C ASN C 131 -51.73 -4.24 -18.87
N THR C 132 -50.68 -4.41 -19.69
CA THR C 132 -49.39 -4.87 -19.20
C THR C 132 -48.42 -3.70 -19.09
N ARG C 133 -47.57 -3.74 -18.07
CA ARG C 133 -46.57 -2.72 -17.81
C ARG C 133 -45.23 -3.36 -17.53
N LEU C 134 -44.16 -2.76 -18.04
CA LEU C 134 -42.81 -3.22 -17.80
C LEU C 134 -42.07 -2.16 -17.00
N ILE C 135 -41.41 -2.59 -15.93
CA ILE C 135 -40.52 -1.72 -15.17
C ILE C 135 -39.10 -2.25 -15.39
N LEU C 136 -38.28 -1.49 -16.11
CA LEU C 136 -36.92 -1.94 -16.42
C LEU C 136 -35.89 -1.19 -15.60
N GLU C 137 -34.79 -1.84 -15.22
CA GLU C 137 -33.78 -1.22 -14.36
C GLU C 137 -32.99 -0.05 -14.94
N LYS C 138 -32.24 0.64 -14.08
CA LYS C 138 -31.48 1.82 -14.51
C LYS C 138 -30.38 1.74 -15.59
N PRO C 139 -29.46 0.74 -15.54
CA PRO C 139 -28.42 0.78 -16.57
C PRO C 139 -28.97 0.61 -17.98
N LEU C 140 -29.96 -0.27 -18.17
CA LEU C 140 -30.54 -0.53 -19.50
C LEU C 140 -29.45 -0.78 -20.52
N GLY C 141 -28.61 -1.76 -20.28
CA GLY C 141 -27.52 -2.06 -21.19
C GLY C 141 -26.20 -1.75 -20.53
N HIS C 142 -25.10 -1.91 -21.27
CA HIS C 142 -23.79 -1.59 -20.75
C HIS C 142 -23.02 -0.65 -21.68
N ASP C 143 -23.69 -0.12 -22.70
CA ASP C 143 -23.14 0.90 -23.58
C ASP C 143 -24.26 1.37 -24.50
N LEU C 144 -23.96 2.36 -25.34
CA LEU C 144 -24.99 2.94 -26.19
C LEU C 144 -25.64 1.91 -27.12
N LYS C 145 -24.83 1.03 -27.71
CA LYS C 145 -25.37 0.06 -28.66
C LYS C 145 -26.42 -0.82 -28.02
N THR C 146 -26.09 -1.43 -26.87
CA THR C 146 -27.03 -2.33 -26.24
C THR C 146 -28.24 -1.58 -25.68
N CYS C 147 -28.06 -0.33 -25.27
CA CYS C 147 -29.21 0.48 -24.87
C CYS C 147 -30.19 0.62 -26.03
N LYS C 148 -29.69 1.08 -27.17
CA LYS C 148 -30.52 1.16 -28.37
C LYS C 148 -31.11 -0.19 -28.74
N GLU C 149 -30.33 -1.27 -28.59
CA GLU C 149 -30.85 -2.59 -28.98
C GLU C 149 -32.01 -3.00 -28.09
N ILE C 150 -31.86 -2.89 -26.78
CA ILE C 150 -32.93 -3.25 -25.86
C ILE C 150 -34.17 -2.44 -26.16
N PHE C 151 -34.01 -1.13 -26.34
CA PHE C 151 -35.15 -0.29 -26.67
C PHE C 151 -35.81 -0.76 -27.96
N GLN C 152 -35.02 -0.95 -29.02
CA GLN C 152 -35.53 -1.35 -30.32
C GLN C 152 -36.28 -2.68 -30.23
N SER C 153 -35.70 -3.65 -29.53
CA SER C 153 -36.29 -4.99 -29.44
C SER C 153 -37.58 -4.98 -28.62
N ILE C 154 -37.60 -4.25 -27.51
CA ILE C 154 -38.78 -4.27 -26.65
C ILE C 154 -39.91 -3.46 -27.27
N SER C 155 -39.61 -2.38 -27.98
CA SER C 155 -40.65 -1.60 -28.63
C SER C 155 -41.36 -2.37 -29.73
N ALA C 156 -40.88 -3.57 -30.07
CA ALA C 156 -41.57 -4.41 -31.05
C ALA C 156 -42.77 -5.14 -30.45
N PHE C 157 -42.83 -5.27 -29.13
CA PHE C 157 -43.94 -5.93 -28.48
C PHE C 157 -44.65 -5.07 -27.46
N PHE C 158 -44.09 -3.92 -27.08
CA PHE C 158 -44.70 -3.04 -26.09
C PHE C 158 -44.74 -1.60 -26.58
N LYS C 159 -45.85 -0.92 -26.30
CA LYS C 159 -46.00 0.49 -26.62
C LYS C 159 -45.34 1.34 -25.53
N GLU C 160 -45.05 2.59 -25.83
CA GLU C 160 -44.37 3.46 -24.88
C GLU C 160 -44.98 3.51 -23.53
N GLU C 161 -46.29 3.61 -23.50
CA GLU C 161 -46.98 3.72 -22.26
C GLU C 161 -46.84 2.50 -21.40
N GLN C 162 -46.25 1.47 -21.94
CA GLN C 162 -46.05 0.22 -21.21
C GLN C 162 -44.64 0.05 -20.66
N ILE C 163 -43.72 0.95 -20.98
CA ILE C 163 -42.31 0.81 -20.62
C ILE C 163 -41.96 1.93 -19.64
N PHE C 164 -41.37 1.55 -18.50
CA PHE C 164 -40.99 2.47 -17.45
C PHE C 164 -39.52 2.26 -17.14
N ARG C 165 -38.67 3.23 -17.48
CA ARG C 165 -37.25 3.12 -17.19
C ARG C 165 -37.03 3.72 -15.81
N ILE C 166 -36.83 2.87 -14.80
CA ILE C 166 -36.78 3.33 -13.41
C ILE C 166 -35.37 3.77 -13.07
N ASP C 167 -35.26 4.94 -12.44
CA ASP C 167 -34.02 5.45 -11.86
C ASP C 167 -34.42 6.06 -10.52
N HIS C 168 -34.20 5.33 -9.43
CA HIS C 168 -34.86 5.69 -8.18
C HIS C 168 -34.32 6.98 -7.56
N TYR C 169 -33.22 7.54 -8.08
CA TYR C 169 -32.78 8.84 -7.61
C TYR C 169 -33.77 9.94 -7.98
N LEU C 170 -34.51 9.78 -9.07
CA LEU C 170 -35.52 10.76 -9.43
C LEU C 170 -36.67 10.78 -8.44
N GLY C 171 -36.72 9.80 -7.53
CA GLY C 171 -37.67 9.81 -6.43
C GLY C 171 -37.11 10.20 -5.08
N LYS C 172 -35.86 10.56 -4.99
CA LYS C 172 -35.30 10.96 -3.76
C LYS C 172 -35.69 12.42 -3.53
N LYS C 173 -36.13 12.80 -2.35
CA LYS C 173 -36.48 14.19 -2.08
C LYS C 173 -35.31 15.11 -2.18
N GLY C 174 -34.14 14.65 -1.76
CA GLY C 174 -32.96 15.48 -1.91
C GLY C 174 -32.72 15.90 -3.35
N VAL C 175 -32.97 14.99 -4.30
CA VAL C 175 -32.76 15.33 -5.71
C VAL C 175 -33.82 16.31 -6.20
N GLN C 176 -35.08 16.09 -5.80
CA GLN C 176 -36.15 17.01 -6.19
C GLN C 176 -35.89 18.42 -5.67
N ASN C 177 -35.22 18.52 -4.52
CA ASN C 177 -34.91 19.82 -3.92
C ASN C 177 -34.09 20.69 -4.87
N ILE C 178 -33.18 20.08 -5.63
CA ILE C 178 -32.31 20.87 -6.51
C ILE C 178 -33.16 21.77 -7.40
N LEU C 179 -34.07 21.17 -8.16
CA LEU C 179 -34.83 21.94 -9.12
C LEU C 179 -35.86 22.82 -8.44
N GLU C 180 -36.47 22.35 -7.35
CA GLU C 180 -37.42 23.22 -6.65
C GLU C 180 -36.74 24.53 -6.23
N LEU C 181 -35.58 24.42 -5.57
CA LEU C 181 -34.86 25.61 -5.15
C LEU C 181 -34.42 26.46 -6.33
N ARG C 182 -33.93 25.84 -7.41
CA ARG C 182 -33.51 26.64 -8.54
C ARG C 182 -34.68 27.45 -9.10
N LEU C 183 -35.87 26.85 -9.11
CA LEU C 183 -37.04 27.50 -9.70
C LEU C 183 -37.62 28.60 -8.81
N ASN C 184 -37.52 28.49 -7.50
CA ASN C 184 -38.29 29.35 -6.62
C ASN C 184 -37.45 30.32 -5.79
N ASN C 185 -36.23 30.63 -6.21
CA ASN C 185 -35.35 31.52 -5.44
C ASN C 185 -34.48 32.35 -6.38
N PRO C 186 -34.87 33.60 -6.65
CA PRO C 186 -34.08 34.46 -7.56
C PRO C 186 -32.59 34.56 -7.22
N ILE C 187 -32.30 34.48 -5.94
CA ILE C 187 -30.93 34.58 -5.51
C ILE C 187 -30.10 33.48 -6.12
N LEU C 188 -30.65 32.27 -6.25
CA LEU C 188 -29.93 31.19 -6.89
C LEU C 188 -29.90 31.38 -8.40
N ASN C 189 -30.94 31.98 -8.97
CA ASN C 189 -30.93 32.29 -10.38
C ASN C 189 -29.72 33.15 -10.73
N ILE C 190 -29.35 34.07 -9.84
CA ILE C 190 -28.16 34.88 -10.13
C ILE C 190 -26.88 34.11 -9.85
N LEU C 191 -26.84 33.36 -8.75
CA LEU C 191 -25.59 32.69 -8.38
C LEU C 191 -25.24 31.51 -9.28
N TRP C 192 -26.22 30.89 -9.95
CA TRP C 192 -25.91 29.74 -10.80
C TRP C 192 -25.05 30.11 -11.98
N ASP C 193 -25.05 31.37 -12.42
CA ASP C 193 -24.20 31.81 -13.51
C ASP C 193 -22.75 31.99 -13.09
N GLN C 194 -22.45 31.89 -11.79
CA GLN C 194 -21.10 32.07 -11.27
C GLN C 194 -20.60 30.86 -10.49
N ILE C 195 -21.16 29.67 -10.76
CA ILE C 195 -20.66 28.46 -10.12
C ILE C 195 -19.22 28.20 -10.54
N SER C 196 -18.40 27.78 -9.58
CA SER C 196 -16.99 27.51 -9.83
C SER C 196 -16.65 26.04 -9.85
N ALA C 197 -17.48 25.18 -9.26
CA ALA C 197 -17.25 23.73 -9.27
C ALA C 197 -18.48 23.03 -8.72
N VAL C 198 -18.72 21.82 -9.21
CA VAL C 198 -19.81 20.97 -8.71
C VAL C 198 -19.21 19.65 -8.27
N GLU C 199 -19.74 19.09 -7.18
CA GLU C 199 -19.33 17.79 -6.66
C GLU C 199 -20.58 16.95 -6.42
N ILE C 200 -20.73 15.89 -7.21
CA ILE C 200 -21.78 14.90 -7.02
C ILE C 200 -21.09 13.63 -6.55
N CYS C 201 -21.41 13.18 -5.34
CA CYS C 201 -20.63 12.13 -4.69
C CYS C 201 -21.56 11.17 -3.96
N VAL C 202 -21.39 9.88 -4.22
CA VAL C 202 -22.11 8.82 -3.50
C VAL C 202 -21.12 7.72 -3.11
N TYR C 203 -20.79 7.67 -1.83
CA TYR C 203 -19.92 6.66 -1.26
C TYR C 203 -20.74 5.75 -0.37
N GLU C 204 -20.43 4.47 -0.42
CA GLU C 204 -21.11 3.49 0.41
C GLU C 204 -20.09 2.72 1.21
N THR C 205 -20.49 2.33 2.41
CA THR C 205 -19.65 1.51 3.25
C THR C 205 -19.72 0.05 2.84
N LEU C 206 -20.81 -0.37 2.19
CA LEU C 206 -20.99 -1.74 1.76
C LEU C 206 -20.15 -2.06 0.53
N GLY C 207 -20.04 -3.35 0.22
CA GLY C 207 -19.38 -3.79 -0.96
C GLY C 207 -20.44 -4.46 -1.76
N VAL C 208 -20.10 -5.48 -2.55
CA VAL C 208 -21.06 -6.19 -3.40
C VAL C 208 -21.55 -7.44 -2.72
N GLU C 209 -20.68 -8.26 -2.15
CA GLU C 209 -21.06 -9.54 -1.53
C GLU C 209 -21.82 -10.60 -2.30
N GLU C 210 -21.20 -11.23 -3.30
CA GLU C 210 -21.85 -12.25 -4.19
C GLU C 210 -22.81 -11.69 -5.19
N ARG C 211 -23.08 -10.41 -5.12
CA ARG C 211 -23.89 -9.80 -6.15
C ARG C 211 -22.93 -9.72 -7.35
N GLY C 212 -21.64 -10.13 -7.21
CA GLY C 212 -20.65 -10.07 -8.26
C GLY C 212 -20.88 -10.71 -9.56
N GLU C 213 -21.78 -11.65 -9.67
CA GLU C 213 -22.05 -12.18 -10.96
C GLU C 213 -22.41 -11.02 -11.82
N PHE C 214 -23.22 -10.11 -11.31
CA PHE C 214 -23.70 -9.02 -12.10
C PHE C 214 -22.86 -7.81 -11.89
N TYR C 215 -22.33 -7.57 -10.71
CA TYR C 215 -21.53 -6.35 -10.58
C TYR C 215 -20.30 -6.42 -11.45
N ASP C 216 -19.68 -7.59 -11.55
CA ASP C 216 -18.42 -7.72 -12.28
C ASP C 216 -18.59 -7.45 -13.77
N LYS C 217 -19.82 -7.48 -14.27
CA LYS C 217 -20.07 -7.14 -15.67
C LYS C 217 -20.43 -5.68 -15.86
N ILE C 218 -20.54 -4.91 -14.78
CA ILE C 218 -21.04 -3.53 -14.83
C ILE C 218 -20.01 -2.56 -14.27
N GLY C 219 -19.64 -2.75 -13.01
CA GLY C 219 -18.69 -1.87 -12.36
C GLY C 219 -19.31 -0.55 -11.94
N ALA C 220 -18.60 0.14 -11.04
CA ALA C 220 -19.16 1.34 -10.41
C ALA C 220 -19.61 2.38 -11.42
N LEU C 221 -18.81 2.64 -12.46
CA LEU C 221 -19.11 3.72 -13.39
C LEU C 221 -20.49 3.52 -14.02
N ARG C 222 -20.78 2.33 -14.52
CA ARG C 222 -22.08 2.10 -15.13
C ARG C 222 -23.15 1.85 -14.07
N ASP C 223 -22.77 1.30 -12.91
CA ASP C 223 -23.75 1.02 -11.86
C ASP C 223 -24.43 2.30 -11.39
N MET C 224 -23.66 3.35 -11.12
CA MET C 224 -24.23 4.57 -10.56
C MET C 224 -24.00 5.83 -11.38
N VAL C 225 -22.85 5.97 -12.05
CA VAL C 225 -22.58 7.26 -12.67
C VAL C 225 -23.37 7.42 -13.96
N GLN C 226 -23.49 6.33 -14.73
CA GLN C 226 -24.19 6.40 -16.01
C GLN C 226 -25.63 6.87 -15.84
N ASN C 227 -26.28 6.51 -14.73
CA ASN C 227 -27.70 6.77 -14.56
C ASN C 227 -28.00 7.77 -13.44
N HIS C 228 -27.67 7.43 -12.19
CA HIS C 228 -28.07 8.30 -11.08
C HIS C 228 -27.36 9.64 -11.14
N LEU C 229 -26.03 9.61 -11.05
CA LEU C 229 -25.26 10.85 -10.93
C LEU C 229 -25.41 11.74 -12.15
N LEU C 230 -25.56 11.16 -13.35
CA LEU C 230 -25.72 12.01 -14.52
C LEU C 230 -27.11 12.62 -14.61
N GLN C 231 -28.12 11.91 -14.11
CA GLN C 231 -29.43 12.51 -13.94
C GLN C 231 -29.35 13.73 -13.02
N VAL C 232 -28.66 13.57 -11.89
CA VAL C 232 -28.49 14.68 -10.96
C VAL C 232 -27.76 15.83 -11.66
N LEU C 233 -26.69 15.52 -12.39
CA LEU C 233 -25.96 16.54 -13.12
C LEU C 233 -26.88 17.33 -14.06
N SER C 234 -27.72 16.62 -14.81
CA SER C 234 -28.60 17.31 -15.74
C SER C 234 -29.56 18.22 -15.00
N LEU C 235 -30.01 17.80 -13.82
CA LEU C 235 -30.88 18.67 -13.04
C LEU C 235 -30.15 19.92 -12.54
N ILE C 236 -28.87 19.79 -12.22
CA ILE C 236 -28.09 20.96 -11.80
C ILE C 236 -27.86 21.92 -12.95
N ALA C 237 -27.56 21.40 -14.14
CA ALA C 237 -27.01 22.21 -15.21
C ALA C 237 -28.05 22.64 -16.25
N THR C 238 -29.28 22.22 -16.13
CA THR C 238 -30.26 22.57 -17.12
C THR C 238 -30.74 23.95 -17.14
N ASP C 239 -30.96 24.49 -18.31
CA ASP C 239 -31.64 25.77 -18.39
C ASP C 239 -33.03 25.59 -17.79
N LEU C 240 -33.50 26.61 -17.07
CA LEU C 240 -34.79 26.48 -16.40
C LEU C 240 -35.90 26.51 -17.44
N PRO C 241 -36.80 25.53 -17.45
CA PRO C 241 -37.78 25.44 -18.52
C PRO C 241 -38.92 26.43 -18.35
N ASP C 242 -39.43 26.91 -19.49
CA ASP C 242 -40.63 27.74 -19.47
C ASP C 242 -41.84 26.90 -19.09
N ASP C 243 -41.94 25.74 -19.72
CA ASP C 243 -42.94 24.73 -19.41
C ASP C 243 -42.22 23.55 -18.78
N LEU C 244 -42.69 23.12 -17.61
CA LEU C 244 -41.98 22.02 -16.96
C LEU C 244 -42.01 20.78 -17.83
N LYS C 245 -43.00 20.69 -18.72
CA LYS C 245 -43.11 19.59 -19.67
C LYS C 245 -42.03 19.63 -20.74
N ASP C 246 -41.37 20.77 -20.95
CA ASP C 246 -40.22 20.81 -21.85
C ASP C 246 -38.93 20.49 -21.11
N LEU C 247 -39.01 20.22 -19.81
CA LEU C 247 -37.81 19.92 -19.04
C LEU C 247 -37.03 18.79 -19.69
N ARG C 248 -37.70 17.69 -20.04
CA ARG C 248 -37.00 16.61 -20.71
C ARG C 248 -36.10 17.16 -21.81
N LYS C 249 -36.64 17.99 -22.70
CA LYS C 249 -35.83 18.55 -23.78
C LYS C 249 -34.53 19.11 -23.22
N GLU C 250 -34.64 20.09 -22.32
CA GLU C 250 -33.44 20.78 -21.85
C GLU C 250 -32.47 19.82 -21.20
N LYS C 251 -32.98 18.83 -20.46
CA LYS C 251 -32.05 17.89 -19.84
C LYS C 251 -31.19 17.22 -20.90
N ILE C 252 -31.82 16.66 -21.94
CA ILE C 252 -31.06 16.07 -23.02
C ILE C 252 -30.04 17.07 -23.54
N LYS C 253 -30.50 18.32 -23.78
CA LYS C 253 -29.60 19.33 -24.30
C LYS C 253 -28.31 19.34 -23.51
N VAL C 254 -28.41 19.49 -22.18
CA VAL C 254 -27.19 19.64 -21.40
C VAL C 254 -26.36 18.37 -21.43
N LEU C 255 -27.01 17.20 -21.37
CA LEU C 255 -26.24 15.96 -21.41
C LEU C 255 -25.47 15.84 -22.71
N LYS C 256 -25.97 16.44 -23.79
CA LYS C 256 -25.26 16.36 -25.06
C LYS C 256 -24.01 17.23 -25.09
N THR C 257 -23.87 18.17 -24.16
CA THR C 257 -22.69 19.03 -24.11
C THR C 257 -21.56 18.39 -23.31
N LEU C 258 -21.75 17.20 -22.77
CA LEU C 258 -20.71 16.52 -22.02
C LEU C 258 -19.49 16.31 -22.90
N GLN C 259 -18.34 16.74 -22.40
CA GLN C 259 -17.11 16.61 -23.18
C GLN C 259 -16.39 15.30 -22.82
N PRO C 260 -15.80 14.62 -23.81
CA PRO C 260 -14.88 13.53 -23.45
C PRO C 260 -13.64 14.08 -22.83
N PRO C 261 -12.93 13.31 -22.01
CA PRO C 261 -11.77 13.83 -21.30
C PRO C 261 -10.72 14.38 -22.27
N LYS C 262 -10.18 15.57 -21.95
CA LYS C 262 -9.03 16.07 -22.71
C LYS C 262 -7.73 15.39 -22.31
N ASN C 263 -7.60 15.00 -21.03
CA ASN C 263 -6.40 14.31 -20.53
C ASN C 263 -6.89 13.29 -19.52
N PHE C 264 -6.83 12.01 -19.90
CA PHE C 264 -7.46 10.99 -19.08
C PHE C 264 -6.84 10.95 -17.69
N LYS C 265 -5.52 11.00 -17.60
CA LYS C 265 -4.86 10.89 -16.30
C LYS C 265 -5.23 12.05 -15.38
N LYS C 266 -5.49 13.23 -15.94
CA LYS C 266 -5.85 14.37 -15.11
C LYS C 266 -7.32 14.39 -14.74
N GLN C 267 -8.15 13.58 -15.41
CA GLN C 267 -9.59 13.68 -15.26
C GLN C 267 -10.29 12.40 -14.82
N VAL C 268 -9.58 11.28 -14.69
CA VAL C 268 -10.23 10.00 -14.37
C VAL C 268 -9.35 9.22 -13.41
N ILE C 269 -9.93 8.79 -12.29
CA ILE C 269 -9.27 7.91 -11.33
C ILE C 269 -10.23 6.77 -11.02
N ARG C 270 -9.75 5.55 -11.14
CA ARG C 270 -10.54 4.36 -10.86
C ARG C 270 -9.77 3.43 -9.93
N ALA C 271 -10.52 2.59 -9.24
CA ALA C 271 -9.88 1.66 -8.32
C ALA C 271 -10.82 0.52 -7.96
N GLN C 272 -10.26 -0.48 -7.30
CA GLN C 272 -10.93 -1.71 -6.93
C GLN C 272 -10.44 -2.11 -5.56
N TYR C 273 -11.35 -2.41 -4.65
CA TYR C 273 -10.94 -2.63 -3.28
C TYR C 273 -10.38 -4.04 -3.09
N GLN C 274 -9.41 -4.14 -2.18
CA GLN C 274 -8.80 -5.41 -1.86
C GLN C 274 -9.86 -6.36 -1.32
N GLY C 275 -9.87 -7.58 -1.85
CA GLY C 275 -10.88 -8.56 -1.50
C GLY C 275 -12.03 -8.64 -2.47
N TYR C 276 -12.13 -7.69 -3.42
CA TYR C 276 -13.19 -7.78 -4.41
C TYR C 276 -13.03 -9.04 -5.25
N ARG C 277 -11.80 -9.34 -5.68
CA ARG C 277 -11.56 -10.53 -6.49
C ARG C 277 -11.81 -11.81 -5.71
N ASP C 278 -11.85 -11.77 -4.38
CA ASP C 278 -12.16 -12.96 -3.60
C ASP C 278 -13.65 -13.07 -3.31
N GLU C 279 -14.43 -12.03 -3.56
CA GLU C 279 -15.87 -12.20 -3.44
C GLU C 279 -16.28 -13.32 -4.38
N ASN C 280 -17.33 -14.03 -4.01
CA ASN C 280 -17.75 -15.15 -4.81
C ASN C 280 -18.18 -14.70 -6.21
N LYS C 281 -17.69 -15.43 -7.21
CA LYS C 281 -18.20 -15.37 -8.57
C LYS C 281 -17.78 -14.10 -9.30
N VAL C 282 -16.64 -13.56 -8.88
CA VAL C 282 -15.88 -12.57 -9.62
C VAL C 282 -14.67 -13.28 -10.21
N ASN C 283 -14.29 -12.93 -11.44
CA ASN C 283 -13.09 -13.51 -12.01
C ASN C 283 -11.90 -13.08 -11.18
N LYS C 284 -11.00 -14.03 -10.87
CA LYS C 284 -9.85 -13.64 -10.06
C LYS C 284 -8.93 -12.67 -10.80
N GLU C 285 -9.10 -12.52 -12.11
CA GLU C 285 -8.33 -11.55 -12.89
C GLU C 285 -9.19 -10.36 -13.31
N SER C 286 -10.16 -9.98 -12.47
CA SER C 286 -11.12 -8.94 -12.84
C SER C 286 -10.48 -7.56 -12.83
N GLN C 287 -10.88 -6.72 -13.79
CA GLN C 287 -10.48 -5.32 -13.82
C GLN C 287 -11.63 -4.38 -13.49
N THR C 288 -12.75 -4.92 -13.00
CA THR C 288 -13.91 -4.09 -12.74
C THR C 288 -13.63 -3.15 -11.57
N GLU C 289 -13.96 -1.87 -11.76
CA GLU C 289 -13.71 -0.87 -10.74
C GLU C 289 -14.86 -0.82 -9.75
N THR C 290 -14.52 -0.73 -8.47
CA THR C 290 -15.47 -0.44 -7.42
C THR C 290 -15.39 1.01 -6.98
N PHE C 291 -14.60 1.82 -7.68
CA PHE C 291 -14.38 3.22 -7.32
C PHE C 291 -14.14 4.04 -8.57
N VAL C 292 -14.85 5.16 -8.72
CA VAL C 292 -14.66 6.09 -9.82
C VAL C 292 -14.69 7.51 -9.31
N ALA C 293 -13.83 8.35 -9.90
CA ALA C 293 -13.86 9.80 -9.74
C ALA C 293 -13.52 10.41 -11.10
N ILE C 294 -14.36 11.33 -11.55
CA ILE C 294 -14.28 11.89 -12.90
C ILE C 294 -14.38 13.40 -12.77
N LYS C 295 -13.48 14.12 -13.44
CA LYS C 295 -13.59 15.56 -13.58
C LYS C 295 -14.17 15.81 -14.98
N ALA C 296 -15.45 16.18 -15.05
CA ALA C 296 -16.15 16.33 -16.31
C ALA C 296 -16.35 17.81 -16.62
N PHE C 297 -16.54 18.10 -17.90
CA PHE C 297 -16.80 19.46 -18.34
C PHE C 297 -17.95 19.47 -19.34
N LEU C 298 -18.69 20.58 -19.35
CA LEU C 298 -19.78 20.81 -20.28
C LEU C 298 -19.41 21.94 -21.23
N ASP C 299 -19.71 21.74 -22.52
CA ASP C 299 -19.53 22.79 -23.52
C ASP C 299 -20.82 23.60 -23.67
N THR C 300 -21.15 24.34 -22.61
CA THR C 300 -22.19 25.35 -22.64
C THR C 300 -21.64 26.64 -22.05
N PRO C 301 -22.16 27.80 -22.48
CA PRO C 301 -21.55 29.07 -22.05
C PRO C 301 -21.63 29.25 -20.55
N LYS C 302 -22.77 28.88 -19.98
CA LYS C 302 -23.06 29.05 -18.57
C LYS C 302 -22.11 28.27 -17.67
N PHE C 303 -21.43 27.25 -18.21
CA PHE C 303 -20.53 26.41 -17.42
C PHE C 303 -19.15 26.23 -18.05
N LYS C 304 -18.73 27.12 -18.95
CA LYS C 304 -17.42 26.99 -19.54
C LYS C 304 -16.35 26.94 -18.46
N GLY C 305 -15.57 25.86 -18.44
CA GLY C 305 -14.47 25.71 -17.52
C GLY C 305 -14.84 25.25 -16.13
N VAL C 306 -16.10 24.90 -15.88
CA VAL C 306 -16.57 24.53 -14.55
C VAL C 306 -16.44 23.01 -14.41
N PRO C 307 -15.60 22.51 -13.50
CA PRO C 307 -15.50 21.06 -13.34
C PRO C 307 -16.65 20.48 -12.53
N PHE C 308 -17.18 19.37 -13.05
CA PHE C 308 -18.16 18.53 -12.37
C PHE C 308 -17.46 17.27 -11.90
N TYR C 309 -17.19 17.18 -10.61
CA TYR C 309 -16.60 15.97 -10.04
C TYR C 309 -17.69 14.95 -9.76
N LEU C 310 -17.62 13.81 -10.45
CA LEU C 310 -18.54 12.70 -10.26
C LEU C 310 -17.79 11.60 -9.54
N LYS C 311 -18.25 11.26 -8.33
CA LYS C 311 -17.55 10.29 -7.50
C LYS C 311 -18.53 9.26 -6.97
N HIS C 312 -18.15 7.99 -7.10
CA HIS C 312 -18.96 6.95 -6.51
C HIS C 312 -18.07 5.77 -6.15
N ALA C 313 -18.34 5.16 -5.00
CA ALA C 313 -17.51 4.01 -4.65
C ALA C 313 -18.13 3.22 -3.50
N LYS C 314 -17.69 1.97 -3.40
CA LYS C 314 -18.11 1.04 -2.37
C LYS C 314 -16.94 0.74 -1.44
N LYS C 315 -17.24 0.08 -0.32
CA LYS C 315 -16.24 -0.21 0.71
C LYS C 315 -15.44 1.04 1.09
N MET C 316 -16.14 2.15 1.19
CA MET C 316 -15.53 3.41 1.61
C MET C 316 -15.61 3.55 3.12
N PRO C 317 -14.91 4.52 3.69
CA PRO C 317 -14.91 4.65 5.16
C PRO C 317 -16.23 5.14 5.72
N HIS C 318 -16.93 6.02 5.00
CA HIS C 318 -18.19 6.57 5.48
C HIS C 318 -19.20 6.61 4.34
N ASN C 319 -20.47 6.46 4.70
CA ASN C 319 -21.55 6.70 3.76
C ASN C 319 -21.71 8.19 3.51
N GLN C 320 -21.89 8.55 2.24
CA GLN C 320 -22.08 9.94 1.85
C GLN C 320 -22.86 9.98 0.55
N ALA C 321 -23.75 10.96 0.43
CA ALA C 321 -24.55 11.14 -0.78
C ALA C 321 -24.94 12.61 -0.82
N SER C 322 -24.31 13.37 -1.69
CA SER C 322 -24.42 14.82 -1.61
C SER C 322 -24.19 15.45 -2.97
N VAL C 323 -24.65 16.69 -3.09
CA VAL C 323 -24.27 17.59 -4.17
C VAL C 323 -23.72 18.84 -3.50
N LYS C 324 -22.43 19.13 -3.71
CA LYS C 324 -21.83 20.38 -3.25
C LYS C 324 -21.72 21.27 -4.47
N ILE C 325 -22.52 22.34 -4.51
CA ILE C 325 -22.41 23.37 -5.53
C ILE C 325 -21.53 24.47 -4.96
N HIS C 326 -20.30 24.55 -5.47
CA HIS C 326 -19.32 25.52 -5.01
C HIS C 326 -19.48 26.83 -5.76
N PHE C 327 -19.68 27.91 -5.02
CA PHE C 327 -19.27 29.22 -5.47
C PHE C 327 -18.05 29.65 -4.65
N ASN C 328 -16.99 30.03 -5.37
CA ASN C 328 -15.86 30.82 -4.85
C ASN C 328 -15.18 30.23 -3.62
N ALA C 329 -14.94 28.93 -3.62
CA ALA C 329 -13.87 28.37 -2.79
C ALA C 329 -14.11 28.47 -1.28
N VAL C 330 -15.14 29.23 -0.86
CA VAL C 330 -15.58 29.22 0.52
C VAL C 330 -17.07 29.04 0.66
N ASN C 331 -17.87 29.37 -0.35
CA ASN C 331 -19.32 29.37 -0.20
C ASN C 331 -19.85 28.18 -0.97
N THR C 332 -20.57 27.29 -0.28
CA THR C 332 -21.06 26.14 -1.02
C THR C 332 -22.43 25.70 -0.54
N LEU C 333 -23.31 25.46 -1.51
CA LEU C 333 -24.69 25.04 -1.27
C LEU C 333 -24.75 23.52 -1.46
N GLU C 334 -25.08 22.81 -0.39
CA GLU C 334 -25.06 21.36 -0.37
C GLU C 334 -26.47 20.80 -0.26
N PHE C 335 -26.78 19.85 -1.11
CA PHE C 335 -28.05 19.19 -1.09
C PHE C 335 -27.73 17.77 -0.77
N PHE C 336 -28.20 17.30 0.35
CA PHE C 336 -28.02 15.94 0.71
C PHE C 336 -29.05 15.13 -0.03
N LEU C 337 -28.71 13.94 -0.49
CA LEU C 337 -29.60 13.14 -1.30
C LEU C 337 -30.28 12.01 -0.60
N SER C 338 -29.75 11.58 0.52
CA SER C 338 -30.38 10.56 1.29
C SER C 338 -31.14 11.10 2.48
N GLN C 339 -31.18 12.40 2.65
CA GLN C 339 -31.87 13.06 3.73
C GLN C 339 -32.44 14.30 3.12
N ASP C 340 -33.47 14.87 3.68
CA ASP C 340 -33.97 16.14 3.17
C ASP C 340 -33.19 17.22 3.89
N LYS C 341 -31.98 17.50 3.45
CA LYS C 341 -31.19 18.49 4.10
C LYS C 341 -30.54 19.41 3.13
N ILE C 342 -30.53 20.70 3.44
CA ILE C 342 -29.88 21.67 2.60
C ILE C 342 -28.95 22.49 3.46
N THR C 343 -27.77 22.80 2.98
CA THR C 343 -26.79 23.49 3.74
C THR C 343 -26.12 24.61 2.99
N LEU C 344 -25.85 25.75 3.62
CA LEU C 344 -25.06 26.82 3.00
C LEU C 344 -23.87 27.11 3.87
N THR C 345 -22.68 27.11 3.28
CA THR C 345 -21.46 27.31 4.02
C THR C 345 -20.97 28.69 3.85
N LEU C 346 -20.76 29.37 4.97
CA LEU C 346 -20.30 30.73 4.95
C LEU C 346 -19.08 30.81 5.84
N LYS C 347 -18.21 31.74 5.58
CA LYS C 347 -17.02 31.83 6.36
C LYS C 347 -16.98 33.06 7.18
N ASP C 348 -16.62 32.91 8.44
CA ASP C 348 -16.41 34.09 9.25
C ASP C 348 -14.93 34.38 9.23
N HIS C 349 -14.51 35.37 10.00
CA HIS C 349 -13.12 35.71 10.05
C HIS C 349 -12.30 34.54 10.51
N GLN C 350 -12.80 33.74 11.43
CA GLN C 350 -12.06 32.55 11.83
C GLN C 350 -12.40 31.17 11.30
N ASN C 351 -13.65 30.75 11.40
CA ASN C 351 -14.03 29.37 11.08
C ASN C 351 -15.34 29.27 10.30
N PRO C 352 -15.67 28.07 9.74
CA PRO C 352 -16.88 28.08 8.92
C PRO C 352 -18.22 27.99 9.58
N LEU C 353 -19.22 28.63 8.98
CA LEU C 353 -20.54 28.60 9.50
C LEU C 353 -21.40 27.83 8.56
N ILE C 354 -22.15 26.88 9.05
CA ILE C 354 -23.04 26.09 8.24
C ILE C 354 -24.47 26.41 8.56
N LEU C 355 -25.25 26.80 7.57
CA LEU C 355 -26.65 27.11 7.74
C LEU C 355 -27.43 25.92 7.27
N GLU C 356 -28.38 25.46 8.05
CA GLU C 356 -29.08 24.25 7.73
C GLU C 356 -30.56 24.17 7.90
N THR C 357 -31.23 23.39 7.07
CA THR C 357 -32.64 23.14 7.23
C THR C 357 -32.72 21.64 7.20
N TYR C 358 -33.46 21.02 8.11
CA TYR C 358 -33.64 19.56 8.07
C TYR C 358 -35.06 19.12 8.41
N ASN C 359 -35.52 18.03 7.80
CA ASN C 359 -36.85 17.50 8.07
C ASN C 359 -36.79 15.98 8.08
N LYS C 360 -37.72 15.31 8.74
CA LYS C 360 -37.79 13.83 8.76
C LYS C 360 -38.36 13.19 7.53
N GLN C 361 -38.25 11.99 7.52
CA GLN C 361 -38.64 11.29 6.31
C GLN C 361 -40.08 11.14 5.92
N GLU C 362 -40.36 11.13 4.63
CA GLU C 362 -41.75 11.07 4.17
C GLU C 362 -42.36 9.74 4.55
N PHE C 363 -41.50 8.75 4.73
CA PHE C 363 -41.94 7.38 4.98
C PHE C 363 -42.38 6.75 3.73
N LEU C 364 -42.19 7.41 2.64
CA LEU C 364 -42.42 6.71 1.41
C LEU C 364 -41.04 6.74 0.83
N GLN C 365 -40.39 5.60 0.81
CA GLN C 365 -39.08 5.53 0.27
C GLN C 365 -39.12 5.70 -1.23
N PRO C 366 -38.07 6.25 -1.81
CA PRO C 366 -38.09 6.54 -3.24
C PRO C 366 -38.66 5.47 -4.17
N TYR C 367 -38.36 4.20 -3.97
CA TYR C 367 -38.85 3.14 -4.79
C TYR C 367 -40.33 2.99 -4.67
N ALA C 368 -40.86 3.14 -3.49
CA ALA C 368 -42.29 3.07 -3.26
C ALA C 368 -43.06 4.12 -3.96
N LYS C 369 -42.55 5.31 -3.95
CA LYS C 369 -43.21 6.36 -4.62
C LYS C 369 -43.26 6.08 -6.07
N LEU C 370 -42.17 5.60 -6.63
CA LEU C 370 -42.10 5.24 -8.04
C LEU C 370 -42.93 4.04 -8.42
N LEU C 371 -42.98 3.04 -7.59
CA LEU C 371 -43.85 1.93 -7.86
C LEU C 371 -45.28 2.36 -7.82
N TYR C 372 -45.65 3.26 -6.92
CA TYR C 372 -46.98 3.84 -6.92
C TYR C 372 -47.26 4.59 -8.21
N ASP C 373 -46.30 5.44 -8.63
CA ASP C 373 -46.47 6.14 -9.90
C ASP C 373 -46.71 5.15 -11.03
N ALA C 374 -46.02 4.01 -11.00
CA ALA C 374 -46.18 3.01 -12.05
C ALA C 374 -47.57 2.40 -12.03
N ILE C 375 -48.07 2.06 -10.84
CA ILE C 375 -49.44 1.55 -10.73
C ILE C 375 -50.47 2.58 -11.19
N GLN C 376 -50.11 3.86 -11.20
CA GLN C 376 -50.99 4.93 -11.69
C GLN C 376 -50.74 5.30 -13.14
N ASN C 377 -49.78 4.66 -13.81
CA ASN C 377 -49.43 5.02 -15.19
C ASN C 377 -48.94 6.46 -15.28
N ASN C 378 -48.05 6.82 -14.36
CA ASN C 378 -47.48 8.15 -14.32
C ASN C 378 -45.99 8.05 -14.66
N HIS C 379 -45.62 8.59 -15.83
CA HIS C 379 -44.28 8.45 -16.38
C HIS C 379 -43.35 9.62 -16.05
N ASN C 380 -43.82 10.65 -15.36
CA ASN C 380 -43.06 11.90 -15.29
C ASN C 380 -41.72 11.71 -14.59
N ASN C 381 -41.68 10.88 -13.55
CA ASN C 381 -40.47 10.69 -12.75
C ASN C 381 -39.67 9.45 -13.15
N PHE C 382 -39.80 8.99 -14.38
CA PHE C 382 -39.01 7.88 -14.89
C PHE C 382 -38.04 8.40 -15.94
N ALA C 383 -36.98 7.61 -16.17
CA ALA C 383 -35.94 8.01 -17.09
C ALA C 383 -36.41 7.86 -18.54
N HIS C 384 -35.94 8.77 -19.39
CA HIS C 384 -36.32 8.81 -20.78
C HIS C 384 -35.17 8.37 -21.67
N GLN C 385 -35.52 7.77 -22.82
CA GLN C 385 -34.55 7.07 -23.66
C GLN C 385 -33.36 7.97 -24.04
N LEU C 386 -33.65 9.20 -24.49
CA LEU C 386 -32.59 10.02 -25.06
C LEU C 386 -31.63 10.52 -23.98
N GLU C 387 -32.15 10.75 -22.77
CA GLU C 387 -31.29 11.02 -21.63
C GLU C 387 -30.28 9.89 -21.46
N LEU C 388 -30.76 8.65 -21.42
CA LEU C 388 -29.89 7.51 -21.23
C LEU C 388 -28.87 7.39 -22.36
N GLU C 389 -29.29 7.67 -23.59
CA GLU C 389 -28.39 7.53 -24.73
C GLU C 389 -27.25 8.55 -24.68
N ALA C 390 -27.57 9.82 -24.38
CA ALA C 390 -26.50 10.81 -24.24
C ALA C 390 -25.55 10.45 -23.10
N SER C 391 -26.13 10.01 -21.97
CA SER C 391 -25.31 9.52 -20.87
C SER C 391 -24.36 8.45 -21.36
N TRP C 392 -24.86 7.53 -22.20
CA TRP C 392 -24.02 6.44 -22.68
C TRP C 392 -22.92 6.93 -23.59
N VAL C 393 -23.18 7.95 -24.40
CA VAL C 393 -22.11 8.52 -25.22
C VAL C 393 -20.92 8.86 -24.33
N PHE C 394 -21.18 9.68 -23.31
CA PHE C 394 -20.09 10.09 -22.42
C PHE C 394 -19.45 8.89 -21.72
N ILE C 395 -20.29 8.02 -21.17
CA ILE C 395 -19.79 6.90 -20.38
C ILE C 395 -18.96 5.96 -21.24
N ASP C 396 -19.36 5.80 -22.51
CA ASP C 396 -18.63 4.95 -23.43
C ASP C 396 -17.24 5.49 -23.69
N THR C 397 -17.12 6.82 -23.85
CA THR C 397 -15.78 7.40 -23.87
C THR C 397 -14.95 6.90 -22.69
N LEU C 398 -15.49 7.05 -21.48
CA LEU C 398 -14.67 6.70 -20.31
C LEU C 398 -14.33 5.21 -20.28
N ILE C 399 -15.26 4.36 -20.69
CA ILE C 399 -15.03 2.91 -20.70
C ILE C 399 -13.94 2.56 -21.70
N GLU C 400 -13.99 3.16 -22.88
CA GLU C 400 -12.95 2.95 -23.88
C GLU C 400 -11.59 3.30 -23.28
N GLY C 401 -11.53 4.38 -22.52
CA GLY C 401 -10.28 4.70 -21.82
C GLY C 401 -9.86 3.60 -20.86
N PHE C 402 -10.82 3.04 -20.11
CA PHE C 402 -10.48 1.95 -19.20
C PHE C 402 -9.86 0.77 -19.93
N ILE C 403 -10.39 0.43 -21.11
CA ILE C 403 -9.87 -0.74 -21.82
C ILE C 403 -8.47 -0.47 -22.34
N ASN C 404 -8.18 0.77 -22.75
CA ASN C 404 -6.83 1.14 -23.18
C ASN C 404 -5.90 1.37 -22.00
N ASN C 405 -6.34 1.04 -20.78
CA ASN C 405 -5.55 1.27 -19.57
C ASN C 405 -5.01 2.70 -19.57
N ALA C 406 -5.86 3.64 -19.97
CA ALA C 406 -5.44 5.04 -20.06
C ALA C 406 -5.20 5.65 -18.68
N THR C 407 -5.73 5.03 -17.63
CA THR C 407 -5.39 5.39 -16.27
C THR C 407 -5.45 4.09 -15.46
N PRO C 408 -4.56 3.91 -14.50
CA PRO C 408 -4.46 2.61 -13.83
C PRO C 408 -5.64 2.30 -12.91
N LEU C 409 -5.88 0.99 -12.73
CA LEU C 409 -6.87 0.49 -11.78
C LEU C 409 -6.16 0.36 -10.43
N TYR C 410 -6.24 1.40 -9.62
CA TYR C 410 -5.60 1.38 -8.32
C TYR C 410 -6.31 0.41 -7.37
N SER C 411 -5.69 0.19 -6.22
CA SER C 411 -6.22 -0.64 -5.15
C SER C 411 -6.47 0.21 -3.91
N TYR C 412 -7.41 -0.24 -3.07
CA TYR C 412 -7.60 0.41 -1.78
C TYR C 412 -8.16 -0.59 -0.78
N GLU C 413 -7.82 -0.39 0.49
CA GLU C 413 -8.29 -1.27 1.55
C GLU C 413 -9.69 -0.88 1.96
N SER C 414 -10.56 -1.87 2.15
CA SER C 414 -11.93 -1.60 2.57
C SER C 414 -11.95 -0.70 3.80
N HIS C 415 -12.80 0.30 3.77
CA HIS C 415 -12.98 1.21 4.88
C HIS C 415 -11.81 2.00 5.34
N ASN C 416 -10.78 2.12 4.52
CA ASN C 416 -9.56 2.80 4.97
C ASN C 416 -8.95 3.73 3.93
N LEU C 417 -9.65 4.02 2.85
CA LEU C 417 -9.11 4.96 1.86
C LEU C 417 -9.08 6.38 2.43
N ASN C 418 -8.08 7.14 2.00
CA ASN C 418 -7.97 8.58 2.31
C ASN C 418 -8.35 9.30 1.03
N GLU C 419 -9.62 9.67 0.94
CA GLU C 419 -10.18 10.15 -0.32
C GLU C 419 -9.49 11.43 -0.79
N SER C 420 -9.18 12.33 0.13
CA SER C 420 -8.59 13.62 -0.26
C SER C 420 -7.19 13.43 -0.84
N GLU C 421 -6.37 12.61 -0.17
CA GLU C 421 -5.04 12.32 -0.69
C GLU C 421 -5.12 11.61 -2.03
N PHE C 422 -6.01 10.63 -2.14
CA PHE C 422 -6.11 9.81 -3.34
C PHE C 422 -6.51 10.61 -4.58
N LEU C 423 -7.29 11.68 -4.41
CA LEU C 423 -7.84 12.41 -5.55
C LEU C 423 -7.16 13.76 -5.80
N LYS C 424 -6.08 14.08 -5.09
CA LYS C 424 -5.38 15.33 -5.35
C LYS C 424 -5.12 15.60 -6.83
N PRO C 425 -4.68 14.62 -7.64
CA PRO C 425 -4.50 14.90 -9.07
C PRO C 425 -5.72 15.52 -9.74
N LEU C 426 -6.91 15.12 -9.32
CA LEU C 426 -8.12 15.65 -9.96
C LEU C 426 -8.33 17.11 -9.59
N TYR C 427 -8.00 17.48 -8.36
CA TYR C 427 -8.32 18.81 -7.86
C TYR C 427 -7.21 19.82 -8.12
N GLN C 428 -6.03 19.39 -8.56
CA GLN C 428 -4.95 20.30 -8.92
C GLN C 428 -5.23 21.01 -10.24
N SER D 1 -1.45 -25.78 -43.69
CA SER D 1 -0.07 -26.22 -43.72
C SER D 1 0.78 -25.36 -42.81
N GLU D 2 1.83 -24.73 -43.36
CA GLU D 2 2.66 -23.84 -42.59
C GLU D 2 1.95 -22.55 -42.43
N PHE D 3 1.27 -22.18 -43.46
CA PHE D 3 0.58 -20.95 -43.45
C PHE D 3 -0.85 -21.18 -43.49
N MET D 4 -1.61 -20.16 -43.18
CA MET D 4 -3.03 -20.22 -43.19
C MET D 4 -3.83 -21.18 -42.41
N LEU D 5 -3.46 -21.37 -41.16
CA LEU D 5 -3.84 -22.48 -40.35
C LEU D 5 -5.27 -22.81 -40.13
N ASP D 6 -5.61 -24.10 -40.18
CA ASP D 6 -6.96 -24.56 -40.04
C ASP D 6 -7.13 -25.33 -38.80
N PHE D 7 -7.81 -24.74 -37.85
CA PHE D 7 -7.93 -25.30 -36.57
C PHE D 7 -8.87 -24.62 -35.66
N ASP D 8 -9.45 -25.34 -34.74
CA ASP D 8 -10.22 -24.80 -33.64
C ASP D 8 -9.52 -25.18 -32.34
N LEU D 9 -9.42 -24.22 -31.43
CA LEU D 9 -8.78 -24.44 -30.13
C LEU D 9 -9.74 -23.99 -29.04
N VAL D 10 -10.10 -24.91 -28.15
CA VAL D 10 -10.88 -24.59 -26.96
C VAL D 10 -9.90 -24.45 -25.80
N LEU D 11 -9.86 -23.25 -25.20
CA LEU D 11 -8.88 -22.92 -24.17
C LEU D 11 -9.57 -22.93 -22.82
N PHE D 12 -9.33 -23.99 -22.05
CA PHE D 12 -9.87 -24.12 -20.71
C PHE D 12 -9.01 -23.32 -19.74
N GLY D 13 -9.66 -22.47 -18.95
CA GLY D 13 -8.93 -21.54 -18.10
C GLY D 13 -8.60 -20.23 -18.76
N ALA D 14 -9.44 -19.75 -19.70
CA ALA D 14 -9.09 -18.59 -20.49
C ALA D 14 -9.07 -17.31 -19.68
N THR D 15 -9.70 -17.28 -18.52
CA THR D 15 -9.65 -16.11 -17.65
C THR D 15 -8.52 -16.20 -16.63
N GLY D 16 -7.70 -17.24 -16.68
CA GLY D 16 -6.65 -17.42 -15.70
C GLY D 16 -5.41 -16.62 -16.03
N ASP D 17 -4.41 -16.74 -15.17
CA ASP D 17 -3.23 -15.89 -15.28
C ASP D 17 -2.37 -16.27 -16.47
N LEU D 18 -2.08 -17.56 -16.65
CA LEU D 18 -1.27 -17.97 -17.79
C LEU D 18 -1.94 -17.57 -19.09
N ALA D 19 -3.25 -17.78 -19.19
CA ALA D 19 -3.98 -17.42 -20.40
C ALA D 19 -3.77 -15.95 -20.74
N MET D 20 -3.78 -15.09 -19.72
CA MET D 20 -3.73 -13.66 -19.96
C MET D 20 -2.31 -13.11 -20.07
N ARG D 21 -1.31 -13.81 -19.53
CA ARG D 21 0.07 -13.33 -19.64
C ARG D 21 0.77 -13.79 -20.91
N LYS D 22 0.65 -15.05 -21.24
CA LYS D 22 1.42 -15.55 -22.34
C LYS D 22 0.69 -16.22 -23.44
N LEU D 23 -0.45 -16.77 -23.19
CA LEU D 23 -1.09 -17.65 -24.19
C LEU D 23 -1.79 -16.90 -25.33
N PHE D 24 -2.68 -15.96 -25.02
CA PHE D 24 -3.39 -15.28 -26.11
C PHE D 24 -2.43 -14.47 -26.98
N VAL D 25 -1.42 -13.86 -26.35
CA VAL D 25 -0.40 -13.15 -27.13
C VAL D 25 0.40 -14.14 -27.97
N SER D 26 0.66 -15.33 -27.44
CA SER D 26 1.33 -16.35 -28.24
C SER D 26 0.51 -16.71 -29.47
N LEU D 27 -0.80 -16.80 -29.30
CA LEU D 27 -1.68 -17.07 -30.44
C LEU D 27 -1.66 -15.91 -31.42
N TYR D 28 -1.59 -14.67 -30.92
CA TYR D 28 -1.49 -13.52 -31.80
C TYR D 28 -0.19 -13.55 -32.60
N GLU D 29 0.92 -13.94 -31.95
CA GLU D 29 2.19 -14.04 -32.65
C GLU D 29 2.11 -15.07 -33.76
N ILE D 30 1.54 -16.23 -33.45
CA ILE D 30 1.32 -17.25 -34.49
C ILE D 30 0.49 -16.66 -35.62
N TYR D 31 -0.54 -15.89 -35.26
CA TYR D 31 -1.45 -15.34 -36.26
C TYR D 31 -0.73 -14.38 -37.20
N THR D 32 0.13 -13.52 -36.66
CA THR D 32 0.78 -12.53 -37.51
C THR D 32 1.94 -13.13 -38.29
N HIS D 33 2.55 -14.21 -37.78
CA HIS D 33 3.70 -14.81 -38.43
C HIS D 33 3.31 -15.90 -39.43
N TYR D 34 2.11 -16.46 -39.33
CA TYR D 34 1.70 -17.56 -40.21
C TYR D 34 0.31 -17.42 -40.81
N GLY D 35 -0.56 -16.59 -40.25
CA GLY D 35 -1.92 -16.47 -40.75
C GLY D 35 -2.85 -17.58 -40.31
N PHE D 36 -4.12 -17.22 -40.12
CA PHE D 36 -5.22 -18.15 -39.86
C PHE D 36 -6.18 -18.11 -41.04
N LYS D 37 -6.94 -19.16 -41.19
CA LYS D 37 -7.99 -19.19 -42.16
C LYS D 37 -9.08 -18.43 -41.48
N LYS D 38 -9.95 -17.80 -42.22
CA LYS D 38 -10.96 -16.92 -41.64
C LYS D 38 -11.81 -17.64 -40.60
N ASP D 39 -12.11 -18.92 -40.81
CA ASP D 39 -13.02 -19.65 -39.94
C ASP D 39 -12.30 -20.50 -38.90
N SER D 40 -10.99 -20.34 -38.73
CA SER D 40 -10.32 -20.99 -37.63
C SER D 40 -10.74 -20.29 -36.34
N LYS D 41 -11.08 -21.06 -35.32
CA LYS D 41 -11.74 -20.50 -34.15
C LYS D 41 -10.91 -20.72 -32.88
N ILE D 42 -10.83 -19.66 -32.08
CA ILE D 42 -10.22 -19.72 -30.75
C ILE D 42 -11.34 -19.48 -29.75
N ILE D 43 -11.79 -20.53 -29.09
CA ILE D 43 -12.93 -20.47 -28.18
C ILE D 43 -12.38 -20.46 -26.76
N ALA D 44 -12.33 -19.28 -26.16
CA ALA D 44 -11.95 -19.18 -24.76
C ALA D 44 -13.08 -19.69 -23.88
N SER D 45 -12.72 -20.39 -22.81
CA SER D 45 -13.73 -20.97 -21.93
C SER D 45 -13.34 -20.70 -20.49
N GLY D 46 -14.32 -20.65 -19.64
CA GLY D 46 -14.09 -20.48 -18.23
C GLY D 46 -15.36 -20.89 -17.58
N ARG D 47 -15.47 -20.72 -16.28
CA ARG D 47 -16.62 -21.21 -15.58
C ARG D 47 -17.71 -20.24 -15.26
N LYS D 48 -17.47 -18.97 -15.48
CA LYS D 48 -18.44 -18.00 -15.26
C LYS D 48 -18.99 -17.65 -16.59
N GLU D 49 -20.21 -17.18 -16.60
CA GLU D 49 -20.82 -16.82 -17.82
C GLU D 49 -20.50 -15.43 -18.20
N LEU D 50 -19.93 -15.27 -19.37
CA LEU D 50 -19.62 -13.98 -19.85
C LEU D 50 -20.11 -13.94 -21.26
N SER D 51 -20.12 -12.79 -21.85
CA SER D 51 -20.51 -12.64 -23.22
C SER D 51 -19.24 -12.56 -24.06
N ASN D 52 -19.32 -12.74 -25.38
CA ASN D 52 -18.10 -12.57 -26.17
C ASN D 52 -17.49 -11.20 -25.95
N GLU D 53 -18.32 -10.15 -25.97
CA GLU D 53 -17.81 -8.79 -25.84
C GLU D 53 -17.22 -8.54 -24.46
N GLU D 54 -17.79 -9.13 -23.41
CA GLU D 54 -17.27 -8.90 -22.06
C GLU D 54 -15.94 -9.61 -21.88
N PHE D 55 -15.81 -10.82 -22.43
CA PHE D 55 -14.53 -11.51 -22.38
C PHE D 55 -13.47 -10.79 -23.20
N LEU D 56 -13.85 -10.30 -24.39
CA LEU D 56 -12.91 -9.53 -25.20
C LEU D 56 -12.49 -8.25 -24.49
N ALA D 57 -13.40 -7.60 -23.77
CA ALA D 57 -13.02 -6.41 -23.02
C ALA D 57 -12.00 -6.76 -21.94
N LEU D 58 -12.23 -7.87 -21.22
CA LEU D 58 -11.25 -8.30 -20.22
C LEU D 58 -9.89 -8.57 -20.86
N LEU D 59 -9.90 -9.33 -21.96
CA LEU D 59 -8.65 -9.68 -22.63
C LEU D 59 -7.92 -8.44 -23.14
N CYS D 60 -8.66 -7.53 -23.77
CA CYS D 60 -8.06 -6.33 -24.34
C CYS D 60 -7.57 -5.39 -23.26
N GLU D 61 -8.13 -5.44 -22.05
CA GLU D 61 -7.54 -4.60 -21.02
C GLU D 61 -6.28 -5.26 -20.44
N LYS D 62 -6.19 -6.53 -20.35
CA LYS D 62 -5.05 -7.09 -19.71
C LYS D 62 -3.90 -7.28 -20.61
N THR D 63 -4.12 -7.27 -21.92
CA THR D 63 -3.09 -7.49 -22.94
C THR D 63 -2.85 -6.42 -23.97
N GLN D 64 -3.82 -5.58 -24.24
CA GLN D 64 -3.72 -4.56 -25.27
C GLN D 64 -3.55 -4.99 -26.71
N LEU D 65 -4.02 -6.17 -27.06
CA LEU D 65 -3.89 -6.69 -28.39
C LEU D 65 -4.67 -5.94 -29.41
N HIS D 66 -5.68 -5.24 -29.03
CA HIS D 66 -6.47 -4.46 -29.93
C HIS D 66 -5.71 -3.35 -30.53
N SER D 67 -4.72 -2.90 -29.81
CA SER D 67 -3.87 -1.82 -30.30
C SER D 67 -2.69 -2.32 -31.13
N ARG D 68 -2.58 -3.63 -31.33
CA ARG D 68 -1.49 -4.14 -32.14
C ARG D 68 -1.86 -4.10 -33.63
N GLU D 69 -0.86 -4.35 -34.47
CA GLU D 69 -0.98 -4.04 -35.90
C GLU D 69 -2.19 -4.72 -36.53
N LYS D 70 -2.30 -6.03 -36.38
CA LYS D 70 -3.44 -6.77 -36.91
C LYS D 70 -4.32 -7.25 -35.76
N GLY D 71 -4.42 -6.40 -34.74
CA GLY D 71 -5.09 -6.81 -33.52
C GLY D 71 -6.54 -7.16 -33.74
N GLU D 72 -7.28 -6.26 -34.41
CA GLU D 72 -8.73 -6.45 -34.52
C GLU D 72 -9.10 -7.66 -35.38
N GLU D 73 -8.37 -8.00 -36.39
CA GLU D 73 -8.72 -9.11 -37.16
C GLU D 73 -8.34 -10.35 -36.44
N PHE D 74 -7.39 -10.30 -35.52
CA PHE D 74 -7.06 -11.42 -34.66
C PHE D 74 -8.17 -11.66 -33.65
N LEU D 75 -8.56 -10.62 -32.91
CA LEU D 75 -9.70 -10.75 -32.00
C LEU D 75 -10.94 -11.24 -32.71
N ALA D 76 -11.08 -10.98 -34.01
CA ALA D 76 -12.26 -11.48 -34.71
C ALA D 76 -12.34 -13.00 -34.66
N HIS D 77 -11.24 -13.68 -34.36
CA HIS D 77 -11.21 -15.13 -34.25
C HIS D 77 -11.57 -15.65 -32.87
N ILE D 78 -11.83 -14.78 -31.90
CA ILE D 78 -11.96 -15.18 -30.50
C ILE D 78 -13.42 -15.02 -30.06
N SER D 79 -13.92 -16.01 -29.34
CA SER D 79 -15.21 -15.93 -28.69
C SER D 79 -15.11 -16.62 -27.34
N TYR D 80 -16.18 -16.56 -26.55
CA TYR D 80 -16.18 -17.13 -25.21
C TYR D 80 -17.36 -18.06 -25.03
N PHE D 81 -17.09 -19.24 -24.48
CA PHE D 81 -18.12 -20.23 -24.19
C PHE D 81 -17.96 -20.72 -22.77
N CYS D 82 -19.00 -20.51 -21.95
CA CYS D 82 -18.98 -20.95 -20.57
C CYS D 82 -19.09 -22.46 -20.45
N VAL D 83 -18.13 -23.11 -19.83
CA VAL D 83 -18.20 -24.52 -19.53
C VAL D 83 -17.77 -24.67 -18.10
N ARG D 84 -18.67 -25.11 -17.24
CA ARG D 84 -18.37 -25.37 -15.86
C ARG D 84 -17.93 -26.78 -15.81
N LEU D 85 -16.73 -27.00 -15.34
CA LEU D 85 -16.13 -28.32 -15.36
C LEU D 85 -16.67 -29.30 -14.40
N ASP D 86 -17.50 -28.84 -13.48
CA ASP D 86 -18.13 -29.68 -12.52
C ASP D 86 -19.46 -30.13 -13.08
N ASN D 87 -19.97 -29.44 -14.10
CA ASN D 87 -21.22 -29.79 -14.74
C ASN D 87 -21.06 -30.60 -16.04
N PRO D 88 -21.43 -31.90 -16.05
CA PRO D 88 -21.30 -32.64 -17.33
C PRO D 88 -22.22 -32.14 -18.45
N LYS D 89 -23.31 -31.44 -18.15
CA LYS D 89 -24.20 -30.98 -19.22
C LYS D 89 -23.59 -29.82 -20.00
N ASP D 90 -22.76 -29.01 -19.33
CA ASP D 90 -22.01 -28.00 -20.06
C ASP D 90 -21.17 -28.62 -21.16
N PHE D 91 -20.66 -29.84 -20.93
CA PHE D 91 -19.91 -30.52 -21.98
C PHE D 91 -20.84 -31.04 -23.08
N GLU D 92 -22.11 -31.27 -22.78
CA GLU D 92 -23.07 -31.56 -23.85
C GLU D 92 -23.29 -30.32 -24.72
N GLU D 93 -23.39 -29.15 -24.14
CA GLU D 93 -23.55 -27.94 -24.89
C GLU D 93 -22.31 -27.76 -25.70
N LEU D 94 -21.15 -27.88 -25.09
CA LEU D 94 -19.94 -27.96 -25.87
C LEU D 94 -20.09 -29.20 -26.73
N SER D 95 -19.39 -29.24 -27.84
CA SER D 95 -19.49 -30.32 -28.82
C SER D 95 -20.75 -30.19 -29.68
N LYS D 96 -21.72 -29.35 -29.31
CA LYS D 96 -22.63 -28.88 -30.35
C LYS D 96 -21.90 -27.89 -31.24
N ILE D 97 -20.78 -27.37 -30.74
CA ILE D 97 -19.92 -26.42 -31.41
C ILE D 97 -18.57 -27.02 -31.77
N ALA D 98 -18.29 -28.25 -31.33
CA ALA D 98 -17.02 -28.87 -31.64
C ALA D 98 -16.99 -29.32 -33.09
N THR D 99 -15.95 -28.90 -33.80
CA THR D 99 -15.77 -29.30 -35.20
C THR D 99 -15.41 -30.78 -35.32
N LYS D 100 -15.84 -31.38 -36.42
CA LYS D 100 -15.40 -32.72 -36.79
C LYS D 100 -14.50 -32.73 -38.02
N ASN D 101 -14.12 -31.58 -38.58
CA ASN D 101 -13.42 -31.57 -39.86
C ASN D 101 -12.01 -31.03 -39.84
N LYS D 102 -11.59 -30.36 -38.77
CA LYS D 102 -10.26 -29.79 -38.63
C LYS D 102 -9.66 -30.15 -37.29
N PRO D 103 -8.34 -29.99 -37.13
CA PRO D 103 -7.72 -30.22 -35.82
C PRO D 103 -8.41 -29.40 -34.75
N LEU D 104 -8.82 -30.08 -33.69
CA LEU D 104 -9.53 -29.46 -32.57
C LEU D 104 -8.68 -29.72 -31.33
N ILE D 105 -8.09 -28.68 -30.76
CA ILE D 105 -7.20 -28.85 -29.62
C ILE D 105 -7.86 -28.25 -28.40
N PHE D 106 -7.89 -29.01 -27.31
CA PHE D 106 -8.35 -28.57 -26.02
C PHE D 106 -7.14 -28.30 -25.15
N TYR D 107 -7.03 -27.06 -24.68
CA TYR D 107 -5.90 -26.63 -23.87
C TYR D 107 -6.35 -26.58 -22.40
N PHE D 108 -5.69 -27.39 -21.56
CA PHE D 108 -6.07 -27.49 -20.15
C PHE D 108 -5.20 -26.53 -19.35
N SER D 109 -5.54 -25.24 -19.42
CA SER D 109 -4.86 -24.24 -18.59
C SER D 109 -5.54 -24.17 -17.22
N ILE D 110 -5.58 -25.35 -16.58
CA ILE D 110 -6.31 -25.57 -15.36
C ILE D 110 -5.48 -26.48 -14.46
N SER D 111 -5.88 -26.54 -13.20
CA SER D 111 -5.13 -27.33 -12.23
C SER D 111 -5.28 -28.81 -12.52
N PRO D 112 -4.24 -29.62 -12.26
CA PRO D 112 -4.28 -31.03 -12.68
C PRO D 112 -5.42 -31.82 -12.07
N SER D 113 -5.95 -31.40 -10.92
CA SER D 113 -7.05 -32.14 -10.33
C SER D 113 -8.28 -32.17 -11.23
N PHE D 114 -8.36 -31.26 -12.20
CA PHE D 114 -9.46 -31.25 -13.15
C PHE D 114 -9.16 -32.00 -14.44
N PHE D 115 -7.93 -32.50 -14.63
CA PHE D 115 -7.60 -33.14 -15.90
C PHE D 115 -8.52 -34.33 -16.19
N THR D 116 -8.43 -35.37 -15.34
CA THR D 116 -9.16 -36.60 -15.63
C THR D 116 -10.64 -36.32 -15.87
N THR D 117 -11.30 -35.65 -14.91
CA THR D 117 -12.71 -35.35 -15.07
C THR D 117 -12.96 -34.73 -16.45
N THR D 118 -12.23 -33.69 -16.79
CA THR D 118 -12.48 -33.02 -18.05
C THR D 118 -12.32 -33.99 -19.21
N ALA D 119 -11.21 -34.74 -19.21
CA ALA D 119 -11.00 -35.70 -20.29
C ALA D 119 -12.18 -36.66 -20.39
N GLN D 120 -12.66 -37.15 -19.25
CA GLN D 120 -13.79 -38.07 -19.30
C GLN D 120 -15.01 -37.39 -19.90
N ASN D 121 -15.32 -36.17 -19.44
CA ASN D 121 -16.46 -35.46 -19.99
C ASN D 121 -16.27 -35.17 -21.47
N LEU D 122 -15.02 -35.15 -21.96
CA LEU D 122 -14.81 -35.05 -23.38
C LEU D 122 -15.09 -36.37 -24.08
N ALA D 123 -14.55 -37.47 -23.53
CA ALA D 123 -14.77 -38.77 -24.14
C ALA D 123 -16.22 -39.21 -23.99
N GLN D 124 -16.88 -38.72 -22.95
CA GLN D 124 -18.29 -39.02 -22.71
C GLN D 124 -19.21 -38.41 -23.76
N ASN D 125 -18.72 -37.45 -24.55
CA ASN D 125 -19.53 -36.76 -25.56
C ASN D 125 -18.93 -36.90 -26.95
N ALA D 126 -18.18 -37.98 -27.20
CA ALA D 126 -17.62 -38.22 -28.53
C ALA D 126 -16.76 -37.05 -28.98
N LEU D 127 -16.02 -36.47 -28.05
CA LEU D 127 -15.08 -35.39 -28.35
C LEU D 127 -13.64 -35.88 -28.33
N ASN D 128 -13.45 -37.17 -28.59
CA ASN D 128 -12.14 -37.80 -28.58
C ASN D 128 -11.83 -38.49 -29.91
N HIS D 129 -12.47 -38.08 -31.00
CA HIS D 129 -12.14 -38.65 -32.30
C HIS D 129 -10.75 -38.19 -32.73
N ALA D 130 -10.31 -38.71 -33.89
CA ALA D 130 -8.92 -38.57 -34.30
C ALA D 130 -8.48 -37.12 -34.44
N ASN D 131 -9.39 -36.21 -34.79
CA ASN D 131 -9.02 -34.82 -35.00
C ASN D 131 -8.84 -34.03 -33.71
N THR D 132 -8.88 -34.68 -32.55
CA THR D 132 -8.80 -33.98 -31.27
C THR D 132 -7.42 -34.15 -30.67
N ARG D 133 -6.93 -33.09 -30.04
CA ARG D 133 -5.65 -33.08 -29.35
C ARG D 133 -5.83 -32.44 -28.00
N LEU D 134 -5.11 -32.97 -27.01
CA LEU D 134 -5.16 -32.51 -25.64
C LEU D 134 -3.81 -31.90 -25.30
N ILE D 135 -3.80 -30.70 -24.74
CA ILE D 135 -2.58 -30.10 -24.22
C ILE D 135 -2.74 -29.99 -22.71
N LEU D 136 -1.90 -30.71 -21.98
CA LEU D 136 -1.99 -30.81 -20.53
C LEU D 136 -0.89 -29.96 -19.91
N GLU D 137 -1.27 -29.01 -19.06
CA GLU D 137 -0.30 -28.11 -18.42
C GLU D 137 0.86 -28.73 -17.63
N LYS D 138 1.89 -27.94 -17.37
CA LYS D 138 3.10 -28.44 -16.67
C LYS D 138 2.97 -29.30 -15.39
N PRO D 139 2.06 -28.94 -14.46
CA PRO D 139 1.98 -29.86 -13.31
C PRO D 139 1.11 -31.04 -13.71
N LEU D 140 1.72 -32.20 -13.93
CA LEU D 140 0.93 -33.39 -14.23
C LEU D 140 0.70 -34.12 -12.94
N GLY D 141 -0.35 -33.73 -12.21
CA GLY D 141 -0.61 -34.33 -10.93
C GLY D 141 0.17 -33.60 -9.86
N HIS D 142 0.23 -34.18 -8.67
CA HIS D 142 1.00 -33.60 -7.58
C HIS D 142 1.86 -34.65 -6.89
N ASP D 143 1.96 -35.84 -7.48
CA ASP D 143 2.85 -36.89 -7.03
C ASP D 143 2.84 -37.98 -8.10
N LEU D 144 3.63 -39.04 -7.87
CA LEU D 144 3.72 -40.10 -8.88
C LEU D 144 2.40 -40.83 -9.05
N LYS D 145 1.69 -41.08 -7.95
CA LYS D 145 0.42 -41.81 -8.04
C LYS D 145 -0.58 -41.09 -8.92
N THR D 146 -0.82 -39.80 -8.64
CA THR D 146 -1.81 -39.08 -9.44
C THR D 146 -1.34 -38.88 -10.86
N CYS D 147 -0.03 -38.73 -11.08
CA CYS D 147 0.49 -38.65 -12.44
C CYS D 147 0.16 -39.92 -13.23
N LYS D 148 0.51 -41.09 -12.66
CA LYS D 148 0.18 -42.36 -13.30
C LYS D 148 -1.32 -42.50 -13.51
N GLU D 149 -2.13 -42.11 -12.52
CA GLU D 149 -3.58 -42.27 -12.65
C GLU D 149 -4.15 -41.38 -13.74
N ILE D 150 -3.73 -40.12 -13.80
CA ILE D 150 -4.20 -39.22 -14.84
C ILE D 150 -3.86 -39.80 -16.20
N PHE D 151 -2.61 -40.24 -16.37
CA PHE D 151 -2.20 -40.81 -17.64
C PHE D 151 -3.03 -42.04 -18.00
N GLN D 152 -3.13 -43.00 -17.07
CA GLN D 152 -3.87 -44.23 -17.34
C GLN D 152 -5.31 -43.93 -17.71
N SER D 153 -5.95 -43.01 -16.98
CA SER D 153 -7.35 -42.70 -17.22
C SER D 153 -7.55 -42.02 -18.57
N ILE D 154 -6.65 -41.12 -18.95
CA ILE D 154 -6.85 -40.42 -20.21
C ILE D 154 -6.51 -41.33 -21.39
N SER D 155 -5.54 -42.24 -21.21
CA SER D 155 -5.17 -43.12 -22.31
C SER D 155 -6.32 -44.04 -22.71
N ALA D 156 -7.35 -44.13 -21.94
CA ALA D 156 -8.36 -45.05 -22.28
C ALA D 156 -9.17 -44.60 -23.41
N PHE D 157 -9.21 -43.32 -23.64
CA PHE D 157 -10.05 -42.83 -24.68
C PHE D 157 -9.31 -41.96 -25.62
N PHE D 158 -8.08 -41.67 -25.29
CA PHE D 158 -7.27 -40.86 -26.13
C PHE D 158 -5.99 -41.59 -26.43
N LYS D 159 -5.55 -41.60 -27.66
CA LYS D 159 -4.30 -42.20 -28.11
C LYS D 159 -3.13 -41.27 -27.83
N GLU D 160 -1.93 -41.79 -27.88
CA GLU D 160 -0.74 -41.03 -27.57
C GLU D 160 -0.56 -39.84 -28.45
N GLU D 161 -0.86 -40.00 -29.70
CA GLU D 161 -0.71 -38.92 -30.61
C GLU D 161 -1.60 -37.77 -30.28
N GLN D 162 -2.60 -38.01 -29.46
CA GLN D 162 -3.56 -36.97 -29.12
C GLN D 162 -3.25 -36.22 -27.83
N ILE D 163 -2.28 -36.65 -27.02
CA ILE D 163 -1.99 -36.00 -25.74
C ILE D 163 -0.59 -35.39 -25.80
N PHE D 164 -0.50 -34.12 -25.40
CA PHE D 164 0.70 -33.30 -25.43
C PHE D 164 0.97 -32.78 -24.02
N ARG D 165 2.05 -33.22 -23.39
CA ARG D 165 2.43 -32.75 -22.07
C ARG D 165 3.34 -31.53 -22.23
N ILE D 166 2.80 -30.34 -21.97
CA ILE D 166 3.51 -29.10 -22.27
C ILE D 166 4.37 -28.69 -21.08
N ASP D 167 5.64 -28.36 -21.38
CA ASP D 167 6.56 -27.76 -20.42
C ASP D 167 7.30 -26.66 -21.18
N HIS D 168 6.88 -25.41 -20.99
CA HIS D 168 7.29 -24.35 -21.91
C HIS D 168 8.76 -24.01 -21.80
N TYR D 169 9.47 -24.54 -20.81
CA TYR D 169 10.92 -24.35 -20.76
C TYR D 169 11.59 -25.04 -21.93
N LEU D 170 10.98 -26.11 -22.45
CA LEU D 170 11.49 -26.82 -23.61
C LEU D 170 11.38 -26.00 -24.89
N GLY D 171 10.63 -24.90 -24.87
CA GLY D 171 10.57 -23.96 -25.98
C GLY D 171 11.41 -22.71 -25.80
N LYS D 172 12.18 -22.64 -24.76
CA LYS D 172 12.97 -21.46 -24.50
C LYS D 172 14.30 -21.62 -25.17
N LYS D 173 14.70 -20.62 -25.94
CA LYS D 173 15.97 -20.74 -26.66
C LYS D 173 17.12 -21.00 -25.68
N GLY D 174 17.11 -20.30 -24.53
CA GLY D 174 18.14 -20.52 -23.54
C GLY D 174 18.25 -21.97 -23.09
N VAL D 175 17.11 -22.63 -22.89
CA VAL D 175 17.13 -24.04 -22.48
C VAL D 175 17.59 -24.92 -23.63
N GLN D 176 17.08 -24.66 -24.84
CA GLN D 176 17.47 -25.45 -26.01
C GLN D 176 18.97 -25.35 -26.25
N ASN D 177 19.58 -24.21 -25.90
CA ASN D 177 21.00 -24.00 -26.13
C ASN D 177 21.84 -25.04 -25.40
N ILE D 178 21.43 -25.43 -24.19
CA ILE D 178 22.23 -26.40 -23.44
C ILE D 178 22.48 -27.64 -24.27
N LEU D 179 21.39 -28.25 -24.75
CA LEU D 179 21.51 -29.53 -25.44
C LEU D 179 22.15 -29.35 -26.81
N GLU D 180 21.81 -28.26 -27.51
CA GLU D 180 22.43 -28.01 -28.81
C GLU D 180 23.95 -27.88 -28.70
N LEU D 181 24.40 -27.02 -27.78
CA LEU D 181 25.83 -26.81 -27.58
C LEU D 181 26.52 -28.10 -27.14
N ARG D 182 25.90 -28.84 -26.22
CA ARG D 182 26.51 -30.09 -25.79
C ARG D 182 26.67 -31.06 -26.95
N LEU D 183 25.68 -31.10 -27.86
CA LEU D 183 25.76 -32.06 -28.95
C LEU D 183 26.76 -31.64 -30.01
N ASN D 184 27.01 -30.33 -30.17
CA ASN D 184 27.76 -29.84 -31.31
C ASN D 184 29.11 -29.21 -30.93
N ASN D 185 29.66 -29.53 -29.77
CA ASN D 185 30.91 -28.93 -29.32
C ASN D 185 31.70 -29.92 -28.47
N PRO D 186 32.66 -30.63 -29.07
CA PRO D 186 33.47 -31.61 -28.30
C PRO D 186 34.14 -31.01 -27.07
N ILE D 187 34.47 -29.73 -27.11
CA ILE D 187 35.08 -29.12 -25.97
C ILE D 187 34.24 -29.29 -24.75
N LEU D 188 32.92 -29.25 -24.89
CA LEU D 188 32.08 -29.50 -23.72
C LEU D 188 32.04 -30.97 -23.36
N ASN D 189 32.13 -31.88 -24.33
CA ASN D 189 32.24 -33.29 -23.97
C ASN D 189 33.41 -33.51 -23.03
N ILE D 190 34.52 -32.80 -23.26
CA ILE D 190 35.67 -32.99 -22.39
C ILE D 190 35.52 -32.22 -21.09
N LEU D 191 35.03 -30.97 -21.13
CA LEU D 191 34.95 -30.20 -19.89
C LEU D 191 33.89 -30.74 -18.94
N TRP D 192 32.91 -31.48 -19.45
CA TRP D 192 31.85 -32.04 -18.61
C TRP D 192 32.38 -33.05 -17.61
N ASP D 193 33.53 -33.66 -17.88
CA ASP D 193 34.11 -34.62 -16.94
C ASP D 193 34.77 -33.96 -15.74
N GLN D 194 34.90 -32.63 -15.73
CA GLN D 194 35.52 -31.91 -14.61
C GLN D 194 34.60 -30.86 -14.01
N ILE D 195 33.28 -31.03 -14.16
CA ILE D 195 32.34 -30.10 -13.54
C ILE D 195 32.48 -30.21 -12.03
N SER D 196 32.48 -29.07 -11.34
CA SER D 196 32.59 -29.07 -9.88
C SER D 196 31.29 -28.72 -9.17
N ALA D 197 30.37 -28.04 -9.84
CA ALA D 197 29.08 -27.71 -9.24
C ALA D 197 28.17 -27.13 -10.31
N VAL D 198 26.88 -27.37 -10.18
CA VAL D 198 25.86 -26.83 -11.09
C VAL D 198 24.86 -26.03 -10.27
N GLU D 199 24.38 -24.92 -10.83
CA GLU D 199 23.40 -24.07 -10.16
C GLU D 199 22.27 -23.77 -11.15
N ILE D 200 21.08 -24.28 -10.86
CA ILE D 200 19.86 -23.96 -11.58
C ILE D 200 19.00 -23.10 -10.67
N CYS D 201 18.69 -21.88 -11.09
CA CYS D 201 18.04 -20.90 -10.23
C CYS D 201 16.97 -20.13 -10.99
N VAL D 202 15.77 -20.09 -10.43
CA VAL D 202 14.66 -19.30 -10.99
C VAL D 202 14.03 -18.48 -9.85
N TYR D 203 14.30 -17.19 -9.84
CA TYR D 203 13.73 -16.26 -8.87
C TYR D 203 12.82 -15.28 -9.58
N GLU D 204 11.70 -14.97 -8.93
CA GLU D 204 10.72 -14.03 -9.46
C GLU D 204 10.44 -12.98 -8.40
N THR D 205 10.09 -11.77 -8.83
CA THR D 205 9.73 -10.70 -7.96
C THR D 205 8.27 -10.71 -7.66
N LEU D 206 7.52 -11.44 -8.43
CA LEU D 206 6.11 -11.51 -8.25
C LEU D 206 5.76 -12.60 -7.31
N GLY D 207 4.51 -12.61 -6.88
CA GLY D 207 4.07 -13.64 -6.00
C GLY D 207 2.96 -14.49 -6.55
N VAL D 208 2.21 -15.12 -5.69
CA VAL D 208 1.18 -16.04 -6.13
C VAL D 208 0.14 -15.25 -6.83
N GLU D 209 -0.25 -14.13 -6.27
CA GLU D 209 -1.18 -13.21 -6.90
C GLU D 209 -2.48 -13.66 -7.53
N GLU D 210 -3.44 -14.10 -6.72
CA GLU D 210 -4.76 -14.53 -7.21
C GLU D 210 -4.69 -15.87 -7.83
N ARG D 211 -3.75 -16.65 -7.40
CA ARG D 211 -3.68 -17.96 -7.89
C ARG D 211 -3.54 -18.79 -6.67
N GLY D 212 -3.86 -18.23 -5.49
CA GLY D 212 -3.62 -18.89 -4.24
C GLY D 212 -4.34 -20.19 -4.08
N GLU D 213 -5.50 -20.34 -4.70
CA GLU D 213 -6.24 -21.54 -4.50
C GLU D 213 -5.47 -22.67 -5.08
N PHE D 214 -4.94 -22.47 -6.28
CA PHE D 214 -4.15 -23.52 -6.89
C PHE D 214 -2.81 -23.65 -6.19
N TYR D 215 -2.14 -22.52 -5.93
CA TYR D 215 -0.76 -22.59 -5.46
C TYR D 215 -0.69 -23.32 -4.12
N ASP D 216 -1.68 -23.10 -3.26
CA ASP D 216 -1.61 -23.65 -1.91
C ASP D 216 -1.67 -25.17 -1.90
N LYS D 217 -2.15 -25.81 -2.96
CA LYS D 217 -2.11 -27.26 -3.04
C LYS D 217 -0.89 -27.77 -3.77
N ILE D 218 -0.04 -26.89 -4.27
CA ILE D 218 1.05 -27.27 -5.16
C ILE D 218 2.38 -26.80 -4.56
N GLY D 219 2.52 -25.50 -4.35
CA GLY D 219 3.75 -24.97 -3.77
C GLY D 219 4.89 -24.91 -4.76
N ALA D 220 5.92 -24.14 -4.38
CA ALA D 220 7.03 -23.84 -5.28
C ALA D 220 7.66 -25.09 -5.86
N LEU D 221 7.89 -26.11 -5.03
CA LEU D 221 8.63 -27.28 -5.45
C LEU D 221 7.98 -27.95 -6.67
N ARG D 222 6.67 -28.19 -6.61
CA ARG D 222 5.99 -28.81 -7.74
C ARG D 222 5.66 -27.79 -8.83
N ASP D 223 5.45 -26.53 -8.46
CA ASP D 223 5.12 -25.53 -9.47
C ASP D 223 6.24 -25.44 -10.50
N MET D 224 7.49 -25.39 -10.05
CA MET D 224 8.60 -25.19 -10.98
C MET D 224 9.68 -26.26 -10.98
N VAL D 225 10.01 -26.85 -9.83
CA VAL D 225 11.17 -27.73 -9.80
C VAL D 225 10.84 -29.10 -10.37
N GLN D 226 9.66 -29.62 -10.07
CA GLN D 226 9.31 -30.96 -10.54
C GLN D 226 9.40 -31.06 -12.05
N ASN D 227 9.12 -29.96 -12.77
CA ASN D 227 9.05 -29.99 -14.22
C ASN D 227 10.17 -29.17 -14.87
N HIS D 228 10.19 -27.85 -14.66
CA HIS D 228 11.14 -27.01 -15.39
C HIS D 228 12.58 -27.32 -15.00
N LEU D 229 12.90 -27.12 -13.72
CA LEU D 229 14.29 -27.25 -13.29
C LEU D 229 14.80 -28.67 -13.46
N LEU D 230 13.94 -29.68 -13.33
CA LEU D 230 14.39 -31.05 -13.54
C LEU D 230 14.55 -31.40 -15.00
N GLN D 231 13.72 -30.83 -15.88
CA GLN D 231 14.00 -30.94 -17.32
C GLN D 231 15.35 -30.35 -17.66
N VAL D 232 15.64 -29.16 -17.15
CA VAL D 232 16.93 -28.52 -17.39
C VAL D 232 18.07 -29.40 -16.86
N LEU D 233 17.92 -29.90 -15.64
CA LEU D 233 18.94 -30.78 -15.07
C LEU D 233 19.18 -31.99 -15.96
N SER D 234 18.11 -32.61 -16.43
CA SER D 234 18.28 -33.79 -17.28
C SER D 234 19.00 -33.43 -18.56
N LEU D 235 18.73 -32.23 -19.10
CA LEU D 235 19.41 -31.81 -20.32
C LEU D 235 20.90 -31.59 -20.06
N ILE D 236 21.25 -31.11 -18.88
CA ILE D 236 22.67 -30.95 -18.56
C ILE D 236 23.36 -32.30 -18.40
N ALA D 237 22.68 -33.24 -17.73
CA ALA D 237 23.35 -34.42 -17.23
C ALA D 237 23.13 -35.66 -18.11
N THR D 238 22.35 -35.58 -19.14
CA THR D 238 22.08 -36.76 -19.93
C THR D 238 23.25 -37.22 -20.73
N ASP D 239 23.52 -38.52 -20.74
CA ASP D 239 24.53 -39.02 -21.65
C ASP D 239 24.07 -38.75 -23.08
N LEU D 240 24.99 -38.26 -23.90
CA LEU D 240 24.62 -37.94 -25.27
C LEU D 240 24.55 -39.22 -26.08
N PRO D 241 23.41 -39.56 -26.67
CA PRO D 241 23.27 -40.87 -27.32
C PRO D 241 23.91 -40.91 -28.69
N ASP D 242 24.29 -42.12 -29.09
CA ASP D 242 24.86 -42.31 -30.41
C ASP D 242 23.82 -42.03 -31.50
N ASP D 243 22.61 -42.54 -31.32
CA ASP D 243 21.49 -42.25 -32.20
C ASP D 243 20.49 -41.39 -31.42
N LEU D 244 20.13 -40.25 -31.98
CA LEU D 244 19.30 -39.29 -31.25
C LEU D 244 17.89 -39.79 -30.95
N LYS D 245 17.40 -40.81 -31.65
CA LYS D 245 16.09 -41.32 -31.32
C LYS D 245 16.05 -41.84 -29.89
N ASP D 246 17.21 -42.10 -29.29
CA ASP D 246 17.32 -42.58 -27.92
C ASP D 246 17.42 -41.48 -26.87
N LEU D 247 17.39 -40.19 -27.25
CA LEU D 247 17.57 -39.15 -26.24
C LEU D 247 16.56 -39.33 -25.10
N ARG D 248 15.29 -39.54 -25.46
CA ARG D 248 14.27 -39.80 -24.45
C ARG D 248 14.78 -40.77 -23.40
N LYS D 249 15.20 -41.97 -23.85
CA LYS D 249 15.67 -42.98 -22.92
C LYS D 249 16.70 -42.41 -21.97
N GLU D 250 17.76 -41.81 -22.51
CA GLU D 250 18.86 -41.38 -21.65
C GLU D 250 18.38 -40.38 -20.62
N LYS D 251 17.48 -39.47 -21.01
CA LYS D 251 16.97 -38.52 -20.04
C LYS D 251 16.37 -39.24 -18.85
N ILE D 252 15.46 -40.19 -19.11
CA ILE D 252 14.89 -40.96 -18.02
C ILE D 252 16.00 -41.51 -17.15
N LYS D 253 16.98 -42.15 -17.80
CA LYS D 253 18.07 -42.79 -17.09
C LYS D 253 18.69 -41.85 -16.07
N VAL D 254 19.08 -40.65 -16.50
CA VAL D 254 19.81 -39.79 -15.56
C VAL D 254 18.90 -39.36 -14.43
N LEU D 255 17.61 -39.12 -14.74
CA LEU D 255 16.67 -38.74 -13.70
C LEU D 255 16.54 -39.82 -12.64
N LYS D 256 16.71 -41.07 -13.04
CA LYS D 256 16.58 -42.18 -12.09
C LYS D 256 17.76 -42.23 -11.13
N THR D 257 18.87 -41.57 -11.44
CA THR D 257 20.03 -41.56 -10.58
C THR D 257 19.93 -40.49 -9.51
N LEU D 258 18.86 -39.70 -9.51
CA LEU D 258 18.67 -38.69 -8.48
C LEU D 258 18.63 -39.35 -7.11
N GLN D 259 19.44 -38.84 -6.21
CA GLN D 259 19.53 -39.43 -4.88
C GLN D 259 18.57 -38.74 -3.92
N PRO D 260 17.90 -39.47 -3.03
CA PRO D 260 17.23 -38.82 -1.93
C PRO D 260 18.23 -38.22 -0.98
N PRO D 261 17.88 -37.16 -0.25
CA PRO D 261 18.87 -36.51 0.62
C PRO D 261 19.46 -37.49 1.63
N LYS D 262 20.78 -37.46 1.78
CA LYS D 262 21.39 -38.24 2.86
C LYS D 262 21.20 -37.55 4.21
N ASN D 263 21.08 -36.22 4.22
CA ASN D 263 20.80 -35.47 5.45
C ASN D 263 19.90 -34.30 5.07
N PHE D 264 18.61 -34.42 5.41
CA PHE D 264 17.60 -33.47 4.97
C PHE D 264 17.88 -32.05 5.45
N LYS D 265 18.23 -31.88 6.73
CA LYS D 265 18.38 -30.53 7.25
C LYS D 265 19.49 -29.77 6.52
N LYS D 266 20.52 -30.48 6.07
CA LYS D 266 21.67 -29.88 5.40
C LYS D 266 21.51 -29.78 3.88
N GLN D 267 20.49 -30.39 3.27
CA GLN D 267 20.36 -30.42 1.82
C GLN D 267 19.11 -29.75 1.30
N VAL D 268 18.22 -29.26 2.17
CA VAL D 268 16.94 -28.67 1.76
C VAL D 268 16.62 -27.48 2.65
N ILE D 269 16.28 -26.36 2.04
CA ILE D 269 15.81 -25.17 2.75
C ILE D 269 14.50 -24.74 2.12
N ARG D 270 13.47 -24.54 2.94
CA ARG D 270 12.16 -24.15 2.44
C ARG D 270 11.73 -22.91 3.20
N ALA D 271 10.86 -22.12 2.59
CA ALA D 271 10.46 -20.86 3.22
C ALA D 271 9.19 -20.34 2.57
N GLN D 272 8.59 -19.35 3.24
CA GLN D 272 7.31 -18.79 2.86
C GLN D 272 7.35 -17.30 3.16
N TYR D 273 6.94 -16.48 2.21
CA TYR D 273 7.09 -15.04 2.38
C TYR D 273 5.97 -14.45 3.23
N GLN D 274 6.29 -13.37 3.95
CA GLN D 274 5.31 -12.69 4.78
C GLN D 274 4.15 -12.17 3.93
N GLY D 275 2.94 -12.41 4.40
CA GLY D 275 1.73 -12.03 3.70
C GLY D 275 1.12 -13.13 2.86
N TYR D 276 1.81 -14.24 2.68
CA TYR D 276 1.28 -15.34 1.88
C TYR D 276 0.02 -15.93 2.52
N ARG D 277 0.06 -16.17 3.83
CA ARG D 277 -1.08 -16.77 4.51
C ARG D 277 -2.31 -15.88 4.50
N ASP D 278 -2.15 -14.59 4.22
CA ASP D 278 -3.27 -13.65 4.13
C ASP D 278 -3.79 -13.48 2.71
N GLU D 279 -3.11 -14.04 1.72
CA GLU D 279 -3.60 -14.00 0.35
C GLU D 279 -4.98 -14.62 0.23
N ASN D 280 -5.71 -14.20 -0.81
CA ASN D 280 -7.04 -14.73 -1.04
C ASN D 280 -6.97 -16.24 -1.23
N LYS D 281 -7.83 -16.98 -0.51
CA LYS D 281 -8.00 -18.41 -0.69
C LYS D 281 -6.77 -19.22 -0.28
N VAL D 282 -5.89 -18.66 0.56
CA VAL D 282 -4.81 -19.42 1.16
C VAL D 282 -5.13 -19.66 2.64
N ASN D 283 -4.77 -20.84 3.11
CA ASN D 283 -4.92 -21.20 4.52
C ASN D 283 -4.02 -20.34 5.40
N LYS D 284 -4.56 -19.75 6.48
CA LYS D 284 -3.67 -19.01 7.37
C LYS D 284 -2.75 -19.93 8.15
N GLU D 285 -3.02 -21.24 8.16
CA GLU D 285 -2.14 -22.19 8.82
C GLU D 285 -1.38 -23.00 7.78
N SER D 286 -1.08 -22.36 6.65
CA SER D 286 -0.47 -23.04 5.52
C SER D 286 1.01 -23.32 5.79
N GLN D 287 1.45 -24.50 5.36
CA GLN D 287 2.85 -24.88 5.37
C GLN D 287 3.43 -24.89 3.96
N THR D 288 2.70 -24.33 3.00
CA THR D 288 3.11 -24.35 1.61
C THR D 288 4.33 -23.45 1.41
N GLU D 289 5.33 -23.97 0.72
CA GLU D 289 6.56 -23.23 0.48
C GLU D 289 6.40 -22.35 -0.76
N THR D 290 6.81 -21.09 -0.63
CA THR D 290 7.00 -20.19 -1.76
C THR D 290 8.47 -20.01 -2.10
N PHE D 291 9.36 -20.73 -1.42
CA PHE D 291 10.79 -20.63 -1.63
C PHE D 291 11.36 -22.00 -1.32
N VAL D 292 12.14 -22.56 -2.23
CA VAL D 292 12.83 -23.83 -1.98
C VAL D 292 14.23 -23.77 -2.58
N ALA D 293 15.18 -24.38 -1.90
CA ALA D 293 16.54 -24.57 -2.39
C ALA D 293 17.03 -25.95 -1.97
N ILE D 294 17.57 -26.70 -2.92
CA ILE D 294 17.90 -28.10 -2.76
C ILE D 294 19.32 -28.34 -3.25
N LYS D 295 20.12 -29.07 -2.47
CA LYS D 295 21.40 -29.59 -2.94
C LYS D 295 21.21 -31.06 -3.29
N ALA D 296 21.15 -31.37 -4.58
CA ALA D 296 20.87 -32.71 -5.06
C ALA D 296 22.14 -33.33 -5.63
N PHE D 297 22.17 -34.65 -5.69
CA PHE D 297 23.28 -35.39 -6.26
C PHE D 297 22.76 -36.48 -7.19
N LEU D 298 23.58 -36.84 -8.17
CA LEU D 298 23.29 -37.91 -9.10
C LEU D 298 24.22 -39.09 -8.83
N ASP D 299 23.65 -40.29 -8.78
CA ASP D 299 24.46 -41.51 -8.64
C ASP D 299 24.81 -42.05 -10.02
N THR D 300 25.62 -41.26 -10.73
CA THR D 300 26.26 -41.70 -11.95
C THR D 300 27.73 -41.31 -11.88
N PRO D 301 28.63 -42.09 -12.49
CA PRO D 301 30.06 -41.82 -12.28
C PRO D 301 30.50 -40.45 -12.77
N LYS D 302 29.99 -40.01 -13.91
CA LYS D 302 30.41 -38.72 -14.48
C LYS D 302 30.08 -37.55 -13.57
N PHE D 303 29.15 -37.71 -12.61
CA PHE D 303 28.78 -36.64 -11.71
C PHE D 303 28.85 -37.07 -10.24
N LYS D 304 29.58 -38.14 -9.95
CA LYS D 304 29.75 -38.58 -8.58
C LYS D 304 30.34 -37.45 -7.74
N GLY D 305 29.63 -37.07 -6.69
CA GLY D 305 30.10 -36.04 -5.77
C GLY D 305 29.84 -34.61 -6.22
N VAL D 306 29.14 -34.41 -7.34
CA VAL D 306 28.94 -33.09 -7.90
C VAL D 306 27.61 -32.54 -7.39
N PRO D 307 27.58 -31.42 -6.68
CA PRO D 307 26.29 -30.85 -6.24
C PRO D 307 25.56 -30.13 -7.36
N PHE D 308 24.26 -30.43 -7.48
CA PHE D 308 23.31 -29.70 -8.32
C PHE D 308 22.42 -28.88 -7.39
N TYR D 309 22.64 -27.57 -7.34
CA TYR D 309 21.80 -26.68 -6.56
C TYR D 309 20.57 -26.29 -7.38
N LEU D 310 19.39 -26.69 -6.91
CA LEU D 310 18.11 -26.33 -7.53
C LEU D 310 17.43 -25.30 -6.64
N LYS D 311 17.22 -24.09 -7.15
CA LYS D 311 16.70 -22.99 -6.35
C LYS D 311 15.54 -22.35 -7.10
N HIS D 312 14.42 -22.15 -6.41
CA HIS D 312 13.31 -21.43 -7.02
C HIS D 312 12.50 -20.72 -5.95
N ALA D 313 12.05 -19.51 -6.26
CA ALA D 313 11.24 -18.80 -5.26
C ALA D 313 10.57 -17.58 -5.85
N LYS D 314 9.52 -17.13 -5.16
CA LYS D 314 8.76 -15.95 -5.52
C LYS D 314 8.97 -14.81 -4.52
N LYS D 315 8.45 -13.63 -4.89
CA LYS D 315 8.61 -12.41 -4.10
C LYS D 315 10.06 -12.19 -3.72
N MET D 316 10.96 -12.45 -4.66
CA MET D 316 12.38 -12.24 -4.45
C MET D 316 12.78 -10.84 -4.85
N PRO D 317 14.01 -10.42 -4.53
CA PRO D 317 14.40 -9.02 -4.80
C PRO D 317 14.57 -8.71 -6.28
N HIS D 318 15.06 -9.66 -7.08
CA HIS D 318 15.24 -9.46 -8.51
C HIS D 318 14.81 -10.72 -9.25
N ASN D 319 14.35 -10.54 -10.49
CA ASN D 319 14.14 -11.68 -11.36
C ASN D 319 15.47 -12.26 -11.80
N GLN D 320 15.58 -13.58 -11.78
CA GLN D 320 16.79 -14.26 -12.24
C GLN D 320 16.40 -15.65 -12.72
N ALA D 321 17.07 -16.09 -13.79
CA ALA D 321 16.79 -17.41 -14.37
C ALA D 321 18.04 -17.85 -15.13
N SER D 322 18.76 -18.83 -14.57
CA SER D 322 20.10 -19.13 -15.07
C SER D 322 20.45 -20.59 -14.81
N VAL D 323 21.44 -21.05 -15.56
CA VAL D 323 22.17 -22.28 -15.28
C VAL D 323 23.64 -21.92 -15.23
N LYS D 324 24.26 -22.11 -14.06
CA LYS D 324 25.70 -21.89 -13.89
C LYS D 324 26.38 -23.25 -13.78
N ILE D 325 27.23 -23.56 -14.74
CA ILE D 325 28.04 -24.77 -14.68
C ILE D 325 29.44 -24.33 -14.29
N HIS D 326 29.84 -24.65 -13.07
CA HIS D 326 31.13 -24.27 -12.55
C HIS D 326 32.06 -25.38 -12.80
N PHE D 327 33.19 -25.09 -13.45
CA PHE D 327 34.14 -26.11 -13.80
C PHE D 327 35.22 -26.14 -12.78
N ASN D 328 35.46 -25.02 -12.14
CA ASN D 328 36.44 -24.93 -11.13
C ASN D 328 36.09 -23.63 -10.56
N ALA D 329 36.97 -23.04 -9.81
CA ALA D 329 36.59 -21.83 -9.13
C ALA D 329 36.72 -20.57 -9.83
N VAL D 330 37.13 -20.62 -11.06
CA VAL D 330 37.40 -19.41 -11.73
C VAL D 330 36.83 -19.47 -13.10
N ASN D 331 36.39 -20.64 -13.49
CA ASN D 331 35.86 -20.81 -14.80
C ASN D 331 34.45 -21.28 -14.80
N THR D 332 33.53 -20.48 -15.35
CA THR D 332 32.13 -20.89 -15.26
C THR D 332 31.31 -20.51 -16.48
N LEU D 333 30.56 -21.49 -16.98
CA LEU D 333 29.72 -21.36 -18.17
C LEU D 333 28.28 -21.15 -17.75
N GLU D 334 27.70 -20.00 -18.13
CA GLU D 334 26.35 -19.64 -17.72
C GLU D 334 25.43 -19.60 -18.93
N PHE D 335 24.34 -20.36 -18.86
CA PHE D 335 23.24 -20.30 -19.81
C PHE D 335 22.13 -19.46 -19.21
N PHE D 336 21.81 -18.33 -19.83
CA PHE D 336 20.63 -17.58 -19.40
C PHE D 336 19.38 -18.21 -20.02
N LEU D 337 18.33 -18.35 -19.20
CA LEU D 337 17.14 -19.07 -19.59
C LEU D 337 16.04 -18.18 -20.15
N SER D 338 16.05 -16.88 -19.85
CA SER D 338 15.04 -15.96 -20.38
C SER D 338 15.65 -15.01 -21.39
N GLN D 339 16.87 -15.30 -21.84
CA GLN D 339 17.59 -14.51 -22.82
C GLN D 339 18.38 -15.50 -23.67
N ASP D 340 18.69 -15.11 -24.91
CA ASP D 340 19.54 -15.96 -25.75
C ASP D 340 20.98 -15.52 -25.48
N LYS D 341 21.42 -15.79 -24.25
CA LYS D 341 22.69 -15.32 -23.75
C LYS D 341 23.48 -16.46 -23.10
N ILE D 342 24.76 -16.54 -23.44
CA ILE D 342 25.68 -17.50 -22.86
C ILE D 342 26.97 -16.78 -22.51
N THR D 343 27.57 -17.14 -21.38
CA THR D 343 28.79 -16.48 -20.94
C THR D 343 29.78 -17.52 -20.44
N LEU D 344 31.06 -17.26 -20.66
CA LEU D 344 32.11 -18.08 -20.08
C LEU D 344 33.08 -17.18 -19.32
N THR D 345 33.28 -17.50 -18.04
CA THR D 345 34.15 -16.72 -17.17
C THR D 345 35.52 -17.36 -17.15
N LEU D 346 36.53 -16.56 -17.52
CA LEU D 346 37.97 -16.84 -17.50
C LEU D 346 38.68 -15.82 -16.61
N LYS D 347 39.94 -16.08 -16.29
CA LYS D 347 40.79 -15.18 -15.51
C LYS D 347 42.05 -14.85 -16.28
N ASP D 348 42.48 -13.58 -16.22
CA ASP D 348 43.84 -13.22 -16.61
C ASP D 348 44.62 -12.89 -15.33
N HIS D 349 45.91 -12.55 -15.48
CA HIS D 349 46.75 -12.39 -14.30
C HIS D 349 46.10 -11.49 -13.26
N GLN D 350 45.42 -10.44 -13.70
CA GLN D 350 44.91 -9.40 -12.82
C GLN D 350 43.39 -9.40 -12.70
N ASN D 351 42.65 -9.48 -13.83
CA ASN D 351 41.22 -9.19 -13.82
C ASN D 351 40.38 -10.41 -14.17
N PRO D 352 39.06 -10.35 -13.99
CA PRO D 352 38.17 -11.40 -14.50
C PRO D 352 37.59 -11.04 -15.86
N LEU D 353 37.39 -12.07 -16.66
CA LEU D 353 36.91 -11.93 -18.04
C LEU D 353 35.62 -12.71 -18.26
N ILE D 354 34.72 -12.09 -19.01
CA ILE D 354 33.45 -12.72 -19.33
C ILE D 354 33.31 -12.68 -20.84
N LEU D 355 33.18 -13.83 -21.43
CA LEU D 355 33.02 -13.92 -22.85
C LEU D 355 31.57 -14.07 -23.04
N GLU D 356 30.94 -13.27 -23.89
CA GLU D 356 29.52 -13.23 -24.00
C GLU D 356 28.96 -13.27 -25.37
N THR D 357 27.77 -13.87 -25.52
CA THR D 357 27.10 -13.91 -26.80
C THR D 357 25.70 -13.54 -26.47
N TYR D 358 25.19 -12.48 -27.06
CA TYR D 358 23.78 -12.13 -26.88
C TYR D 358 23.07 -11.92 -28.16
N ASN D 359 21.96 -12.59 -28.32
CA ASN D 359 21.15 -12.39 -29.48
C ASN D 359 19.77 -12.04 -28.95
N LYS D 360 19.09 -11.16 -29.63
CA LYS D 360 17.76 -10.78 -29.22
C LYS D 360 16.71 -11.83 -29.47
N GLN D 361 15.65 -11.84 -28.66
CA GLN D 361 14.56 -12.78 -28.88
C GLN D 361 13.93 -12.92 -30.19
N GLU D 362 13.36 -14.10 -30.41
CA GLU D 362 12.71 -14.37 -31.64
C GLU D 362 11.36 -13.81 -31.46
N PHE D 363 10.70 -13.62 -32.56
CA PHE D 363 9.38 -13.08 -32.48
C PHE D 363 8.51 -14.04 -31.75
N LEU D 364 8.75 -15.34 -31.87
CA LEU D 364 7.85 -16.31 -31.26
C LEU D 364 8.34 -16.68 -29.88
N GLN D 365 7.54 -16.38 -28.87
CA GLN D 365 7.84 -16.80 -27.51
C GLN D 365 7.59 -18.30 -27.36
N PRO D 366 8.15 -18.92 -26.31
CA PRO D 366 8.07 -20.38 -26.20
C PRO D 366 6.67 -20.96 -26.34
N TYR D 367 5.65 -20.36 -25.71
CA TYR D 367 4.30 -20.90 -25.84
C TYR D 367 3.79 -20.78 -27.28
N ALA D 368 4.22 -19.74 -28.00
CA ALA D 368 3.85 -19.64 -29.41
C ALA D 368 4.47 -20.76 -30.24
N LYS D 369 5.76 -21.01 -30.03
CA LYS D 369 6.42 -22.11 -30.75
C LYS D 369 5.76 -23.45 -30.44
N LEU D 370 5.44 -23.70 -29.16
CA LEU D 370 4.89 -25.00 -28.80
C LEU D 370 3.45 -25.14 -29.27
N LEU D 371 2.67 -24.07 -29.22
CA LEU D 371 1.32 -24.12 -29.79
C LEU D 371 1.37 -24.36 -31.29
N TYR D 372 2.30 -23.71 -32.00
CA TYR D 372 2.44 -23.96 -33.42
C TYR D 372 2.77 -25.43 -33.66
N ASP D 373 3.71 -25.97 -32.91
CA ASP D 373 4.01 -27.39 -32.99
C ASP D 373 2.77 -28.24 -32.77
N ALA D 374 1.91 -27.84 -31.83
CA ALA D 374 0.72 -28.62 -31.53
C ALA D 374 -0.26 -28.60 -32.69
N ILE D 375 -0.44 -27.43 -33.31
CA ILE D 375 -1.31 -27.34 -34.47
C ILE D 375 -0.77 -28.18 -35.63
N GLN D 376 0.53 -28.46 -35.63
CA GLN D 376 1.14 -29.29 -36.66
C GLN D 376 1.27 -30.76 -36.26
N ASN D 377 0.85 -31.11 -35.05
CA ASN D 377 0.99 -32.48 -34.54
C ASN D 377 2.47 -32.87 -34.47
N ASN D 378 3.28 -31.97 -33.91
CA ASN D 378 4.72 -32.18 -33.72
C ASN D 378 5.01 -32.27 -32.22
N HIS D 379 5.42 -33.45 -31.77
CA HIS D 379 5.60 -33.76 -30.35
C HIS D 379 7.01 -33.56 -29.83
N ASN D 380 7.97 -33.17 -30.67
CA ASN D 380 9.39 -33.32 -30.29
C ASN D 380 9.73 -32.47 -29.06
N ASN D 381 9.16 -31.27 -28.95
CA ASN D 381 9.47 -30.35 -27.86
C ASN D 381 8.46 -30.44 -26.72
N PHE D 382 7.78 -31.57 -26.57
CA PHE D 382 6.87 -31.77 -25.46
C PHE D 382 7.43 -32.82 -24.49
N ALA D 383 6.97 -32.73 -23.26
CA ALA D 383 7.45 -33.58 -22.18
C ALA D 383 6.85 -34.97 -22.32
N HIS D 384 7.63 -35.97 -21.90
CA HIS D 384 7.23 -37.36 -22.02
C HIS D 384 6.93 -37.96 -20.64
N GLN D 385 5.99 -38.91 -20.64
CA GLN D 385 5.39 -39.42 -19.41
C GLN D 385 6.44 -39.93 -18.42
N LEU D 386 7.39 -40.73 -18.89
CA LEU D 386 8.32 -41.41 -17.98
C LEU D 386 9.34 -40.44 -17.38
N GLU D 387 9.72 -39.40 -18.13
CA GLU D 387 10.52 -38.32 -17.55
C GLU D 387 9.82 -37.75 -16.32
N LEU D 388 8.54 -37.39 -16.48
CA LEU D 388 7.77 -36.82 -15.39
C LEU D 388 7.68 -37.79 -14.21
N GLU D 389 7.53 -39.08 -14.49
CA GLU D 389 7.39 -40.05 -13.41
C GLU D 389 8.67 -40.13 -12.56
N ALA D 390 9.83 -40.19 -13.21
CA ALA D 390 11.08 -40.22 -12.45
C ALA D 390 11.25 -38.93 -11.63
N SER D 391 10.96 -37.79 -12.26
CA SER D 391 11.00 -36.53 -11.52
C SER D 391 10.13 -36.62 -10.27
N TRP D 392 8.95 -37.24 -10.40
CA TRP D 392 8.05 -37.33 -9.26
C TRP D 392 8.64 -38.20 -8.17
N VAL D 393 9.34 -39.27 -8.53
CA VAL D 393 10.00 -40.06 -7.48
C VAL D 393 10.82 -39.14 -6.58
N PHE D 394 11.76 -38.41 -7.20
CA PHE D 394 12.61 -37.52 -6.40
C PHE D 394 11.79 -36.48 -5.62
N ILE D 395 10.87 -35.82 -6.32
CA ILE D 395 10.12 -34.73 -5.70
C ILE D 395 9.25 -35.24 -4.56
N ASP D 396 8.69 -36.45 -4.72
CA ASP D 396 7.85 -37.05 -3.68
C ASP D 396 8.66 -37.28 -2.42
N THR D 397 9.90 -37.77 -2.59
CA THR D 397 10.79 -37.82 -1.43
C THR D 397 10.80 -36.48 -0.71
N LEU D 398 11.09 -35.40 -1.46
CA LEU D 398 11.20 -34.09 -0.79
C LEU D 398 9.88 -33.65 -0.16
N ILE D 399 8.76 -33.94 -0.80
CA ILE D 399 7.46 -33.51 -0.25
C ILE D 399 7.15 -34.24 1.04
N GLU D 400 7.33 -35.57 1.05
CA GLU D 400 7.15 -36.27 2.31
C GLU D 400 8.03 -35.69 3.40
N GLY D 401 9.26 -35.30 3.06
CA GLY D 401 10.09 -34.62 4.03
C GLY D 401 9.44 -33.34 4.54
N PHE D 402 8.83 -32.57 3.64
CA PHE D 402 8.11 -31.36 4.03
C PHE D 402 6.97 -31.66 5.00
N ILE D 403 6.30 -32.80 4.81
CA ILE D 403 5.13 -33.12 5.64
C ILE D 403 5.55 -33.36 7.08
N ASN D 404 6.67 -34.04 7.29
CA ASN D 404 7.20 -34.35 8.60
C ASN D 404 7.97 -33.20 9.24
N ASN D 405 7.90 -31.99 8.66
CA ASN D 405 8.65 -30.84 9.17
C ASN D 405 10.13 -31.18 9.39
N ALA D 406 10.71 -31.91 8.43
CA ALA D 406 12.11 -32.33 8.55
C ALA D 406 13.06 -31.15 8.41
N THR D 407 12.61 -30.01 7.89
CA THR D 407 13.37 -28.76 7.93
C THR D 407 12.36 -27.64 8.09
N PRO D 408 12.69 -26.60 8.86
CA PRO D 408 11.68 -25.60 9.21
C PRO D 408 11.28 -24.72 8.03
N LEU D 409 10.04 -24.24 8.10
CA LEU D 409 9.48 -23.33 7.11
C LEU D 409 9.81 -21.91 7.54
N TYR D 410 10.93 -21.40 7.03
CA TYR D 410 11.37 -20.06 7.39
C TYR D 410 10.44 -19.00 6.79
N SER D 411 10.64 -17.78 7.25
CA SER D 411 9.91 -16.62 6.77
C SER D 411 10.90 -15.64 6.15
N TYR D 412 10.41 -14.80 5.24
CA TYR D 412 11.23 -13.75 4.69
C TYR D 412 10.36 -12.59 4.25
N GLU D 413 10.93 -11.39 4.32
CA GLU D 413 10.22 -10.18 3.94
C GLU D 413 10.18 -10.13 2.41
N SER D 414 9.00 -9.89 1.86
CA SER D 414 8.87 -9.85 0.41
C SER D 414 9.88 -8.87 -0.18
N HIS D 415 10.59 -9.30 -1.20
CA HIS D 415 11.57 -8.48 -1.91
C HIS D 415 12.76 -8.10 -1.12
N ASN D 416 12.98 -8.70 0.02
CA ASN D 416 14.05 -8.24 0.88
C ASN D 416 14.91 -9.32 1.46
N LEU D 417 14.77 -10.54 0.97
CA LEU D 417 15.62 -11.63 1.40
C LEU D 417 17.08 -11.35 0.99
N ASN D 418 18.01 -11.87 1.80
CA ASN D 418 19.43 -11.85 1.48
C ASN D 418 19.80 -13.29 1.12
N GLU D 419 19.79 -13.60 -0.19
CA GLU D 419 19.84 -14.98 -0.63
C GLU D 419 21.14 -15.66 -0.21
N SER D 420 22.27 -14.98 -0.34
CA SER D 420 23.56 -15.59 -0.05
C SER D 420 23.72 -15.88 1.43
N GLU D 421 23.36 -14.91 2.28
CA GLU D 421 23.41 -15.11 3.73
C GLU D 421 22.46 -16.24 4.13
N PHE D 422 21.27 -16.25 3.55
CA PHE D 422 20.25 -17.24 3.88
C PHE D 422 20.71 -18.66 3.53
N LEU D 423 21.50 -18.81 2.47
CA LEU D 423 21.84 -20.12 1.92
C LEU D 423 23.28 -20.57 2.19
N LYS D 424 24.08 -19.79 2.93
CA LYS D 424 25.45 -20.22 3.25
C LYS D 424 25.50 -21.64 3.80
N PRO D 425 24.63 -22.06 4.73
CA PRO D 425 24.63 -23.46 5.16
C PRO D 425 24.54 -24.45 4.02
N LEU D 426 23.82 -24.09 2.95
CA LEU D 426 23.59 -25.01 1.85
C LEU D 426 24.87 -25.26 1.06
N TYR D 427 25.70 -24.25 0.87
CA TYR D 427 26.86 -24.36 -0.03
C TYR D 427 28.09 -24.92 0.64
N GLN D 428 28.13 -24.99 1.96
CA GLN D 428 29.24 -25.58 2.69
C GLN D 428 29.24 -27.11 2.64
#